data_5DO9
#
_entry.id   5DO9
#
_cell.length_a   173.946
_cell.length_b   95.881
_cell.length_c   112.898
_cell.angle_alpha   90.000
_cell.angle_beta   94.310
_cell.angle_gamma   90.000
#
_symmetry.space_group_name_H-M   'C 1 2 1'
#
loop_
_entity.id
_entity.type
_entity.pdbx_description
1 polymer 'Guanine nucleotide-binding protein G(q) subunit alpha'
2 polymer 'Regulator of G-protein signaling 8'
3 non-polymer "GUANOSINE-5'-DIPHOSPHATE"
4 non-polymer 'TETRAFLUOROALUMINATE ION'
5 non-polymer 'MAGNESIUM ION'
6 water water
#
loop_
_entity_poly.entity_id
_entity_poly.type
_entity_poly.pdbx_seq_one_letter_code
_entity_poly.pdbx_strand_id
1 'polypeptide(L)'
;RRELKLLLLGTGESGKSTFIKQMRIIHGSGYSDEDKRGFTKLVYQNIFTAMQAMIRAMDTLKIPYKYEHNKAHAQLVREV
DVEKVSAFENPYVDAIKSLWNDPGIQECYDRRREYQLSDSTKYYLNDLDRVADPSYLPTQQDVLRVRVPTTGIIEYPFDL
QSVIFRMVDVGGQRSERRKWIHCFENVTSIMFLVALSEYDQVLVESDNENRMEESKALFRTIITYPWFQNSSVILFLNKK
DLLEEKIMYSHLVDYFPEYDGPQRDAQAAREFILKMFVDLNPDSDKIIYSHFTCATDTENIRFVFAAVKDTILQ
;
A,C,E
2 'polypeptide(L)'
;SMLKRLSTEEATRWADSFDVLLSHKYGVAAFRAFLKTEFSEENLEFWLACEEFKKTRSTAKLVSKAHRIFEEFVDVQAPR
EVNIDFQTREATRKNLQEPSLTCFDQAQGKVHSLMEKDSYPRFLRSKMYLDLLS
;
B,D,F
#
# COMPACT_ATOMS: atom_id res chain seq x y z
N ARG A 1 51.87 0.77 -43.88
CA ARG A 1 51.82 2.16 -43.33
C ARG A 1 50.59 3.00 -43.77
N ARG A 2 49.85 2.54 -44.78
CA ARG A 2 48.57 3.12 -45.16
C ARG A 2 47.46 2.88 -44.09
N GLU A 3 46.87 3.95 -43.52
CA GLU A 3 46.11 3.80 -42.26
C GLU A 3 44.74 4.46 -42.16
N LEU A 4 43.74 3.74 -41.67
CA LEU A 4 42.37 4.24 -41.64
C LEU A 4 41.78 4.11 -40.25
N LYS A 5 41.09 5.14 -39.80
CA LYS A 5 40.48 5.14 -38.48
C LYS A 5 38.99 4.84 -38.55
N LEU A 6 38.54 3.86 -37.78
CA LEU A 6 37.14 3.42 -37.76
C LEU A 6 36.62 3.42 -36.33
N LEU A 7 35.51 4.13 -36.12
CA LEU A 7 34.87 4.19 -34.82
C LEU A 7 33.82 3.11 -34.67
N LEU A 8 33.78 2.53 -33.48
CA LEU A 8 32.70 1.67 -33.04
C LEU A 8 31.92 2.48 -32.04
N LEU A 9 30.72 2.84 -32.43
CA LEU A 9 29.85 3.61 -31.56
C LEU A 9 28.56 2.86 -31.35
N GLY A 10 27.91 3.19 -30.25
CA GLY A 10 26.63 2.65 -29.93
C GLY A 10 26.39 2.82 -28.45
N THR A 11 25.12 2.67 -28.06
CA THR A 11 24.79 2.72 -26.65
C THR A 11 25.47 1.55 -25.86
N GLY A 12 25.32 1.56 -24.55
CA GLY A 12 25.89 0.50 -23.74
C GLY A 12 25.36 -0.86 -24.09
N GLU A 13 26.22 -1.87 -23.98
CA GLU A 13 25.81 -3.24 -24.28
C GLU A 13 25.38 -3.50 -25.75
N SER A 14 25.76 -2.68 -26.72
CA SER A 14 25.41 -2.98 -28.12
C SER A 14 26.25 -4.08 -28.75
N GLY A 15 27.46 -4.25 -28.26
CA GLY A 15 28.37 -5.29 -28.78
C GLY A 15 29.67 -4.74 -29.36
N LYS A 16 30.01 -3.50 -29.00
CA LYS A 16 31.22 -2.86 -29.50
C LYS A 16 32.49 -3.65 -29.10
N SER A 17 32.62 -4.00 -27.83
CA SER A 17 33.84 -4.66 -27.44
C SER A 17 33.91 -6.06 -28.01
N THR A 18 32.76 -6.64 -28.34
CA THR A 18 32.74 -7.98 -28.92
C THR A 18 33.31 -7.93 -30.33
N PHE A 19 32.97 -6.89 -31.08
CA PHE A 19 33.61 -6.64 -32.37
C PHE A 19 35.13 -6.60 -32.27
N ILE A 20 35.65 -6.02 -31.18
CA ILE A 20 37.09 -5.88 -31.08
C ILE A 20 37.69 -7.26 -30.91
N LYS A 21 37.12 -8.04 -30.02
CA LYS A 21 37.57 -9.42 -29.83
C LYS A 21 37.57 -10.22 -31.11
N GLN A 22 36.56 -10.03 -31.95
CA GLN A 22 36.51 -10.74 -33.23
C GLN A 22 37.62 -10.30 -34.19
N MET A 23 38.00 -9.02 -34.12
CA MET A 23 39.12 -8.52 -34.93
C MET A 23 40.38 -9.17 -34.51
N ARG A 24 40.50 -9.33 -33.21
CA ARG A 24 41.67 -9.95 -32.63
C ARG A 24 41.75 -11.41 -33.08
N ILE A 25 40.61 -12.08 -33.16
CA ILE A 25 40.57 -13.48 -33.61
C ILE A 25 40.85 -13.59 -35.12
N ILE A 26 40.21 -12.75 -35.92
CA ILE A 26 40.34 -12.82 -37.37
C ILE A 26 41.62 -12.16 -37.89
N HIS A 27 42.02 -11.04 -37.31
CA HIS A 27 43.17 -10.32 -37.87
C HIS A 27 44.30 -10.03 -36.95
N GLY A 28 44.15 -10.31 -35.67
CA GLY A 28 45.20 -10.03 -34.69
C GLY A 28 45.89 -11.27 -34.18
N SER A 29 46.26 -11.24 -32.92
CA SER A 29 47.03 -12.32 -32.32
C SER A 29 46.16 -13.45 -31.76
N GLY A 30 44.86 -13.41 -31.97
CA GLY A 30 43.98 -14.45 -31.41
C GLY A 30 43.99 -14.68 -29.89
N TYR A 31 43.45 -15.82 -29.47
CA TYR A 31 43.41 -16.24 -28.05
C TYR A 31 44.09 -17.61 -27.80
N SER A 32 45.26 -17.57 -27.15
CA SER A 32 46.02 -18.80 -26.85
C SER A 32 45.35 -19.55 -25.71
N ASP A 33 45.73 -20.77 -25.50
CA ASP A 33 45.24 -21.46 -24.33
C ASP A 33 45.52 -20.64 -23.05
N GLU A 34 46.66 -20.02 -22.97
CA GLU A 34 46.95 -19.22 -21.80
C GLU A 34 46.03 -18.01 -21.71
N ASP A 35 45.78 -17.35 -22.84
CA ASP A 35 44.88 -16.19 -22.86
C ASP A 35 43.54 -16.58 -22.27
N LYS A 36 43.04 -17.73 -22.69
CA LYS A 36 41.74 -18.20 -22.26
C LYS A 36 41.65 -18.42 -20.76
N ARG A 37 42.68 -18.98 -20.13
CA ARG A 37 42.74 -19.05 -18.65
C ARG A 37 42.48 -17.70 -17.93
N GLY A 38 42.93 -16.59 -18.53
CA GLY A 38 42.72 -15.23 -17.98
C GLY A 38 41.26 -14.82 -17.91
N PHE A 39 40.42 -15.47 -18.71
CA PHE A 39 38.98 -15.26 -18.67
C PHE A 39 38.19 -16.16 -17.68
N THR A 40 38.83 -17.14 -17.08
CA THR A 40 38.13 -18.06 -16.20
C THR A 40 37.39 -17.34 -15.06
N LYS A 41 38.12 -16.51 -14.34
CA LYS A 41 37.55 -15.82 -13.21
C LYS A 41 36.36 -14.95 -13.68
N LEU A 42 36.51 -14.24 -14.78
CA LEU A 42 35.38 -13.45 -15.26
C LEU A 42 34.13 -14.26 -15.59
N VAL A 43 34.34 -15.44 -16.15
CA VAL A 43 33.23 -16.31 -16.42
C VAL A 43 32.52 -16.59 -15.09
N TYR A 44 33.29 -16.94 -14.08
CA TYR A 44 32.72 -17.27 -12.78
C TYR A 44 31.92 -16.08 -12.26
N GLN A 45 32.55 -14.94 -12.33
CA GLN A 45 31.94 -13.74 -11.85
C GLN A 45 30.68 -13.35 -12.57
N ASN A 46 30.67 -13.51 -13.88
CA ASN A 46 29.41 -13.28 -14.65
C ASN A 46 28.27 -14.18 -14.17
N ILE A 47 28.61 -15.44 -13.89
CA ILE A 47 27.62 -16.38 -13.42
C ILE A 47 27.05 -15.95 -12.05
N PHE A 48 27.92 -15.66 -11.09
CA PHE A 48 27.44 -15.20 -9.79
C PHE A 48 26.62 -13.93 -9.88
N THR A 49 27.08 -12.98 -10.68
CA THR A 49 26.43 -11.70 -10.80
C THR A 49 25.07 -11.88 -11.40
N ALA A 50 24.97 -12.73 -12.40
CA ALA A 50 23.66 -13.01 -13.04
C ALA A 50 22.67 -13.67 -12.08
N MET A 51 23.14 -14.67 -11.33
CA MET A 51 22.22 -15.32 -10.39
C MET A 51 21.81 -14.35 -9.28
N GLN A 52 22.72 -13.48 -8.86
CA GLN A 52 22.40 -12.51 -7.80
C GLN A 52 21.33 -11.56 -8.27
N ALA A 53 21.42 -11.16 -9.53
CA ALA A 53 20.41 -10.30 -10.09
C ALA A 53 19.03 -10.95 -10.03
N MET A 54 18.97 -12.22 -10.39
CA MET A 54 17.70 -12.94 -10.47
C MET A 54 17.14 -13.14 -9.09
N ILE A 55 18.04 -13.42 -8.15
CA ILE A 55 17.66 -13.57 -6.74
C ILE A 55 17.03 -12.30 -6.19
N ARG A 56 17.67 -11.14 -6.41
CA ARG A 56 17.07 -9.88 -5.97
C ARG A 56 15.78 -9.60 -6.73
N ALA A 57 15.74 -9.95 -8.01
CA ALA A 57 14.52 -9.78 -8.79
C ALA A 57 13.35 -10.62 -8.29
N MET A 58 13.64 -11.82 -7.79
CA MET A 58 12.59 -12.68 -7.19
C MET A 58 11.80 -11.92 -6.14
N ASP A 59 12.49 -11.07 -5.36
CA ASP A 59 11.85 -10.27 -4.32
C ASP A 59 11.15 -9.07 -4.88
N THR A 60 11.85 -8.38 -5.76
CA THR A 60 11.38 -7.11 -6.29
C THR A 60 10.09 -7.39 -7.01
N LEU A 61 10.08 -8.45 -7.82
CA LEU A 61 8.88 -8.80 -8.59
C LEU A 61 7.85 -9.67 -7.83
N LYS A 62 8.21 -10.16 -6.65
CA LYS A 62 7.33 -10.98 -5.82
C LYS A 62 7.00 -12.33 -6.47
N ILE A 63 8.00 -12.96 -7.10
CA ILE A 63 7.83 -14.32 -7.65
C ILE A 63 8.28 -15.41 -6.64
N PRO A 64 7.38 -16.32 -6.26
CA PRO A 64 7.82 -17.37 -5.32
C PRO A 64 8.64 -18.46 -5.99
N TYR A 65 9.59 -19.02 -5.24
CA TYR A 65 10.30 -20.23 -5.63
C TYR A 65 9.29 -21.38 -5.69
N LYS A 66 9.53 -22.35 -6.57
CA LYS A 66 8.63 -23.45 -6.67
C LYS A 66 9.08 -24.52 -5.67
N TYR A 67 10.39 -24.70 -5.52
CA TYR A 67 10.98 -25.67 -4.60
C TYR A 67 11.59 -24.99 -3.38
N GLU A 68 11.16 -25.41 -2.20
CA GLU A 68 11.53 -24.80 -0.93
C GLU A 68 13.05 -24.78 -0.68
N HIS A 69 13.73 -25.89 -0.95
CA HIS A 69 15.19 -25.98 -0.75
C HIS A 69 15.97 -24.85 -1.46
N ASN A 70 15.38 -24.27 -2.49
CA ASN A 70 16.06 -23.19 -3.25
C ASN A 70 16.18 -21.84 -2.53
N LYS A 71 15.37 -21.61 -1.49
CA LYS A 71 15.50 -20.41 -0.66
C LYS A 71 16.82 -20.34 0.08
N ALA A 72 17.18 -21.46 0.71
CA ALA A 72 18.49 -21.63 1.36
C ALA A 72 19.65 -21.40 0.37
N HIS A 73 19.50 -21.92 -0.85
CA HIS A 73 20.48 -21.70 -1.90
C HIS A 73 20.59 -20.24 -2.27
N ALA A 74 19.46 -19.56 -2.26
CA ALA A 74 19.46 -18.15 -2.64
C ALA A 74 20.15 -17.33 -1.57
N GLN A 75 19.85 -17.62 -0.30
CA GLN A 75 20.56 -16.98 0.80
C GLN A 75 22.08 -17.15 0.64
N LEU A 76 22.48 -18.40 0.43
CA LEU A 76 23.89 -18.72 0.22
C LEU A 76 24.53 -17.92 -0.91
N VAL A 77 23.89 -17.96 -2.07
CA VAL A 77 24.42 -17.27 -3.26
C VAL A 77 24.35 -15.76 -3.09
N ARG A 78 23.30 -15.22 -2.49
CA ARG A 78 23.22 -13.75 -2.35
C ARG A 78 24.33 -13.13 -1.47
N GLU A 79 24.78 -13.88 -0.47
CA GLU A 79 25.83 -13.45 0.46
C GLU A 79 27.25 -13.38 -0.07
N VAL A 80 27.44 -13.76 -1.32
CA VAL A 80 28.76 -13.82 -1.89
C VAL A 80 29.20 -12.42 -2.34
N ASP A 81 30.46 -12.08 -2.05
CA ASP A 81 31.07 -10.90 -2.63
C ASP A 81 31.72 -11.32 -3.95
N VAL A 82 31.15 -10.86 -5.05
CA VAL A 82 31.57 -11.30 -6.38
C VAL A 82 33.00 -10.88 -6.71
N GLU A 83 33.45 -9.76 -6.16
CA GLU A 83 34.83 -9.30 -6.36
C GLU A 83 35.85 -10.35 -5.89
N LYS A 84 35.58 -11.00 -4.78
CA LYS A 84 36.55 -11.94 -4.21
C LYS A 84 36.44 -13.37 -4.74
N VAL A 85 35.66 -13.55 -5.80
CA VAL A 85 35.44 -14.89 -6.36
C VAL A 85 36.61 -15.26 -7.24
N SER A 86 37.20 -16.42 -6.98
CA SER A 86 38.27 -16.92 -7.87
C SER A 86 38.15 -18.40 -8.29
N ALA A 87 37.24 -19.13 -7.68
CA ALA A 87 37.00 -20.52 -8.05
C ALA A 87 35.50 -20.78 -8.05
N PHE A 88 35.09 -21.91 -8.61
CA PHE A 88 33.68 -22.24 -8.72
C PHE A 88 33.53 -23.65 -8.21
N GLU A 89 33.12 -23.76 -6.95
CA GLU A 89 33.13 -25.05 -6.22
C GLU A 89 31.79 -25.26 -5.55
N ASN A 90 31.53 -26.48 -5.12
CA ASN A 90 30.40 -26.69 -4.24
C ASN A 90 30.69 -26.03 -2.91
N PRO A 91 29.67 -25.59 -2.17
CA PRO A 91 28.26 -25.82 -2.49
C PRO A 91 27.67 -24.87 -3.53
N TYR A 92 28.47 -23.91 -3.99
CA TYR A 92 28.00 -22.88 -4.90
C TYR A 92 27.56 -23.45 -6.27
N VAL A 93 28.27 -24.43 -6.81
CA VAL A 93 27.91 -24.99 -8.11
C VAL A 93 26.49 -25.57 -8.09
N ASP A 94 26.27 -26.45 -7.13
CA ASP A 94 25.00 -27.13 -6.99
C ASP A 94 23.88 -26.17 -6.61
N ALA A 95 24.17 -25.16 -5.78
CA ALA A 95 23.16 -24.14 -5.46
C ALA A 95 22.62 -23.43 -6.74
N ILE A 96 23.56 -23.00 -7.58
CA ILE A 96 23.24 -22.31 -8.80
C ILE A 96 22.55 -23.20 -9.83
N LYS A 97 23.06 -24.42 -10.03
CA LYS A 97 22.38 -25.39 -10.92
C LYS A 97 20.97 -25.56 -10.44
N SER A 98 20.83 -25.70 -9.14
CA SER A 98 19.53 -25.96 -8.56
C SER A 98 18.61 -24.74 -8.66
N LEU A 99 19.14 -23.54 -8.45
CA LEU A 99 18.34 -22.33 -8.62
C LEU A 99 17.88 -22.12 -10.05
N TRP A 100 18.78 -22.32 -10.99
CA TRP A 100 18.47 -22.14 -12.41
C TRP A 100 17.32 -23.06 -12.84
N ASN A 101 17.15 -24.20 -12.15
CA ASN A 101 16.11 -25.17 -12.46
C ASN A 101 14.76 -24.90 -11.93
N ASP A 102 14.63 -23.92 -11.07
CA ASP A 102 13.37 -23.64 -10.42
C ASP A 102 12.49 -22.85 -11.39
N PRO A 103 11.30 -23.35 -11.72
CA PRO A 103 10.33 -22.63 -12.59
C PRO A 103 10.08 -21.20 -12.18
N GLY A 104 10.26 -20.93 -10.89
CA GLY A 104 10.20 -19.55 -10.39
C GLY A 104 11.28 -18.66 -10.99
N ILE A 105 12.51 -19.13 -10.89
CA ILE A 105 13.64 -18.45 -11.45
C ILE A 105 13.51 -18.36 -12.96
N GLN A 106 12.92 -19.40 -13.57
CA GLN A 106 12.65 -19.36 -15.01
C GLN A 106 11.61 -18.29 -15.39
N GLU A 107 10.58 -18.10 -14.58
CA GLU A 107 9.68 -16.97 -14.81
C GLU A 107 10.44 -15.66 -14.68
N CYS A 108 11.26 -15.61 -13.64
CA CYS A 108 12.02 -14.42 -13.39
C CYS A 108 12.91 -14.08 -14.58
N TYR A 109 13.60 -15.09 -15.10
CA TYR A 109 14.37 -14.94 -16.30
C TYR A 109 13.55 -14.49 -17.51
N ASP A 110 12.39 -15.13 -17.74
CA ASP A 110 11.48 -14.71 -18.84
C ASP A 110 10.99 -13.27 -18.68
N ARG A 111 11.04 -12.74 -17.45
CA ARG A 111 10.64 -11.37 -17.16
C ARG A 111 11.83 -10.44 -16.97
N ARG A 112 13.01 -10.89 -17.40
CA ARG A 112 14.24 -10.11 -17.29
C ARG A 112 14.23 -8.68 -17.82
N ARG A 113 13.35 -8.39 -18.78
CA ARG A 113 13.24 -7.00 -19.19
C ARG A 113 12.83 -5.98 -18.08
N GLU A 114 12.23 -6.46 -17.00
CA GLU A 114 11.76 -5.59 -15.93
C GLU A 114 12.83 -5.27 -14.91
N TYR A 115 14.02 -5.80 -15.12
CA TYR A 115 15.21 -5.41 -14.31
C TYR A 115 16.47 -5.43 -15.23
N GLN A 116 17.66 -5.62 -14.69
CA GLN A 116 18.87 -5.60 -15.53
C GLN A 116 19.61 -6.91 -15.45
N LEU A 117 19.70 -7.63 -16.55
CA LEU A 117 20.38 -8.96 -16.56
C LEU A 117 21.22 -9.12 -17.83
N SER A 118 22.45 -9.57 -17.65
CA SER A 118 23.39 -9.61 -18.75
C SER A 118 22.98 -10.67 -19.78
N ASP A 119 23.12 -10.32 -21.04
CA ASP A 119 22.70 -11.15 -22.16
C ASP A 119 23.23 -12.57 -22.21
N SER A 120 24.42 -12.86 -21.71
CA SER A 120 24.97 -14.21 -21.85
C SER A 120 24.54 -15.19 -20.74
N THR A 121 23.62 -14.77 -19.89
CA THR A 121 23.18 -15.58 -18.77
C THR A 121 22.76 -17.01 -19.16
N LYS A 122 21.78 -17.13 -20.03
CA LYS A 122 21.32 -18.43 -20.43
C LYS A 122 22.48 -19.30 -20.95
N TYR A 123 23.34 -18.72 -21.79
CA TYR A 123 24.44 -19.48 -22.39
C TYR A 123 25.34 -20.09 -21.31
N TYR A 124 25.66 -19.35 -20.27
CA TYR A 124 26.47 -19.89 -19.19
C TYR A 124 25.65 -20.82 -18.31
N LEU A 125 24.46 -20.41 -17.93
CA LEU A 125 23.70 -21.18 -16.98
C LEU A 125 23.31 -22.55 -17.50
N ASN A 126 23.20 -22.72 -18.80
CA ASN A 126 22.84 -24.03 -19.37
C ASN A 126 24.01 -24.98 -19.52
N ASP A 127 25.16 -24.52 -19.11
CA ASP A 127 26.41 -25.21 -19.35
C ASP A 127 27.28 -25.26 -18.08
N LEU A 128 26.66 -25.12 -16.92
CA LEU A 128 27.39 -25.09 -15.65
C LEU A 128 28.30 -26.30 -15.38
N ASP A 129 27.90 -27.49 -15.83
CA ASP A 129 28.75 -28.67 -15.68
C ASP A 129 30.07 -28.51 -16.38
N ARG A 130 30.03 -28.05 -17.63
CA ARG A 130 31.26 -27.75 -18.34
C ARG A 130 32.13 -26.76 -17.54
N VAL A 131 31.51 -25.68 -17.05
CA VAL A 131 32.21 -24.59 -16.35
C VAL A 131 32.71 -25.00 -14.96
N ALA A 132 31.90 -25.81 -14.27
CA ALA A 132 32.25 -26.39 -12.95
C ALA A 132 33.40 -27.38 -12.98
N ASP A 133 33.57 -28.09 -14.09
CA ASP A 133 34.67 -29.02 -14.18
C ASP A 133 35.91 -28.42 -13.47
N PRO A 134 36.49 -29.17 -12.52
CA PRO A 134 37.75 -28.73 -11.90
C PRO A 134 38.77 -28.15 -12.89
N SER A 135 38.84 -28.68 -14.11
CA SER A 135 39.85 -28.27 -15.08
C SER A 135 39.24 -27.71 -16.38
N TYR A 136 38.30 -26.80 -16.13
CA TYR A 136 37.60 -26.07 -17.15
C TYR A 136 38.54 -25.08 -17.87
N LEU A 137 38.56 -25.10 -19.19
CA LEU A 137 39.28 -24.10 -19.95
C LEU A 137 38.34 -23.39 -20.97
N PRO A 138 38.02 -22.07 -20.74
CA PRO A 138 37.07 -21.32 -21.60
C PRO A 138 37.36 -21.51 -23.07
N THR A 139 36.31 -21.76 -23.83
CA THR A 139 36.39 -21.85 -25.28
C THR A 139 36.45 -20.42 -25.82
N GLN A 140 36.84 -20.28 -27.06
CA GLN A 140 36.78 -18.99 -27.72
C GLN A 140 35.39 -18.37 -27.57
N GLN A 141 34.35 -19.21 -27.64
CA GLN A 141 32.96 -18.74 -27.55
C GLN A 141 32.68 -18.24 -26.14
N ASP A 142 33.10 -18.96 -25.11
CA ASP A 142 33.01 -18.39 -23.72
C ASP A 142 33.62 -17.00 -23.59
N VAL A 143 34.76 -16.80 -24.24
CA VAL A 143 35.46 -15.52 -24.24
C VAL A 143 34.65 -14.48 -24.97
N LEU A 144 34.16 -14.77 -26.16
CA LEU A 144 33.27 -13.81 -26.82
C LEU A 144 32.01 -13.47 -26.01
N ARG A 145 31.62 -14.35 -25.11
CA ARG A 145 30.34 -14.19 -24.40
C ARG A 145 30.41 -13.39 -23.10
N VAL A 146 31.61 -13.23 -22.61
CA VAL A 146 31.83 -12.66 -21.32
C VAL A 146 31.51 -11.19 -21.36
N ARG A 147 30.96 -10.69 -20.28
CA ARG A 147 30.58 -9.29 -20.13
C ARG A 147 31.63 -8.58 -19.27
N VAL A 148 32.29 -7.60 -19.88
CA VAL A 148 33.10 -6.63 -19.18
C VAL A 148 32.75 -5.24 -19.75
N PRO A 149 32.22 -4.35 -18.89
CA PRO A 149 31.84 -3.00 -19.30
C PRO A 149 33.05 -2.14 -19.67
N THR A 150 32.96 -1.44 -20.78
CA THR A 150 34.04 -0.59 -21.23
C THR A 150 33.89 0.81 -20.72
N THR A 151 35.01 1.39 -20.26
CA THR A 151 35.05 2.80 -19.83
C THR A 151 36.18 3.51 -20.56
N GLY A 152 35.93 4.70 -21.10
CA GLY A 152 36.98 5.43 -21.82
C GLY A 152 37.01 5.14 -23.32
N ILE A 153 38.13 5.47 -23.96
CA ILE A 153 38.29 5.40 -25.38
C ILE A 153 39.58 4.68 -25.68
N ILE A 154 39.54 3.67 -26.51
CA ILE A 154 40.68 2.75 -26.69
C ILE A 154 40.91 2.44 -28.16
N GLU A 155 42.18 2.47 -28.59
CA GLU A 155 42.51 2.27 -30.00
C GLU A 155 43.14 0.95 -30.17
N TYR A 156 42.61 0.14 -31.07
CA TYR A 156 43.24 -1.09 -31.41
C TYR A 156 43.63 -1.07 -32.86
N PRO A 157 44.94 -1.07 -33.16
CA PRO A 157 45.41 -1.24 -34.53
C PRO A 157 45.40 -2.71 -34.89
N PHE A 158 45.07 -2.98 -36.15
CA PHE A 158 45.10 -4.32 -36.69
C PHE A 158 45.62 -4.21 -38.09
N ASP A 159 46.59 -5.05 -38.42
CA ASP A 159 47.16 -5.11 -39.74
C ASP A 159 46.37 -6.12 -40.59
N LEU A 160 45.57 -5.60 -41.51
CA LEU A 160 45.09 -6.41 -42.64
C LEU A 160 46.17 -6.16 -43.69
N GLN A 161 46.46 -7.13 -44.56
CA GLN A 161 47.70 -7.04 -45.31
C GLN A 161 47.87 -5.68 -46.00
N SER A 162 46.89 -5.31 -46.78
CA SER A 162 46.94 -4.11 -47.64
C SER A 162 46.88 -2.76 -46.90
N VAL A 163 46.20 -2.71 -45.75
CA VAL A 163 45.94 -1.47 -45.03
C VAL A 163 45.99 -1.70 -43.50
N ILE A 164 46.32 -0.69 -42.73
CA ILE A 164 46.10 -0.78 -41.29
C ILE A 164 44.75 -0.21 -40.90
N PHE A 165 43.95 -0.98 -40.18
CA PHE A 165 42.76 -0.46 -39.53
C PHE A 165 42.97 -0.03 -38.08
N ARG A 166 42.72 1.24 -37.80
CA ARG A 166 42.83 1.76 -36.45
C ARG A 166 41.38 1.79 -35.93
N MET A 167 40.99 0.79 -35.14
CA MET A 167 39.63 0.67 -34.60
C MET A 167 39.53 1.32 -33.25
N VAL A 168 38.46 2.06 -32.99
CA VAL A 168 38.35 2.73 -31.72
C VAL A 168 37.16 2.24 -31.00
N ASP A 169 37.37 1.75 -29.79
CA ASP A 169 36.27 1.22 -28.97
C ASP A 169 35.98 2.29 -27.92
N VAL A 170 34.74 2.43 -27.50
CA VAL A 170 34.36 3.53 -26.58
C VAL A 170 33.33 2.96 -25.62
N GLY A 171 33.20 3.58 -24.45
CA GLY A 171 32.11 3.26 -23.51
C GLY A 171 30.81 3.86 -24.01
N GLY A 172 29.69 3.18 -23.78
CA GLY A 172 28.42 3.57 -24.44
C GLY A 172 27.35 4.20 -23.58
N GLN A 173 27.50 4.05 -22.26
CA GLN A 173 26.60 4.68 -21.32
C GLN A 173 26.63 6.19 -21.49
N ARG A 174 25.56 6.86 -21.06
CA ARG A 174 25.51 8.34 -21.19
C ARG A 174 26.79 9.08 -20.71
N SER A 175 27.26 8.78 -19.52
CA SER A 175 28.29 9.56 -18.97
C SER A 175 29.55 9.42 -19.80
N GLU A 176 29.66 8.30 -20.51
CA GLU A 176 30.87 8.01 -21.31
C GLU A 176 30.92 8.85 -22.55
N ARG A 177 29.75 9.20 -23.05
CA ARG A 177 29.59 9.88 -24.34
C ARG A 177 30.22 11.27 -24.47
N ARG A 178 30.35 11.97 -23.36
CA ARG A 178 30.99 13.28 -23.38
C ARG A 178 32.43 13.17 -23.86
N LYS A 179 33.06 12.01 -23.62
CA LYS A 179 34.46 11.74 -24.04
C LYS A 179 34.64 11.42 -25.52
N TRP A 180 33.55 11.11 -26.21
CA TRP A 180 33.70 10.66 -27.61
C TRP A 180 34.39 11.68 -28.50
N ILE A 181 34.30 12.94 -28.12
CA ILE A 181 34.86 13.99 -28.91
C ILE A 181 36.32 13.68 -29.20
N HIS A 182 36.99 13.07 -28.23
CA HIS A 182 38.40 12.69 -28.36
C HIS A 182 38.73 11.67 -29.47
N CYS A 183 37.73 11.05 -30.08
CA CYS A 183 38.05 10.22 -31.23
C CYS A 183 37.40 10.65 -32.53
N PHE A 184 36.73 11.80 -32.53
CA PHE A 184 35.93 12.23 -33.69
C PHE A 184 36.72 12.79 -34.88
N GLU A 185 38.01 12.93 -34.73
CA GLU A 185 38.82 13.57 -35.74
C GLU A 185 39.40 12.57 -36.78
N ASN A 186 39.34 12.88 -38.08
CA ASN A 186 39.95 12.03 -39.15
C ASN A 186 39.38 10.63 -39.24
N VAL A 187 38.08 10.52 -39.08
CA VAL A 187 37.43 9.25 -39.08
C VAL A 187 37.04 8.88 -40.50
N THR A 188 37.49 7.72 -40.93
CA THR A 188 37.22 7.27 -42.30
C THR A 188 35.81 6.75 -42.34
N SER A 189 35.43 6.09 -41.26
CA SER A 189 34.19 5.34 -41.30
C SER A 189 33.61 5.07 -39.92
N ILE A 190 32.31 4.98 -39.82
CA ILE A 190 31.68 4.71 -38.50
C ILE A 190 30.88 3.43 -38.50
N MET A 191 31.12 2.59 -37.51
CA MET A 191 30.32 1.39 -37.39
C MET A 191 29.45 1.61 -36.19
N PHE A 192 28.18 1.83 -36.46
CA PHE A 192 27.26 2.09 -35.38
C PHE A 192 26.50 0.80 -35.10
N LEU A 193 26.59 0.36 -33.85
CA LEU A 193 25.96 -0.84 -33.41
C LEU A 193 24.69 -0.51 -32.69
N VAL A 194 23.63 -1.26 -33.01
CA VAL A 194 22.37 -1.28 -32.23
C VAL A 194 22.00 -2.70 -31.86
N ALA A 195 21.57 -2.94 -30.62
CA ALA A 195 21.12 -4.28 -30.18
C ALA A 195 19.70 -4.47 -30.65
N LEU A 196 19.49 -5.33 -31.63
CA LEU A 196 18.15 -5.66 -32.13
C LEU A 196 17.19 -6.07 -30.98
N SER A 197 17.77 -6.72 -29.97
CA SER A 197 17.01 -7.33 -28.92
C SER A 197 16.71 -6.36 -27.80
N GLU A 198 17.14 -5.11 -27.92
CA GLU A 198 16.99 -4.17 -26.81
C GLU A 198 15.62 -3.44 -26.82
N TYR A 199 14.69 -3.82 -27.72
CA TYR A 199 13.40 -3.10 -27.86
C TYR A 199 12.51 -3.06 -26.61
N ASP A 200 12.65 -4.05 -25.73
CA ASP A 200 11.75 -4.11 -24.58
C ASP A 200 12.49 -3.78 -23.32
N GLN A 201 13.73 -3.35 -23.48
CA GLN A 201 14.54 -3.03 -22.29
C GLN A 201 14.60 -1.55 -21.93
N VAL A 202 15.05 -1.30 -20.70
CA VAL A 202 15.36 0.06 -20.30
C VAL A 202 16.85 0.25 -19.98
N LEU A 203 17.31 1.49 -20.10
CA LEU A 203 18.74 1.85 -19.85
C LEU A 203 19.17 1.48 -18.42
N VAL A 204 20.43 1.07 -18.21
CA VAL A 204 20.93 0.91 -16.82
C VAL A 204 21.18 2.22 -16.13
N GLU A 205 21.42 3.24 -16.93
CA GLU A 205 21.85 4.55 -16.46
C GLU A 205 20.75 5.33 -15.82
N SER A 206 19.53 5.02 -16.15
CA SER A 206 18.48 5.94 -15.82
C SER A 206 17.24 5.21 -15.39
N ASP A 207 16.21 5.97 -15.11
CA ASP A 207 14.95 5.39 -14.62
C ASP A 207 13.92 5.17 -15.73
N ASN A 208 13.72 3.91 -16.04
CA ASN A 208 12.64 3.55 -16.95
C ASN A 208 12.62 4.27 -18.32
N GLU A 209 13.75 4.29 -19.02
CA GLU A 209 13.81 4.80 -20.38
C GLU A 209 14.19 3.73 -21.39
N ASN A 210 13.38 3.61 -22.43
CA ASN A 210 13.54 2.57 -23.42
C ASN A 210 14.90 2.58 -24.13
N ARG A 211 15.51 1.41 -24.23
CA ARG A 211 16.89 1.31 -24.76
C ARG A 211 16.99 1.58 -26.24
N MET A 212 15.96 1.23 -26.98
CA MET A 212 15.95 1.47 -28.42
C MET A 212 15.63 2.93 -28.79
N GLU A 213 14.70 3.58 -28.07
CA GLU A 213 14.48 5.02 -28.24
C GLU A 213 15.78 5.79 -28.08
N GLU A 214 16.58 5.33 -27.11
CA GLU A 214 17.89 5.90 -26.84
C GLU A 214 18.84 5.71 -28.01
N SER A 215 18.92 4.51 -28.59
CA SER A 215 19.79 4.32 -29.74
C SER A 215 19.41 5.14 -30.96
N LYS A 216 18.11 5.30 -31.18
CA LYS A 216 17.61 6.12 -32.26
C LYS A 216 18.10 7.56 -32.11
N ALA A 217 17.90 8.09 -30.91
CA ALA A 217 18.21 9.49 -30.67
C ALA A 217 19.70 9.72 -30.92
N LEU A 218 20.48 8.73 -30.52
CA LEU A 218 21.93 8.79 -30.61
C LEU A 218 22.35 8.68 -32.08
N PHE A 219 21.81 7.69 -32.76
CA PHE A 219 22.10 7.54 -34.17
C PHE A 219 21.79 8.85 -34.96
N ARG A 220 20.59 9.38 -34.78
CA ARG A 220 20.19 10.61 -35.39
C ARG A 220 21.20 11.73 -35.15
N THR A 221 21.69 11.86 -33.93
CA THR A 221 22.66 12.88 -33.60
C THR A 221 23.95 12.71 -34.41
N ILE A 222 24.52 11.50 -34.37
CA ILE A 222 25.73 11.18 -35.08
C ILE A 222 25.64 11.53 -36.56
N ILE A 223 24.57 11.10 -37.21
CA ILE A 223 24.37 11.29 -38.64
C ILE A 223 24.34 12.74 -39.05
N THR A 224 23.92 13.63 -38.16
CA THR A 224 23.78 15.03 -38.53
C THR A 224 25.06 15.83 -38.33
N TYR A 225 26.05 15.24 -37.68
CA TYR A 225 27.27 15.96 -37.36
C TYR A 225 27.96 16.28 -38.66
N PRO A 226 28.30 17.55 -38.88
CA PRO A 226 28.86 17.86 -40.21
C PRO A 226 30.27 17.35 -40.44
N TRP A 227 31.09 17.18 -39.39
CA TRP A 227 32.40 16.60 -39.60
C TRP A 227 32.34 15.14 -40.01
N PHE A 228 31.17 14.51 -40.03
CA PHE A 228 31.04 13.17 -40.51
C PHE A 228 30.33 13.13 -41.87
N GLN A 229 30.15 14.25 -42.53
CA GLN A 229 29.45 14.20 -43.79
C GLN A 229 30.19 13.33 -44.80
N ASN A 230 31.52 13.26 -44.72
CA ASN A 230 32.31 12.40 -45.64
C ASN A 230 32.85 11.11 -45.09
N SER A 231 32.37 10.71 -43.93
CA SER A 231 32.72 9.44 -43.37
C SER A 231 31.62 8.48 -43.72
N SER A 232 31.97 7.27 -44.16
CA SER A 232 30.93 6.28 -44.50
C SER A 232 30.30 5.74 -43.20
N VAL A 233 29.00 5.52 -43.20
CA VAL A 233 28.27 5.08 -42.01
C VAL A 233 27.67 3.70 -42.20
N ILE A 234 28.09 2.77 -41.35
CA ILE A 234 27.61 1.39 -41.39
C ILE A 234 26.82 1.08 -40.12
N LEU A 235 25.56 0.77 -40.29
CA LEU A 235 24.67 0.47 -39.19
C LEU A 235 24.58 -1.06 -39.02
N PHE A 236 25.24 -1.60 -38.00
CA PHE A 236 25.09 -3.00 -37.69
C PHE A 236 23.97 -3.21 -36.69
N LEU A 237 22.92 -3.86 -37.16
CA LEU A 237 21.86 -4.26 -36.25
C LEU A 237 22.28 -5.62 -35.68
N ASN A 238 22.85 -5.56 -34.49
CA ASN A 238 23.52 -6.67 -33.87
C ASN A 238 22.55 -7.48 -33.04
N LYS A 239 23.01 -8.61 -32.49
CA LYS A 239 22.21 -9.50 -31.63
C LYS A 239 20.99 -10.07 -32.32
N LYS A 240 21.11 -10.34 -33.60
CA LYS A 240 20.00 -10.84 -34.35
C LYS A 240 19.61 -12.23 -33.91
N ASP A 241 20.59 -12.94 -33.32
CA ASP A 241 20.36 -14.31 -32.74
C ASP A 241 19.47 -14.23 -31.51
N LEU A 242 19.74 -13.30 -30.61
CA LEU A 242 18.87 -13.11 -29.47
C LEU A 242 17.46 -12.66 -29.87
N LEU A 243 17.38 -11.85 -30.93
CA LEU A 243 16.09 -11.45 -31.50
C LEU A 243 15.26 -12.66 -31.87
N GLU A 244 15.87 -13.66 -32.51
CA GLU A 244 15.17 -14.91 -32.90
C GLU A 244 14.46 -15.53 -31.72
N GLU A 245 15.10 -15.48 -30.55
CA GLU A 245 14.54 -16.10 -29.38
C GLU A 245 13.44 -15.21 -28.77
N LYS A 246 13.84 -14.01 -28.36
CA LYS A 246 13.01 -13.02 -27.72
C LYS A 246 11.72 -12.66 -28.47
N ILE A 247 11.76 -12.63 -29.79
CA ILE A 247 10.58 -12.27 -30.58
C ILE A 247 9.40 -13.25 -30.40
N MET A 248 9.68 -14.40 -29.87
CA MET A 248 8.63 -15.39 -29.72
C MET A 248 7.78 -15.09 -28.49
N TYR A 249 8.28 -14.23 -27.59
CA TYR A 249 7.63 -13.99 -26.30
C TYR A 249 7.41 -12.54 -25.92
N SER A 250 8.09 -11.64 -26.60
CA SER A 250 8.02 -10.23 -26.25
C SER A 250 7.68 -9.52 -27.54
N HIS A 251 6.48 -8.95 -27.58
CA HIS A 251 5.97 -8.40 -28.82
C HIS A 251 6.44 -6.95 -29.11
N LEU A 252 7.00 -6.77 -30.30
CA LEU A 252 7.50 -5.46 -30.70
C LEU A 252 6.44 -4.34 -30.65
N VAL A 253 5.19 -4.67 -30.93
CA VAL A 253 4.15 -3.67 -30.98
C VAL A 253 3.85 -3.09 -29.62
N ASP A 254 4.25 -3.80 -28.57
CA ASP A 254 3.97 -3.32 -27.24
C ASP A 254 4.96 -2.24 -26.86
N TYR A 255 5.99 -2.05 -27.67
CA TYR A 255 7.03 -1.05 -27.39
C TYR A 255 7.10 0.03 -28.47
N PHE A 256 6.78 -0.34 -29.71
CA PHE A 256 6.78 0.53 -30.84
C PHE A 256 5.48 0.32 -31.55
N PRO A 257 4.44 1.05 -31.12
CA PRO A 257 3.09 0.71 -31.55
C PRO A 257 2.87 0.98 -33.01
N GLU A 258 3.84 1.59 -33.68
CA GLU A 258 3.75 1.78 -35.14
C GLU A 258 4.02 0.50 -35.95
N TYR A 259 4.61 -0.51 -35.31
CA TYR A 259 4.86 -1.76 -35.97
C TYR A 259 3.56 -2.44 -36.30
N ASP A 260 3.27 -2.60 -37.60
CA ASP A 260 2.04 -3.24 -38.04
C ASP A 260 2.25 -4.63 -38.65
N GLY A 261 3.42 -5.21 -38.49
CA GLY A 261 3.71 -6.54 -39.06
C GLY A 261 3.32 -7.70 -38.14
N PRO A 262 3.59 -8.91 -38.60
CA PRO A 262 3.17 -10.05 -37.82
C PRO A 262 3.91 -10.19 -36.52
N GLN A 263 3.27 -10.86 -35.58
CA GLN A 263 3.92 -11.24 -34.34
C GLN A 263 4.81 -12.45 -34.53
N ARG A 264 5.79 -12.59 -33.64
CA ARG A 264 6.58 -13.79 -33.58
C ARG A 264 7.30 -14.06 -34.88
N ASP A 265 7.78 -12.99 -35.49
CA ASP A 265 8.42 -12.99 -36.82
C ASP A 265 9.64 -12.04 -36.81
N ALA A 266 10.83 -12.64 -36.70
CA ALA A 266 12.10 -11.93 -36.42
C ALA A 266 12.48 -11.08 -37.61
N GLN A 267 12.23 -11.62 -38.78
CA GLN A 267 12.58 -10.97 -39.98
C GLN A 267 11.76 -9.68 -40.17
N ALA A 268 10.45 -9.74 -40.00
CA ALA A 268 9.63 -8.54 -40.21
C ALA A 268 10.00 -7.48 -39.19
N ALA A 269 10.29 -7.94 -37.98
CA ALA A 269 10.64 -7.09 -36.86
C ALA A 269 11.92 -6.34 -37.11
N ARG A 270 12.91 -7.08 -37.58
CA ARG A 270 14.18 -6.42 -37.79
C ARG A 270 14.14 -5.48 -39.00
N GLU A 271 13.34 -5.82 -40.00
CA GLU A 271 13.13 -4.89 -41.12
C GLU A 271 12.45 -3.62 -40.67
N PHE A 272 11.50 -3.72 -39.77
CA PHE A 272 10.86 -2.52 -39.20
C PHE A 272 11.84 -1.66 -38.40
N ILE A 273 12.65 -2.29 -37.58
CA ILE A 273 13.66 -1.57 -36.83
C ILE A 273 14.62 -0.86 -37.77
N LEU A 274 15.17 -1.58 -38.74
CA LEU A 274 16.05 -0.99 -39.75
C LEU A 274 15.38 0.26 -40.38
N LYS A 275 14.13 0.09 -40.80
CA LYS A 275 13.35 1.17 -41.39
C LYS A 275 13.26 2.38 -40.44
N MET A 276 13.02 2.14 -39.15
CA MET A 276 12.94 3.24 -38.20
C MET A 276 14.23 4.06 -38.20
N PHE A 277 15.36 3.37 -38.25
CA PHE A 277 16.65 4.03 -38.19
C PHE A 277 16.89 4.83 -39.45
N VAL A 278 16.67 4.20 -40.57
CA VAL A 278 16.88 4.88 -41.83
C VAL A 278 15.95 6.08 -41.95
N ASP A 279 14.79 6.06 -41.27
CA ASP A 279 13.83 7.17 -41.39
C ASP A 279 14.13 8.35 -40.43
N LEU A 280 15.16 8.27 -39.58
CA LEU A 280 15.49 9.34 -38.66
C LEU A 280 15.95 10.67 -39.33
N ASN A 281 16.64 10.61 -40.46
CA ASN A 281 17.10 11.83 -41.15
C ASN A 281 16.60 11.95 -42.57
N PRO A 282 15.33 12.31 -42.73
CA PRO A 282 14.68 12.32 -44.05
C PRO A 282 15.28 13.39 -44.94
N ASP A 283 15.86 14.41 -44.33
CA ASP A 283 16.53 15.49 -45.03
C ASP A 283 17.95 15.27 -45.44
N SER A 284 18.54 14.20 -44.94
CA SER A 284 19.85 13.84 -45.37
C SER A 284 19.72 12.86 -46.53
N ASP A 285 20.56 13.00 -47.53
CA ASP A 285 20.61 11.99 -48.61
C ASP A 285 21.88 11.13 -48.49
N LYS A 286 22.57 11.28 -47.35
CA LYS A 286 23.70 10.48 -47.01
C LYS A 286 23.32 8.98 -46.92
N ILE A 287 24.24 8.14 -47.40
CA ILE A 287 24.08 6.70 -47.42
C ILE A 287 24.27 6.04 -46.06
N ILE A 288 23.35 5.17 -45.69
CA ILE A 288 23.58 4.24 -44.61
C ILE A 288 23.71 2.82 -45.12
N TYR A 289 24.85 2.21 -44.84
CA TYR A 289 25.05 0.81 -45.20
C TYR A 289 24.66 -0.07 -44.02
N SER A 290 23.81 -1.07 -44.18
CA SER A 290 23.54 -1.90 -43.00
C SER A 290 23.70 -3.37 -43.23
N HIS A 291 23.77 -4.08 -42.11
CA HIS A 291 23.86 -5.52 -42.08
C HIS A 291 23.34 -6.00 -40.72
N PHE A 292 22.60 -7.12 -40.71
CA PHE A 292 22.20 -7.78 -39.46
C PHE A 292 23.36 -8.62 -38.99
N THR A 293 23.77 -8.47 -37.75
CA THR A 293 24.95 -9.17 -37.30
C THR A 293 24.70 -9.96 -36.04
N CYS A 294 25.58 -10.94 -35.82
CA CYS A 294 25.72 -11.61 -34.54
C CYS A 294 27.19 -11.56 -34.21
N ALA A 295 27.49 -10.67 -33.30
CA ALA A 295 28.85 -10.33 -32.91
C ALA A 295 29.65 -11.47 -32.31
N THR A 296 28.94 -12.39 -31.66
CA THR A 296 29.57 -13.57 -31.09
C THR A 296 29.78 -14.68 -32.15
N ASP A 297 29.35 -14.44 -33.38
CA ASP A 297 29.52 -15.39 -34.46
C ASP A 297 30.70 -14.96 -35.33
N THR A 298 31.83 -15.62 -35.16
CA THR A 298 33.01 -15.29 -35.95
C THR A 298 32.79 -15.27 -37.48
N GLU A 299 32.09 -16.26 -38.01
CA GLU A 299 31.89 -16.27 -39.44
C GLU A 299 31.09 -15.08 -39.87
N ASN A 300 30.04 -14.77 -39.13
CA ASN A 300 29.26 -13.60 -39.42
C ASN A 300 30.13 -12.30 -39.44
N ILE A 301 31.00 -12.15 -38.45
CA ILE A 301 31.80 -10.93 -38.35
C ILE A 301 32.93 -10.89 -39.37
N ARG A 302 33.47 -12.05 -39.72
CA ARG A 302 34.49 -12.10 -40.74
C ARG A 302 33.95 -11.51 -42.03
N PHE A 303 32.73 -11.90 -42.40
CA PHE A 303 32.16 -11.42 -43.64
C PHE A 303 32.03 -9.88 -43.61
N VAL A 304 31.48 -9.40 -42.51
CA VAL A 304 31.13 -8.02 -42.36
C VAL A 304 32.43 -7.16 -42.49
N PHE A 305 33.55 -7.66 -42.01
CA PHE A 305 34.80 -6.94 -42.16
C PHE A 305 35.40 -6.95 -43.54
N ALA A 306 35.40 -8.11 -44.19
CA ALA A 306 35.80 -8.20 -45.59
C ALA A 306 35.00 -7.23 -46.51
N ALA A 307 33.70 -7.13 -46.26
CA ALA A 307 32.84 -6.31 -47.10
C ALA A 307 33.05 -4.81 -46.88
N VAL A 308 33.26 -4.40 -45.65
CA VAL A 308 33.58 -3.02 -45.42
C VAL A 308 34.89 -2.67 -46.14
N LYS A 309 35.91 -3.46 -45.92
CA LYS A 309 37.20 -3.22 -46.52
C LYS A 309 37.22 -3.33 -48.05
N ASP A 310 36.55 -4.34 -48.59
CA ASP A 310 36.66 -4.65 -50.03
C ASP A 310 35.72 -3.78 -50.85
N THR A 311 34.57 -3.43 -50.28
CA THR A 311 33.55 -2.68 -51.03
C THR A 311 33.50 -1.24 -50.59
N ILE A 312 33.38 -1.01 -49.29
CA ILE A 312 33.06 0.33 -48.83
C ILE A 312 34.27 1.25 -48.79
N LEU A 313 35.42 0.72 -48.42
CA LEU A 313 36.62 1.52 -48.36
C LEU A 313 37.50 1.32 -49.57
N GLN A 314 36.93 0.94 -50.70
CA GLN A 314 37.66 1.09 -51.94
C GLN A 314 36.77 1.26 -53.16
N SER B 1 74.47 -16.34 -5.35
CA SER B 1 73.31 -15.48 -5.06
C SER B 1 72.39 -15.46 -6.28
N MET B 2 71.14 -15.12 -6.08
CA MET B 2 70.19 -14.97 -7.16
C MET B 2 69.84 -13.50 -7.44
N LEU B 3 70.11 -13.01 -8.64
CA LEU B 3 69.86 -11.62 -8.98
C LEU B 3 68.43 -11.37 -9.25
N LYS B 4 67.89 -10.30 -8.68
CA LYS B 4 66.58 -9.79 -9.06
C LYS B 4 66.69 -8.29 -9.24
N ARG B 5 66.09 -7.80 -10.32
CA ARG B 5 66.19 -6.39 -10.60
C ARG B 5 65.05 -5.65 -9.92
N LEU B 6 65.43 -4.65 -9.12
CA LEU B 6 64.47 -3.90 -8.35
C LEU B 6 63.30 -3.34 -9.16
N SER B 7 63.56 -2.76 -10.33
CA SER B 7 62.44 -2.23 -11.11
C SER B 7 61.61 -3.32 -11.75
N THR B 8 62.27 -4.39 -12.19
CA THR B 8 61.52 -5.55 -12.70
C THR B 8 60.57 -6.11 -11.64
N GLU B 9 61.06 -6.21 -10.40
CA GLU B 9 60.27 -6.75 -9.29
C GLU B 9 59.10 -5.84 -8.96
N GLU B 10 59.40 -4.55 -8.87
CA GLU B 10 58.38 -3.58 -8.54
C GLU B 10 57.23 -3.74 -9.54
N ALA B 11 57.57 -3.67 -10.83
CA ALA B 11 56.56 -3.67 -11.88
C ALA B 11 55.79 -4.97 -11.92
N THR B 12 56.48 -6.07 -11.65
CA THR B 12 55.82 -7.37 -11.61
C THR B 12 54.76 -7.43 -10.52
N ARG B 13 55.12 -6.91 -9.35
CA ARG B 13 54.24 -6.86 -8.17
C ARG B 13 52.87 -6.26 -8.55
N TRP B 14 52.90 -5.25 -9.41
CA TRP B 14 51.66 -4.59 -9.87
C TRP B 14 50.71 -5.51 -10.59
N ALA B 15 51.24 -6.56 -11.20
CA ALA B 15 50.38 -7.55 -11.86
C ALA B 15 49.80 -8.66 -10.94
N ASP B 16 50.10 -8.65 -9.65
CA ASP B 16 49.54 -9.69 -8.77
C ASP B 16 48.10 -9.50 -8.63
N SER B 17 47.70 -8.25 -8.45
CA SER B 17 46.31 -7.92 -8.40
C SER B 17 46.20 -6.44 -8.42
N PHE B 18 45.01 -5.99 -8.73
CA PHE B 18 44.70 -4.58 -8.80
C PHE B 18 44.83 -3.92 -7.43
N ASP B 19 44.42 -4.60 -6.38
CA ASP B 19 44.60 -4.06 -5.01
C ASP B 19 46.08 -3.91 -4.64
N VAL B 20 46.91 -4.80 -5.15
CA VAL B 20 48.36 -4.65 -4.97
C VAL B 20 48.86 -3.40 -5.73
N LEU B 21 48.56 -3.35 -7.02
CA LEU B 21 48.81 -2.14 -7.78
C LEU B 21 48.45 -0.87 -7.04
N LEU B 22 47.27 -0.83 -6.43
CA LEU B 22 46.81 0.40 -5.79
C LEU B 22 47.55 0.74 -4.54
N SER B 23 48.31 -0.20 -3.99
CA SER B 23 49.10 0.10 -2.81
C SER B 23 50.55 0.41 -3.18
N HIS B 24 50.88 0.39 -4.47
CA HIS B 24 52.21 0.77 -4.91
C HIS B 24 52.11 2.17 -5.48
N LYS B 25 52.74 3.12 -4.80
CA LYS B 25 52.72 4.53 -5.24
C LYS B 25 53.09 4.70 -6.72
N TYR B 26 54.08 3.95 -7.17
CA TYR B 26 54.53 4.02 -8.57
C TYR B 26 53.63 3.23 -9.51
N GLY B 27 52.97 2.21 -8.95
CA GLY B 27 51.86 1.54 -9.60
C GLY B 27 50.67 2.47 -9.92
N VAL B 28 50.16 3.15 -8.90
CA VAL B 28 49.12 4.12 -9.08
C VAL B 28 49.50 5.12 -10.18
N ALA B 29 50.71 5.66 -10.10
CA ALA B 29 51.12 6.69 -11.05
C ALA B 29 51.23 6.15 -12.47
N ALA B 30 51.72 4.94 -12.65
CA ALA B 30 51.81 4.38 -13.99
C ALA B 30 50.39 4.16 -14.53
N PHE B 31 49.54 3.65 -13.66
CA PHE B 31 48.18 3.38 -14.03
C PHE B 31 47.41 4.63 -14.38
N ARG B 32 47.60 5.68 -13.57
CA ARG B 32 47.00 6.98 -13.85
C ARG B 32 47.44 7.49 -15.22
N ALA B 33 48.73 7.41 -15.53
CA ALA B 33 49.22 7.88 -16.83
C ALA B 33 48.44 7.16 -17.96
N PHE B 34 48.20 5.90 -17.71
CA PHE B 34 47.50 5.06 -18.68
C PHE B 34 46.02 5.46 -18.89
N LEU B 35 45.35 5.68 -17.75
CA LEU B 35 43.97 6.12 -17.73
C LEU B 35 43.85 7.38 -18.53
N LYS B 36 44.80 8.28 -18.38
CA LYS B 36 44.71 9.55 -19.05
C LYS B 36 44.75 9.38 -20.55
N THR B 37 45.49 8.39 -21.06
CA THR B 37 45.51 8.10 -22.52
C THR B 37 44.23 7.40 -22.99
N GLU B 38 43.44 6.87 -22.05
CA GLU B 38 42.14 6.29 -22.37
C GLU B 38 40.95 7.19 -21.98
N PHE B 39 41.25 8.38 -21.50
CA PHE B 39 40.25 9.30 -20.98
C PHE B 39 39.32 8.63 -19.97
N SER B 40 39.88 7.91 -19.01
CA SER B 40 39.07 7.33 -17.94
C SER B 40 39.65 7.54 -16.53
N GLU B 41 40.51 8.54 -16.38
CA GLU B 41 41.16 8.85 -15.13
C GLU B 41 40.19 9.30 -14.04
N GLU B 42 38.98 9.68 -14.41
CA GLU B 42 38.04 10.13 -13.38
C GLU B 42 37.64 8.97 -12.46
N ASN B 43 37.72 7.76 -13.00
CA ASN B 43 37.54 6.55 -12.19
C ASN B 43 38.52 6.46 -11.04
N LEU B 44 39.80 6.72 -11.30
CA LEU B 44 40.81 6.67 -10.26
C LEU B 44 40.72 7.88 -9.32
N GLU B 45 40.41 9.04 -9.85
CA GLU B 45 40.26 10.22 -9.04
C GLU B 45 39.12 10.02 -8.06
N PHE B 46 37.99 9.56 -8.58
CA PHE B 46 36.85 9.26 -7.72
C PHE B 46 37.24 8.30 -6.62
N TRP B 47 37.82 7.17 -7.02
CA TRP B 47 38.23 6.16 -6.04
C TRP B 47 39.14 6.72 -4.94
N LEU B 48 40.20 7.44 -5.32
CA LEU B 48 41.08 8.09 -4.36
C LEU B 48 40.35 9.07 -3.43
N ALA B 49 39.39 9.81 -4.00
CA ALA B 49 38.64 10.81 -3.24
C ALA B 49 37.78 10.14 -2.18
N CYS B 50 37.36 8.91 -2.47
CA CYS B 50 36.63 8.15 -1.48
C CYS B 50 37.55 7.63 -0.36
N GLU B 51 38.76 7.22 -0.70
CA GLU B 51 39.66 6.65 0.31
C GLU B 51 40.01 7.69 1.36
N GLU B 52 40.08 8.90 0.86
CA GLU B 52 40.44 10.05 1.63
C GLU B 52 39.24 10.48 2.46
N PHE B 53 38.07 10.54 1.85
CA PHE B 53 36.82 10.84 2.56
C PHE B 53 36.56 9.90 3.76
N LYS B 54 37.00 8.66 3.65
CA LYS B 54 36.92 7.72 4.77
C LYS B 54 37.79 8.14 5.97
N LYS B 55 38.81 8.97 5.73
CA LYS B 55 39.75 9.43 6.79
C LYS B 55 39.23 10.58 7.64
N THR B 56 38.18 11.25 7.16
CA THR B 56 37.64 12.46 7.79
C THR B 56 37.21 12.27 9.24
N ARG B 57 37.52 13.25 10.09
CA ARG B 57 37.25 13.17 11.53
C ARG B 57 36.10 14.07 12.00
N SER B 58 36.16 15.32 11.58
CA SER B 58 35.09 16.30 11.86
C SER B 58 33.80 16.01 11.06
N THR B 59 32.68 15.92 11.75
CA THR B 59 31.36 15.77 11.12
C THR B 59 31.02 16.96 10.23
N ALA B 60 31.42 18.13 10.68
CA ALA B 60 31.27 19.36 9.90
C ALA B 60 31.92 19.22 8.54
N LYS B 61 33.19 18.81 8.53
CA LYS B 61 33.91 18.59 7.27
C LYS B 61 33.24 17.48 6.43
N LEU B 62 32.81 16.40 7.09
CA LEU B 62 32.23 15.26 6.41
C LEU B 62 31.06 15.69 5.51
N VAL B 63 30.15 16.47 6.05
CA VAL B 63 28.92 16.81 5.35
C VAL B 63 29.20 17.51 4.03
N SER B 64 29.91 18.63 4.10
CA SER B 64 30.17 19.40 2.90
C SER B 64 31.10 18.65 1.92
N LYS B 65 32.02 17.85 2.45
CA LYS B 65 32.88 17.03 1.58
C LYS B 65 32.12 15.97 0.77
N ALA B 66 31.07 15.42 1.34
CA ALA B 66 30.23 14.48 0.65
C ALA B 66 29.56 15.20 -0.51
N HIS B 67 29.08 16.41 -0.25
CA HIS B 67 28.45 17.19 -1.31
C HIS B 67 29.41 17.50 -2.43
N ARG B 68 30.64 17.88 -2.11
CA ARG B 68 31.64 18.18 -3.13
C ARG B 68 31.84 16.97 -4.01
N ILE B 69 32.06 15.83 -3.39
CA ILE B 69 32.36 14.60 -4.11
C ILE B 69 31.19 14.16 -5.01
N PHE B 70 29.99 14.30 -4.49
CA PHE B 70 28.81 13.97 -5.28
C PHE B 70 28.63 14.93 -6.50
N GLU B 71 28.60 16.21 -6.23
CA GLU B 71 28.55 17.21 -7.28
C GLU B 71 29.67 16.98 -8.31
N GLU B 72 30.82 16.52 -7.86
CA GLU B 72 31.95 16.37 -8.76
C GLU B 72 31.97 15.09 -9.63
N PHE B 73 31.54 13.96 -9.06
CA PHE B 73 31.73 12.66 -9.72
C PHE B 73 30.47 11.87 -9.94
N VAL B 74 29.42 12.11 -9.17
CA VAL B 74 28.32 11.15 -9.16
C VAL B 74 27.08 11.61 -9.89
N ASP B 75 26.68 12.85 -9.67
CA ASP B 75 25.42 13.31 -10.22
C ASP B 75 25.43 13.24 -11.71
N VAL B 76 24.26 13.13 -12.30
CA VAL B 76 24.15 13.20 -13.73
C VAL B 76 24.67 14.58 -14.18
N GLN B 77 25.45 14.64 -15.25
CA GLN B 77 26.08 15.90 -15.78
C GLN B 77 27.23 16.42 -14.92
N ALA B 78 27.66 15.65 -13.94
CA ALA B 78 28.80 16.01 -13.14
C ALA B 78 30.01 16.18 -14.05
N PRO B 79 30.87 17.13 -13.75
CA PRO B 79 32.02 17.38 -14.60
C PRO B 79 32.93 16.18 -14.77
N ARG B 80 32.98 15.32 -13.77
CA ARG B 80 33.77 14.08 -13.90
C ARG B 80 32.97 12.82 -13.63
N GLU B 81 31.81 12.74 -14.29
CA GLU B 81 30.84 11.75 -14.02
C GLU B 81 31.38 10.36 -14.28
N VAL B 82 31.28 9.53 -13.25
CA VAL B 82 31.71 8.13 -13.34
C VAL B 82 30.59 7.23 -13.85
N ASN B 83 30.95 6.25 -14.64
CA ASN B 83 29.99 5.28 -15.26
C ASN B 83 29.40 4.32 -14.21
N ILE B 84 28.24 4.66 -13.67
CA ILE B 84 27.50 3.80 -12.72
C ILE B 84 26.02 3.73 -13.05
N ASP B 85 25.34 2.76 -12.49
CA ASP B 85 23.94 2.55 -12.81
C ASP B 85 23.01 3.42 -11.97
N PHE B 86 21.79 3.59 -12.47
CA PHE B 86 20.82 4.46 -11.86
C PHE B 86 20.64 4.20 -10.38
N GLN B 87 20.63 2.93 -9.99
CA GLN B 87 20.37 2.54 -8.61
C GLN B 87 21.46 2.95 -7.63
N THR B 88 22.69 2.74 -8.06
CA THR B 88 23.83 3.11 -7.29
C THR B 88 23.86 4.62 -7.18
N ARG B 89 23.59 5.30 -8.28
CA ARG B 89 23.51 6.76 -8.22
C ARG B 89 22.48 7.24 -7.19
N GLU B 90 21.30 6.66 -7.24
CA GLU B 90 20.21 7.08 -6.36
C GLU B 90 20.40 6.68 -4.90
N ALA B 91 20.94 5.50 -4.66
CA ALA B 91 21.27 5.06 -3.33
C ALA B 91 22.26 6.04 -2.71
N THR B 92 23.19 6.50 -3.52
CA THR B 92 24.17 7.49 -3.10
C THR B 92 23.51 8.83 -2.73
N ARG B 93 22.53 9.26 -3.53
CA ARG B 93 21.80 10.47 -3.25
C ARG B 93 21.06 10.38 -1.91
N LYS B 94 20.46 9.22 -1.64
CA LYS B 94 19.77 8.98 -0.35
C LYS B 94 20.76 9.07 0.79
N ASN B 95 21.86 8.35 0.66
CA ASN B 95 22.91 8.39 1.67
C ASN B 95 23.36 9.79 2.03
N LEU B 96 23.29 10.67 1.02
CA LEU B 96 23.81 12.03 1.08
C LEU B 96 23.02 12.92 2.04
N GLN B 97 21.75 12.60 2.24
CA GLN B 97 20.89 13.42 3.09
C GLN B 97 21.09 13.17 4.58
N GLU B 98 21.74 12.06 4.94
CA GLU B 98 22.25 11.85 6.30
C GLU B 98 23.65 11.22 6.24
N PRO B 99 24.65 12.02 5.80
CA PRO B 99 25.95 11.51 5.34
C PRO B 99 26.81 10.88 6.41
N SER B 100 27.40 9.73 6.07
CA SER B 100 28.27 8.97 6.97
C SER B 100 29.56 8.55 6.25
N LEU B 101 30.37 7.71 6.89
CA LEU B 101 31.62 7.24 6.29
C LEU B 101 31.44 6.18 5.21
N THR B 102 30.22 5.69 5.09
CA THR B 102 29.90 4.63 4.13
C THR B 102 29.14 5.18 2.95
N CYS B 103 29.05 6.49 2.88
CA CYS B 103 28.17 7.14 1.95
C CYS B 103 28.42 6.68 0.52
N PHE B 104 29.67 6.50 0.15
CA PHE B 104 30.00 6.10 -1.20
C PHE B 104 30.45 4.67 -1.37
N ASP B 105 30.27 3.83 -0.37
CA ASP B 105 30.81 2.48 -0.50
C ASP B 105 30.29 1.78 -1.74
N GLN B 106 29.00 1.89 -2.00
CA GLN B 106 28.44 1.19 -3.14
C GLN B 106 29.05 1.66 -4.46
N ALA B 107 29.02 2.98 -4.68
CA ALA B 107 29.63 3.63 -5.87
C ALA B 107 31.16 3.44 -5.99
N GLN B 108 31.88 3.57 -4.89
CA GLN B 108 33.31 3.33 -4.94
C GLN B 108 33.57 1.90 -5.41
N GLY B 109 32.74 0.95 -4.94
CA GLY B 109 32.79 -0.46 -5.37
C GLY B 109 32.62 -0.65 -6.86
N LYS B 110 31.57 -0.05 -7.42
CA LYS B 110 31.31 -0.19 -8.85
C LYS B 110 32.44 0.36 -9.68
N VAL B 111 32.98 1.47 -9.25
CA VAL B 111 34.09 2.06 -9.97
C VAL B 111 35.36 1.23 -9.84
N HIS B 112 35.56 0.66 -8.66
CA HIS B 112 36.72 -0.17 -8.39
C HIS B 112 36.64 -1.25 -9.40
N SER B 113 35.43 -1.80 -9.48
CA SER B 113 35.16 -2.94 -10.32
C SER B 113 35.42 -2.65 -11.81
N LEU B 114 34.87 -1.56 -12.27
CA LEU B 114 35.07 -1.03 -13.59
C LEU B 114 36.55 -0.97 -13.98
N MET B 115 37.34 -0.27 -13.18
CA MET B 115 38.77 -0.27 -13.39
C MET B 115 39.31 -1.69 -13.40
N GLU B 116 39.00 -2.47 -12.37
CA GLU B 116 39.68 -3.75 -12.21
C GLU B 116 39.50 -4.73 -13.37
N LYS B 117 38.30 -4.83 -13.92
CA LYS B 117 38.03 -5.79 -14.97
C LYS B 117 38.35 -5.29 -16.40
N ASP B 118 38.34 -3.97 -16.58
CA ASP B 118 38.52 -3.38 -17.91
C ASP B 118 39.90 -2.75 -18.12
N SER B 119 40.18 -1.66 -17.42
CA SER B 119 41.41 -0.92 -17.67
C SER B 119 42.68 -1.66 -17.20
N TYR B 120 42.60 -2.24 -16.01
CA TYR B 120 43.77 -2.88 -15.42
C TYR B 120 44.34 -3.96 -16.34
N PRO B 121 43.52 -4.91 -16.79
CA PRO B 121 44.11 -5.93 -17.64
C PRO B 121 44.76 -5.36 -18.91
N ARG B 122 44.16 -4.33 -19.50
CA ARG B 122 44.75 -3.68 -20.67
C ARG B 122 46.05 -2.97 -20.36
N PHE B 123 46.11 -2.34 -19.20
CA PHE B 123 47.34 -1.71 -18.78
C PHE B 123 48.45 -2.76 -18.69
N LEU B 124 48.14 -3.92 -18.12
CA LEU B 124 49.13 -5.01 -18.04
C LEU B 124 49.59 -5.53 -19.40
N ARG B 125 48.87 -5.21 -20.47
CA ARG B 125 49.31 -5.60 -21.80
C ARG B 125 49.85 -4.43 -22.60
N SER B 126 49.93 -3.27 -21.94
CA SER B 126 50.38 -2.07 -22.61
C SER B 126 51.89 -2.11 -22.84
N LYS B 127 52.32 -1.40 -23.87
CA LYS B 127 53.71 -1.31 -24.17
C LYS B 127 54.38 -0.55 -23.03
N MET B 128 53.69 0.46 -22.50
CA MET B 128 54.22 1.30 -21.43
C MET B 128 54.56 0.46 -20.19
N TYR B 129 53.71 -0.51 -19.87
CA TYR B 129 53.96 -1.42 -18.74
C TYR B 129 55.00 -2.45 -19.14
N LEU B 130 54.81 -3.12 -20.27
CA LEU B 130 55.76 -4.15 -20.70
C LEU B 130 57.20 -3.68 -20.85
N ASP B 131 57.41 -2.43 -21.23
CA ASP B 131 58.78 -1.87 -21.36
C ASP B 131 59.54 -1.87 -20.01
N LEU B 132 58.80 -1.77 -18.90
CA LEU B 132 59.35 -1.73 -17.53
C LEU B 132 59.78 -3.11 -17.02
N LEU B 133 59.41 -4.16 -17.75
CA LEU B 133 59.79 -5.56 -17.43
C LEU B 133 61.11 -6.05 -18.08
N SER B 134 61.45 -5.56 -19.26
CA SER B 134 62.67 -6.02 -19.98
C SER B 134 63.76 -4.97 -19.97
N ARG C 1 -41.36 13.62 11.09
CA ARG C 1 -39.86 13.53 11.02
C ARG C 1 -39.39 12.10 10.64
N ARG C 2 -39.76 11.70 9.43
CA ARG C 2 -39.19 10.55 8.74
C ARG C 2 -37.87 10.99 8.08
N GLU C 3 -36.74 10.40 8.49
CA GLU C 3 -35.41 10.96 8.16
C GLU C 3 -34.38 9.98 7.56
N LEU C 4 -33.73 10.34 6.46
CA LEU C 4 -32.78 9.42 5.81
C LEU C 4 -31.42 10.03 5.69
N LYS C 5 -30.38 9.21 5.84
CA LYS C 5 -29.02 9.64 5.80
C LYS C 5 -28.34 9.27 4.50
N LEU C 6 -27.78 10.26 3.81
CA LEU C 6 -27.11 10.04 2.53
C LEU C 6 -25.71 10.67 2.56
N LEU C 7 -24.72 9.87 2.19
CA LEU C 7 -23.36 10.30 2.20
C LEU C 7 -23.00 10.75 0.80
N LEU C 8 -22.27 11.86 0.69
CA LEU C 8 -21.64 12.28 -0.55
C LEU C 8 -20.16 11.93 -0.43
N LEU C 9 -19.72 10.96 -1.19
CA LEU C 9 -18.35 10.48 -1.02
C LEU C 9 -17.64 10.64 -2.34
N GLY C 10 -16.32 10.74 -2.26
CA GLY C 10 -15.51 10.88 -3.47
C GLY C 10 -14.17 11.51 -3.16
N THR C 11 -13.23 11.34 -4.07
CA THR C 11 -11.91 11.96 -3.98
C THR C 11 -11.95 13.49 -4.05
N GLY C 12 -10.82 14.14 -3.82
CA GLY C 12 -10.79 15.59 -3.79
C GLY C 12 -11.27 16.19 -5.06
N GLU C 13 -12.06 17.26 -4.98
CA GLU C 13 -12.51 18.04 -6.16
C GLU C 13 -13.47 17.29 -7.08
N SER C 14 -14.10 16.23 -6.59
CA SER C 14 -15.10 15.51 -7.38
C SER C 14 -16.32 16.32 -7.60
N GLY C 15 -16.64 17.20 -6.68
CA GLY C 15 -17.86 17.99 -6.79
C GLY C 15 -18.84 17.86 -5.65
N LYS C 16 -18.39 17.29 -4.52
CA LYS C 16 -19.29 16.99 -3.40
C LYS C 16 -19.88 18.26 -2.78
N SER C 17 -19.07 19.26 -2.52
CA SER C 17 -19.62 20.47 -1.96
C SER C 17 -20.56 21.20 -2.96
N THR C 18 -20.32 21.03 -4.26
CA THR C 18 -21.13 21.75 -5.27
C THR C 18 -22.54 21.15 -5.25
N PHE C 19 -22.61 19.86 -5.04
CA PHE C 19 -23.88 19.22 -4.77
C PHE C 19 -24.65 19.80 -3.63
N ILE C 20 -23.97 20.05 -2.52
CA ILE C 20 -24.63 20.60 -1.35
C ILE C 20 -25.19 21.95 -1.68
N LYS C 21 -24.40 22.76 -2.39
CA LYS C 21 -24.89 24.06 -2.81
C LYS C 21 -26.16 23.98 -3.61
N GLN C 22 -26.23 22.99 -4.50
CA GLN C 22 -27.41 22.84 -5.33
C GLN C 22 -28.62 22.45 -4.49
N MET C 23 -28.40 21.68 -3.45
CA MET C 23 -29.47 21.33 -2.52
C MET C 23 -30.03 22.55 -1.82
N ARG C 24 -29.12 23.48 -1.51
CA ARG C 24 -29.50 24.68 -0.82
C ARG C 24 -30.31 25.56 -1.78
N ILE C 25 -29.93 25.55 -3.05
CA ILE C 25 -30.64 26.32 -4.08
C ILE C 25 -32.03 25.70 -4.34
N ILE C 26 -32.07 24.39 -4.48
CA ILE C 26 -33.28 23.67 -4.91
C ILE C 26 -34.28 23.43 -3.77
N HIS C 27 -33.77 23.12 -2.58
CA HIS C 27 -34.60 22.67 -1.46
C HIS C 27 -34.30 23.36 -0.14
N GLY C 28 -33.32 24.25 -0.12
CA GLY C 28 -32.99 24.95 1.10
C GLY C 28 -33.37 26.42 1.01
N SER C 29 -32.77 27.19 1.91
CA SER C 29 -32.88 28.65 1.94
C SER C 29 -32.36 29.43 0.69
N GLY C 30 -31.63 28.81 -0.23
CA GLY C 30 -31.13 29.53 -1.39
C GLY C 30 -29.99 30.49 -1.06
N TYR C 31 -29.63 31.31 -2.04
CA TYR C 31 -28.56 32.32 -1.94
C TYR C 31 -29.12 33.75 -2.27
N SER C 32 -29.41 34.50 -1.22
CA SER C 32 -29.89 35.88 -1.32
C SER C 32 -28.78 36.78 -1.86
N ASP C 33 -29.16 37.98 -2.28
CA ASP C 33 -28.18 39.00 -2.64
C ASP C 33 -27.12 39.19 -1.56
N GLU C 34 -27.55 39.26 -0.32
CA GLU C 34 -26.62 39.44 0.79
C GLU C 34 -25.69 38.24 0.94
N ASP C 35 -26.26 37.04 0.76
CA ASP C 35 -25.46 35.82 0.73
C ASP C 35 -24.36 35.91 -0.35
N LYS C 36 -24.73 36.32 -1.57
CA LYS C 36 -23.79 36.35 -2.71
C LYS C 36 -22.57 37.27 -2.51
N ARG C 37 -22.79 38.46 -1.94
CA ARG C 37 -21.71 39.34 -1.49
C ARG C 37 -20.69 38.66 -0.59
N GLY C 38 -21.16 37.77 0.27
CA GLY C 38 -20.29 36.85 1.06
C GLY C 38 -19.19 36.17 0.23
N PHE C 39 -19.50 35.93 -1.05
CA PHE C 39 -18.57 35.23 -1.98
C PHE C 39 -17.61 36.10 -2.80
N THR C 40 -17.79 37.41 -2.76
CA THR C 40 -16.95 38.32 -3.53
C THR C 40 -15.43 38.10 -3.24
N LYS C 41 -15.06 38.09 -1.96
CA LYS C 41 -13.68 37.89 -1.54
C LYS C 41 -13.10 36.58 -2.04
N LEU C 42 -13.93 35.55 -2.09
CA LEU C 42 -13.51 34.25 -2.59
C LEU C 42 -13.31 34.19 -4.09
N VAL C 43 -14.18 34.85 -4.82
CA VAL C 43 -13.99 34.95 -6.24
C VAL C 43 -12.66 35.63 -6.47
N TYR C 44 -12.41 36.71 -5.73
CA TYR C 44 -11.13 37.40 -5.92
C TYR C 44 -9.98 36.47 -5.63
N GLN C 45 -10.05 35.78 -4.50
CA GLN C 45 -8.93 34.94 -4.09
C GLN C 45 -8.71 33.76 -5.04
N ASN C 46 -9.78 33.25 -5.63
CA ASN C 46 -9.64 32.16 -6.62
C ASN C 46 -8.88 32.59 -7.84
N ILE C 47 -9.25 33.75 -8.35
CA ILE C 47 -8.53 34.37 -9.45
C ILE C 47 -7.03 34.52 -9.13
N PHE C 48 -6.71 35.20 -8.04
CA PHE C 48 -5.31 35.43 -7.67
C PHE C 48 -4.55 34.10 -7.63
N THR C 49 -5.12 33.14 -6.90
CA THR C 49 -4.55 31.81 -6.78
C THR C 49 -4.33 31.13 -8.13
N ALA C 50 -5.31 31.18 -9.02
CA ALA C 50 -5.12 30.56 -10.32
C ALA C 50 -3.89 31.16 -11.06
N MET C 51 -3.85 32.48 -11.10
CA MET C 51 -2.75 33.15 -11.76
C MET C 51 -1.41 32.87 -11.09
N GLN C 52 -1.40 32.71 -9.78
CA GLN C 52 -0.11 32.42 -9.11
C GLN C 52 0.45 31.06 -9.51
N ALA C 53 -0.47 30.11 -9.63
CA ALA C 53 -0.12 28.72 -9.97
C ALA C 53 0.47 28.59 -11.35
N MET C 54 -0.10 29.35 -12.29
CA MET C 54 0.36 29.35 -13.68
C MET C 54 1.75 29.96 -13.73
N ILE C 55 1.89 31.05 -12.99
CA ILE C 55 3.15 31.75 -12.90
C ILE C 55 4.17 30.76 -12.39
N ARG C 56 3.92 30.11 -11.27
CA ARG C 56 4.92 29.15 -10.79
C ARG C 56 5.17 28.06 -11.86
N ALA C 57 4.15 27.72 -12.62
CA ALA C 57 4.28 26.69 -13.67
C ALA C 57 5.19 27.08 -14.83
N MET C 58 5.13 28.33 -15.24
CA MET C 58 6.09 28.85 -16.22
C MET C 58 7.53 28.46 -15.92
N ASP C 59 7.91 28.51 -14.65
CA ASP C 59 9.28 28.19 -14.23
C ASP C 59 9.53 26.70 -14.13
N THR C 60 8.55 26.00 -13.58
CA THR C 60 8.62 24.56 -13.43
C THR C 60 8.72 23.85 -14.79
N LEU C 61 7.99 24.34 -15.79
CA LEU C 61 7.85 23.67 -17.08
C LEU C 61 8.77 24.25 -18.13
N LYS C 62 9.48 25.30 -17.73
CA LYS C 62 10.43 26.04 -18.56
C LYS C 62 9.82 26.58 -19.86
N ILE C 63 8.77 27.36 -19.68
CA ILE C 63 8.11 28.02 -20.80
C ILE C 63 8.44 29.53 -20.76
N PRO C 64 8.91 30.12 -21.89
CA PRO C 64 9.17 31.56 -21.85
C PRO C 64 7.88 32.41 -21.95
N TYR C 65 7.93 33.64 -21.44
CA TYR C 65 6.85 34.62 -21.68
C TYR C 65 6.97 35.15 -23.11
N LYS C 66 5.83 35.32 -23.79
CA LYS C 66 5.90 35.81 -25.17
C LYS C 66 6.05 37.35 -25.25
N TYR C 67 5.36 38.06 -24.37
CA TYR C 67 5.54 39.50 -24.27
C TYR C 67 6.38 39.86 -23.04
N GLU C 68 7.51 40.52 -23.29
CA GLU C 68 8.49 40.90 -22.26
C GLU C 68 7.90 41.67 -21.03
N HIS C 69 7.03 42.66 -21.29
CA HIS C 69 6.35 43.44 -20.20
C HIS C 69 5.57 42.55 -19.20
N ASN C 70 5.11 41.39 -19.63
CA ASN C 70 4.37 40.49 -18.74
C ASN C 70 5.20 39.83 -17.63
N LYS C 71 6.53 39.90 -17.72
CA LYS C 71 7.38 39.38 -16.64
C LYS C 71 7.32 40.25 -15.41
N ALA C 72 7.24 41.57 -15.60
CA ALA C 72 7.04 42.52 -14.50
C ALA C 72 5.66 42.30 -13.89
N HIS C 73 4.67 42.14 -14.74
CA HIS C 73 3.33 41.83 -14.25
C HIS C 73 3.30 40.52 -13.42
N ALA C 74 4.05 39.50 -13.83
CA ALA C 74 4.16 38.24 -13.07
C ALA C 74 4.90 38.40 -11.75
N GLN C 75 5.95 39.20 -11.75
CA GLN C 75 6.63 39.58 -10.52
C GLN C 75 5.59 40.17 -9.54
N LEU C 76 4.80 41.14 -10.01
CA LEU C 76 3.79 41.83 -9.18
C LEU C 76 2.80 40.86 -8.56
N VAL C 77 2.19 40.05 -9.40
CA VAL C 77 1.14 39.13 -8.98
C VAL C 77 1.67 38.06 -8.03
N ARG C 78 2.83 37.47 -8.36
CA ARG C 78 3.41 36.40 -7.54
C ARG C 78 3.70 36.84 -6.10
N GLU C 79 4.03 38.12 -5.93
CA GLU C 79 4.35 38.68 -4.61
C GLU C 79 3.17 38.83 -3.67
N VAL C 80 1.97 38.68 -4.20
CA VAL C 80 0.75 38.95 -3.46
C VAL C 80 0.39 37.83 -2.46
N ASP C 81 0.05 38.23 -1.24
CA ASP C 81 -0.50 37.35 -0.18
C ASP C 81 -2.01 37.18 -0.37
N VAL C 82 -2.42 35.99 -0.77
CA VAL C 82 -3.80 35.77 -1.13
C VAL C 82 -4.76 35.90 0.08
N GLU C 83 -4.30 35.43 1.24
CA GLU C 83 -5.06 35.57 2.50
C GLU C 83 -5.54 37.01 2.79
N LYS C 84 -4.72 38.01 2.47
CA LYS C 84 -5.05 39.41 2.81
C LYS C 84 -5.81 40.17 1.71
N VAL C 85 -6.09 39.49 0.60
CA VAL C 85 -6.85 40.06 -0.53
C VAL C 85 -8.32 40.33 -0.17
N SER C 86 -8.72 41.59 -0.25
CA SER C 86 -10.13 42.02 -0.09
C SER C 86 -10.76 42.71 -1.32
N ALA C 87 -9.97 43.34 -2.17
CA ALA C 87 -10.49 44.09 -3.32
C ALA C 87 -9.89 43.58 -4.61
N PHE C 88 -10.45 44.01 -5.74
CA PHE C 88 -9.89 43.67 -7.05
C PHE C 88 -9.75 44.96 -7.87
N GLU C 89 -8.56 45.53 -7.85
CA GLU C 89 -8.32 46.84 -8.45
C GLU C 89 -7.04 46.91 -9.24
N ASN C 90 -6.93 47.99 -10.03
CA ASN C 90 -5.66 48.31 -10.62
C ASN C 90 -4.63 48.60 -9.51
N PRO C 91 -3.35 48.30 -9.77
CA PRO C 91 -2.87 47.80 -11.08
C PRO C 91 -3.09 46.27 -11.32
N TYR C 92 -3.65 45.55 -10.33
CA TYR C 92 -3.79 44.08 -10.38
C TYR C 92 -4.71 43.53 -11.47
N VAL C 93 -5.81 44.24 -11.74
CA VAL C 93 -6.76 43.80 -12.77
C VAL C 93 -6.00 43.63 -14.09
N ASP C 94 -5.30 44.69 -14.46
CA ASP C 94 -4.61 44.76 -15.72
C ASP C 94 -3.40 43.85 -15.84
N ALA C 95 -2.65 43.69 -14.76
CA ALA C 95 -1.53 42.73 -14.77
C ALA C 95 -2.00 41.28 -15.09
N ILE C 96 -3.10 40.87 -14.45
CA ILE C 96 -3.69 39.56 -14.69
C ILE C 96 -4.36 39.51 -16.06
N LYS C 97 -5.11 40.57 -16.41
CA LYS C 97 -5.77 40.68 -17.73
C LYS C 97 -4.71 40.51 -18.82
N SER C 98 -3.59 41.16 -18.61
CA SER C 98 -2.48 41.09 -19.58
C SER C 98 -1.89 39.67 -19.55
N LEU C 99 -1.57 39.16 -18.36
CA LEU C 99 -0.96 37.82 -18.27
C LEU C 99 -1.83 36.68 -18.87
N TRP C 100 -3.15 36.80 -18.74
CA TRP C 100 -4.09 35.82 -19.30
C TRP C 100 -3.97 35.79 -20.82
N ASN C 101 -3.65 36.94 -21.43
CA ASN C 101 -3.49 37.04 -22.90
C ASN C 101 -2.19 36.54 -23.50
N ASP C 102 -1.13 36.44 -22.70
CA ASP C 102 0.19 35.96 -23.18
C ASP C 102 0.11 34.47 -23.63
N PRO C 103 0.41 34.21 -24.92
CA PRO C 103 0.40 32.86 -25.52
C PRO C 103 1.27 31.85 -24.77
N GLY C 104 2.36 32.33 -24.17
CA GLY C 104 3.22 31.47 -23.34
C GLY C 104 2.47 30.94 -22.11
N ILE C 105 1.64 31.80 -21.53
CA ILE C 105 0.78 31.44 -20.43
C ILE C 105 -0.36 30.52 -20.92
N GLN C 106 -0.82 30.75 -22.15
CA GLN C 106 -1.83 29.88 -22.76
C GLN C 106 -1.30 28.48 -22.97
N GLU C 107 -0.05 28.35 -23.44
CA GLU C 107 0.61 27.04 -23.52
C GLU C 107 0.69 26.39 -22.14
N CYS C 108 0.94 27.21 -21.14
CA CYS C 108 0.99 26.76 -19.76
C CYS C 108 -0.39 26.35 -19.20
N TYR C 109 -1.43 27.13 -19.51
CA TYR C 109 -2.78 26.75 -19.18
C TYR C 109 -3.15 25.42 -19.87
N ASP C 110 -3.04 25.39 -21.19
CA ASP C 110 -3.12 24.16 -21.97
C ASP C 110 -2.32 22.98 -21.42
N ARG C 111 -1.29 23.23 -20.60
CA ARG C 111 -0.51 22.13 -20.02
C ARG C 111 -0.80 21.90 -18.54
N ARG C 112 -1.92 22.47 -18.09
CA ARG C 112 -2.34 22.41 -16.67
C ARG C 112 -2.36 21.04 -15.99
N ARG C 113 -2.55 19.92 -16.71
CA ARG C 113 -2.45 18.59 -16.09
C ARG C 113 -1.07 18.25 -15.48
N GLU C 114 -0.07 19.00 -15.94
CA GLU C 114 1.26 18.75 -15.38
C GLU C 114 1.50 19.49 -14.07
N TYR C 115 0.52 20.24 -13.58
CA TYR C 115 0.59 20.88 -12.25
C TYR C 115 -0.84 20.91 -11.66
N GLN C 116 -1.14 21.80 -10.72
CA GLN C 116 -2.45 21.82 -10.05
C GLN C 116 -3.13 23.19 -10.25
N LEU C 117 -4.13 23.23 -11.12
CA LEU C 117 -4.89 24.43 -11.38
C LEU C 117 -6.35 24.13 -11.24
N SER C 118 -7.03 25.00 -10.53
CA SER C 118 -8.38 24.76 -10.13
C SER C 118 -9.24 24.81 -11.39
N ASP C 119 -10.30 23.99 -11.41
CA ASP C 119 -11.18 23.81 -12.59
C ASP C 119 -11.94 25.05 -13.10
N SER C 120 -12.24 26.04 -12.25
CA SER C 120 -13.07 27.18 -12.69
C SER C 120 -12.23 28.40 -13.19
N THR C 121 -10.91 28.20 -13.27
CA THR C 121 -9.96 29.20 -13.74
C THR C 121 -10.38 29.88 -15.03
N LYS C 122 -10.50 29.13 -16.13
CA LYS C 122 -10.95 29.69 -17.40
C LYS C 122 -12.31 30.42 -17.30
N TYR C 123 -13.25 29.87 -16.55
CA TYR C 123 -14.56 30.51 -16.39
C TYR C 123 -14.40 31.93 -15.84
N TYR C 124 -13.59 32.11 -14.80
CA TYR C 124 -13.38 33.45 -14.20
C TYR C 124 -12.50 34.38 -15.08
N LEU C 125 -11.40 33.87 -15.60
CA LEU C 125 -10.42 34.70 -16.26
C LEU C 125 -10.83 35.21 -17.64
N ASN C 126 -11.87 34.61 -18.21
CA ASN C 126 -12.47 35.14 -19.44
C ASN C 126 -13.54 36.16 -19.17
N ASP C 127 -13.81 36.42 -17.91
CA ASP C 127 -14.90 37.32 -17.57
C ASP C 127 -14.36 38.39 -16.62
N LEU C 128 -13.07 38.69 -16.72
CA LEU C 128 -12.43 39.55 -15.71
C LEU C 128 -13.08 40.92 -15.58
N ASP C 129 -13.49 41.51 -16.71
CA ASP C 129 -14.19 42.82 -16.70
C ASP C 129 -15.47 42.82 -15.86
N ARG C 130 -16.26 41.75 -15.99
CA ARG C 130 -17.43 41.61 -15.15
C ARG C 130 -17.04 41.61 -13.67
N VAL C 131 -15.93 40.94 -13.35
CA VAL C 131 -15.46 40.76 -11.96
C VAL C 131 -14.73 41.98 -11.37
N ALA C 132 -13.92 42.62 -12.22
CA ALA C 132 -13.19 43.87 -11.91
C ALA C 132 -14.10 45.06 -11.65
N ASP C 133 -15.30 45.06 -12.23
CA ASP C 133 -16.30 46.08 -11.94
C ASP C 133 -16.38 46.41 -10.43
N PRO C 134 -16.39 47.72 -10.08
CA PRO C 134 -16.43 48.12 -8.65
C PRO C 134 -17.72 47.75 -7.92
N SER C 135 -18.79 47.49 -8.67
CA SER C 135 -20.10 47.16 -8.11
C SER C 135 -20.44 45.69 -8.45
N TYR C 136 -19.38 44.92 -8.63
CA TYR C 136 -19.47 43.55 -9.03
C TYR C 136 -20.34 42.80 -8.03
N LEU C 137 -21.32 42.06 -8.52
CA LEU C 137 -22.07 41.15 -7.68
C LEU C 137 -21.98 39.72 -8.22
N PRO C 138 -21.44 38.78 -7.43
CA PRO C 138 -21.40 37.39 -7.87
C PRO C 138 -22.77 36.84 -8.30
N THR C 139 -22.79 36.19 -9.46
CA THR C 139 -23.96 35.49 -9.96
C THR C 139 -24.09 34.17 -9.17
N GLN C 140 -25.26 33.54 -9.22
CA GLN C 140 -25.46 32.22 -8.62
C GLN C 140 -24.47 31.17 -9.20
N GLN C 141 -24.22 31.26 -10.50
CA GLN C 141 -23.20 30.44 -11.15
C GLN C 141 -21.80 30.73 -10.57
N ASP C 142 -21.43 32.02 -10.39
CA ASP C 142 -20.15 32.32 -9.73
C ASP C 142 -20.01 31.60 -8.39
N VAL C 143 -21.11 31.54 -7.64
CA VAL C 143 -21.12 30.88 -6.35
C VAL C 143 -20.89 29.39 -6.54
N LEU C 144 -21.65 28.79 -7.44
CA LEU C 144 -21.46 27.38 -7.77
C LEU C 144 -20.06 27.03 -8.25
N ARG C 145 -19.36 28.01 -8.83
CA ARG C 145 -18.03 27.81 -9.46
C ARG C 145 -16.83 27.96 -8.53
N VAL C 146 -17.08 28.50 -7.36
CA VAL C 146 -16.02 28.90 -6.49
C VAL C 146 -15.39 27.67 -5.84
N ARG C 147 -14.08 27.66 -5.67
CA ARG C 147 -13.36 26.55 -5.09
C ARG C 147 -13.05 26.83 -3.62
N VAL C 148 -13.58 26.00 -2.73
CA VAL C 148 -13.29 26.08 -1.30
C VAL C 148 -13.17 24.65 -0.84
N PRO C 149 -11.92 24.24 -0.50
CA PRO C 149 -11.65 22.88 -0.04
C PRO C 149 -12.38 22.55 1.25
N THR C 150 -13.02 21.39 1.29
CA THR C 150 -13.70 20.90 2.49
C THR C 150 -12.74 20.17 3.40
N THR C 151 -12.90 20.39 4.70
CA THR C 151 -12.18 19.64 5.70
C THR C 151 -13.15 19.13 6.77
N GLY C 152 -13.13 17.84 7.06
CA GLY C 152 -13.98 17.30 8.11
C GLY C 152 -15.26 16.73 7.54
N ILE C 153 -16.28 16.62 8.38
CA ILE C 153 -17.52 15.92 8.07
C ILE C 153 -18.68 16.75 8.52
N ILE C 154 -19.63 16.98 7.61
CA ILE C 154 -20.65 18.02 7.80
C ILE C 154 -22.01 17.53 7.36
N GLU C 155 -22.99 17.69 8.25
CA GLU C 155 -24.32 17.20 8.02
C GLU C 155 -25.11 18.39 7.65
N TYR C 156 -25.76 18.30 6.50
CA TYR C 156 -26.75 19.30 6.11
C TYR C 156 -28.10 18.64 5.96
N PRO C 157 -29.05 18.93 6.86
CA PRO C 157 -30.45 18.48 6.70
C PRO C 157 -31.26 19.34 5.74
N PHE C 158 -32.08 18.71 4.92
CA PHE C 158 -32.92 19.39 3.95
C PHE C 158 -34.32 18.79 4.00
N ASP C 159 -35.33 19.66 4.15
CA ASP C 159 -36.70 19.21 4.19
C ASP C 159 -37.23 19.20 2.77
N LEU C 160 -37.40 18.00 2.24
CA LEU C 160 -38.25 17.79 1.09
C LEU C 160 -39.61 17.45 1.72
N GLN C 161 -40.71 17.87 1.13
CA GLN C 161 -41.99 17.83 1.83
C GLN C 161 -42.22 16.48 2.55
N SER C 162 -42.09 15.39 1.80
CA SER C 162 -42.42 14.03 2.28
C SER C 162 -41.45 13.44 3.34
N VAL C 163 -40.16 13.76 3.21
CA VAL C 163 -39.09 13.16 4.03
C VAL C 163 -37.95 14.18 4.34
N ILE C 164 -37.22 13.99 5.45
CA ILE C 164 -35.96 14.74 5.63
C ILE C 164 -34.72 13.95 5.10
N PHE C 165 -33.97 14.57 4.19
CA PHE C 165 -32.68 14.05 3.80
C PHE C 165 -31.60 14.68 4.66
N ARG C 166 -30.83 13.86 5.31
CA ARG C 166 -29.71 14.32 6.09
C ARG C 166 -28.48 14.02 5.22
N MET C 167 -27.95 15.03 4.52
CA MET C 167 -26.85 14.86 3.57
C MET C 167 -25.52 15.06 4.26
N VAL C 168 -24.56 14.19 4.02
CA VAL C 168 -23.31 14.34 4.67
C VAL C 168 -22.25 14.60 3.66
N ASP C 169 -21.55 15.71 3.84
CA ASP C 169 -20.51 16.18 2.95
C ASP C 169 -19.20 15.88 3.67
N VAL C 170 -18.16 15.48 2.94
CA VAL C 170 -16.87 15.14 3.56
C VAL C 170 -15.69 15.68 2.73
N GLY C 171 -14.51 15.76 3.35
CA GLY C 171 -13.28 16.06 2.63
C GLY C 171 -12.83 14.78 1.88
N GLY C 172 -12.35 14.92 0.64
CA GLY C 172 -11.99 13.80 -0.22
C GLY C 172 -10.52 13.41 -0.31
N GLN C 173 -9.63 14.31 0.12
CA GLN C 173 -8.21 14.00 0.13
C GLN C 173 -7.93 12.82 1.03
N ARG C 174 -6.84 12.13 0.71
CA ARG C 174 -6.37 11.00 1.52
C ARG C 174 -6.37 11.24 3.02
N SER C 175 -5.87 12.39 3.49
CA SER C 175 -5.75 12.62 4.93
C SER C 175 -7.14 12.70 5.59
N GLU C 176 -8.12 13.19 4.84
CA GLU C 176 -9.48 13.29 5.34
C GLU C 176 -10.20 11.95 5.53
N ARG C 177 -9.85 10.97 4.71
CA ARG C 177 -10.60 9.71 4.64
C ARG C 177 -10.66 8.89 5.94
N ARG C 178 -9.65 9.05 6.77
CA ARG C 178 -9.67 8.43 8.08
C ARG C 178 -10.87 8.87 8.94
N LYS C 179 -11.47 10.00 8.59
CA LYS C 179 -12.51 10.55 9.43
C LYS C 179 -13.86 10.05 9.00
N TRP C 180 -13.91 9.45 7.81
CA TRP C 180 -15.19 8.99 7.26
C TRP C 180 -15.97 8.00 8.12
N ILE C 181 -15.27 7.31 9.03
CA ILE C 181 -15.85 6.29 9.90
C ILE C 181 -16.98 6.88 10.74
N HIS C 182 -16.81 8.16 11.09
CA HIS C 182 -17.79 8.90 11.88
C HIS C 182 -19.11 9.08 11.19
N CYS C 183 -19.19 8.81 9.89
CA CYS C 183 -20.48 8.95 9.28
C CYS C 183 -21.02 7.67 8.70
N PHE C 184 -20.37 6.54 8.97
CA PHE C 184 -20.70 5.30 8.25
C PHE C 184 -21.92 4.55 8.80
N GLU C 185 -22.45 4.99 9.91
CA GLU C 185 -23.47 4.23 10.53
C GLU C 185 -24.84 4.77 10.09
N ASN C 186 -25.80 3.86 9.93
CA ASN C 186 -27.19 4.17 9.51
C ASN C 186 -27.31 4.87 8.17
N VAL C 187 -26.47 4.51 7.23
CA VAL C 187 -26.51 5.11 5.92
C VAL C 187 -27.58 4.45 5.04
N THR C 188 -28.52 5.24 4.53
CA THR C 188 -29.53 4.72 3.62
C THR C 188 -28.97 4.54 2.23
N SER C 189 -28.12 5.47 1.85
CA SER C 189 -27.69 5.56 0.47
C SER C 189 -26.36 6.34 0.31
N ILE C 190 -25.55 5.94 -0.66
CA ILE C 190 -24.26 6.59 -0.94
C ILE C 190 -24.29 7.23 -2.32
N MET C 191 -23.99 8.49 -2.39
CA MET C 191 -23.76 9.12 -3.67
C MET C 191 -22.26 9.26 -3.86
N PHE C 192 -21.69 8.47 -4.76
CA PHE C 192 -20.26 8.51 -4.98
C PHE C 192 -19.95 9.34 -6.21
N LEU C 193 -19.19 10.40 -6.01
CA LEU C 193 -18.83 11.24 -7.12
C LEU C 193 -17.45 10.95 -7.68
N VAL C 194 -17.39 10.98 -9.00
CA VAL C 194 -16.17 10.88 -9.77
C VAL C 194 -16.16 11.96 -10.82
N ALA C 195 -15.08 12.71 -10.91
CA ALA C 195 -14.89 13.70 -11.93
C ALA C 195 -14.47 13.02 -13.25
N LEU C 196 -15.34 13.03 -14.24
CA LEU C 196 -15.02 12.52 -15.58
C LEU C 196 -13.73 13.10 -16.15
N SER C 197 -13.52 14.39 -15.92
CA SER C 197 -12.39 15.10 -16.47
C SER C 197 -11.06 14.81 -15.79
N GLU C 198 -11.02 14.07 -14.70
CA GLU C 198 -9.75 13.89 -13.97
C GLU C 198 -8.80 12.81 -14.57
N TYR C 199 -9.15 12.26 -15.72
CA TYR C 199 -8.43 11.09 -16.21
C TYR C 199 -6.96 11.34 -16.54
N ASP C 200 -6.63 12.59 -16.84
CA ASP C 200 -5.25 12.94 -17.17
C ASP C 200 -4.52 13.72 -16.07
N GLN C 201 -5.09 13.74 -14.87
CA GLN C 201 -4.53 14.52 -13.76
C GLN C 201 -3.88 13.66 -12.68
N VAL C 202 -3.09 14.28 -11.83
CA VAL C 202 -2.57 13.57 -10.66
C VAL C 202 -3.13 14.17 -9.36
N LEU C 203 -3.12 13.40 -8.28
CA LEU C 203 -3.59 13.86 -6.97
C LEU C 203 -2.79 15.08 -6.49
N VAL C 204 -3.45 16.04 -5.80
CA VAL C 204 -2.72 17.14 -5.13
C VAL C 204 -1.90 16.64 -3.95
N GLU C 205 -2.36 15.55 -3.34
CA GLU C 205 -1.82 15.09 -2.05
C GLU C 205 -0.56 14.28 -2.16
N SER C 206 -0.14 13.93 -3.37
CA SER C 206 1.04 13.09 -3.51
C SER C 206 1.83 13.33 -4.81
N ASP C 207 2.90 12.55 -5.00
CA ASP C 207 3.73 12.68 -6.18
C ASP C 207 3.22 11.80 -7.33
N ASN C 208 2.74 12.44 -8.38
CA ASN C 208 2.56 11.74 -9.66
C ASN C 208 1.72 10.43 -9.64
N GLU C 209 0.53 10.51 -9.04
CA GLU C 209 -0.41 9.41 -9.06
C GLU C 209 -1.71 9.84 -9.71
N ASN C 210 -2.11 9.07 -10.70
CA ASN C 210 -3.27 9.35 -11.49
C ASN C 210 -4.51 9.47 -10.65
N ARG C 211 -5.28 10.52 -10.93
CA ARG C 211 -6.48 10.82 -10.15
C ARG C 211 -7.60 9.80 -10.32
N MET C 212 -7.81 9.33 -11.53
CA MET C 212 -8.87 8.38 -11.76
C MET C 212 -8.50 7.00 -11.23
N GLU C 213 -7.23 6.60 -11.30
CA GLU C 213 -6.79 5.37 -10.63
C GLU C 213 -7.19 5.43 -9.16
N GLU C 214 -7.08 6.61 -8.57
CA GLU C 214 -7.44 6.73 -7.16
C GLU C 214 -8.95 6.61 -6.95
N SER C 215 -9.75 7.24 -7.80
CA SER C 215 -11.19 7.12 -7.68
C SER C 215 -11.68 5.68 -7.75
N LYS C 216 -11.11 4.92 -8.69
CA LYS C 216 -11.40 3.52 -8.87
C LYS C 216 -11.09 2.71 -7.64
N ALA C 217 -9.90 2.88 -7.14
CA ALA C 217 -9.52 2.17 -5.90
C ALA C 217 -10.50 2.53 -4.76
N LEU C 218 -10.83 3.80 -4.62
CA LEU C 218 -11.60 4.22 -3.46
C LEU C 218 -13.01 3.65 -3.58
N PHE C 219 -13.53 3.72 -4.78
CA PHE C 219 -14.86 3.23 -5.03
C PHE C 219 -14.97 1.73 -4.72
N ARG C 220 -13.99 0.98 -5.18
CA ARG C 220 -14.02 -0.44 -5.00
C ARG C 220 -13.98 -0.76 -3.51
N THR C 221 -13.18 -0.01 -2.79
CA THR C 221 -13.15 -0.17 -1.35
C THR C 221 -14.55 0.09 -0.75
N ILE C 222 -15.20 1.16 -1.15
CA ILE C 222 -16.45 1.50 -0.53
C ILE C 222 -17.50 0.40 -0.78
N ILE C 223 -17.55 -0.10 -2.00
CA ILE C 223 -18.56 -1.08 -2.43
C ILE C 223 -18.42 -2.38 -1.63
N THR C 224 -17.18 -2.71 -1.27
CA THR C 224 -16.91 -3.94 -0.59
C THR C 224 -17.15 -3.86 0.92
N TYR C 225 -17.35 -2.69 1.52
CA TYR C 225 -17.63 -2.68 2.97
C TYR C 225 -18.98 -3.33 3.27
N PRO C 226 -18.98 -4.26 4.22
CA PRO C 226 -20.23 -5.04 4.45
C PRO C 226 -21.34 -4.25 5.08
N TRP C 227 -21.00 -3.28 5.90
CA TRP C 227 -22.06 -2.46 6.45
C TRP C 227 -22.73 -1.61 5.37
N PHE C 228 -22.27 -1.65 4.15
CA PHE C 228 -22.98 -0.96 3.13
C PHE C 228 -23.72 -1.87 2.19
N GLN C 229 -23.84 -3.14 2.50
CA GLN C 229 -24.51 -4.02 1.59
C GLN C 229 -25.96 -3.58 1.34
N ASN C 230 -26.66 -3.15 2.39
CA ASN C 230 -28.02 -2.64 2.25
C ASN C 230 -28.20 -1.14 2.10
N SER C 231 -27.16 -0.43 1.66
CA SER C 231 -27.30 0.98 1.29
C SER C 231 -27.19 1.09 -0.20
N SER C 232 -28.10 1.81 -0.83
CA SER C 232 -28.08 1.87 -2.26
C SER C 232 -26.91 2.79 -2.67
N VAL C 233 -26.27 2.45 -3.77
CA VAL C 233 -25.07 3.14 -4.25
C VAL C 233 -25.36 3.80 -5.61
N ILE C 234 -25.13 5.10 -5.69
CA ILE C 234 -25.37 5.83 -6.89
C ILE C 234 -24.06 6.47 -7.29
N LEU C 235 -23.64 6.15 -8.51
CA LEU C 235 -22.42 6.63 -9.06
C LEU C 235 -22.67 7.82 -9.98
N PHE C 236 -22.28 9.01 -9.51
CA PHE C 236 -22.38 10.18 -10.35
C PHE C 236 -21.05 10.46 -11.04
N LEU C 237 -21.04 10.27 -12.34
CA LEU C 237 -19.91 10.65 -13.16
C LEU C 237 -20.08 12.14 -13.52
N ASN C 238 -19.39 12.95 -12.74
CA ASN C 238 -19.59 14.39 -12.70
C ASN C 238 -18.64 15.09 -13.65
N LYS C 239 -18.79 16.39 -13.81
CA LYS C 239 -17.95 17.20 -14.71
C LYS C 239 -17.99 16.73 -16.14
N LYS C 240 -19.16 16.31 -16.59
CA LYS C 240 -19.30 15.87 -17.99
C LYS C 240 -19.13 17.01 -19.01
N ASP C 241 -19.45 18.23 -18.62
CA ASP C 241 -19.17 19.41 -19.43
C ASP C 241 -17.67 19.62 -19.64
N LEU C 242 -16.89 19.44 -18.57
CA LEU C 242 -15.42 19.58 -18.73
C LEU C 242 -14.85 18.45 -19.57
N LEU C 243 -15.53 17.30 -19.59
CA LEU C 243 -15.07 16.19 -20.40
C LEU C 243 -15.23 16.53 -21.88
N GLU C 244 -16.37 17.14 -22.23
CA GLU C 244 -16.66 17.58 -23.63
C GLU C 244 -15.53 18.38 -24.22
N GLU C 245 -14.98 19.27 -23.41
CA GLU C 245 -13.97 20.20 -23.84
C GLU C 245 -12.66 19.42 -23.91
N LYS C 246 -12.27 18.85 -22.80
CA LYS C 246 -10.94 18.27 -22.59
C LYS C 246 -10.64 17.08 -23.51
N ILE C 247 -11.67 16.29 -23.82
CA ILE C 247 -11.50 15.12 -24.69
C ILE C 247 -11.04 15.45 -26.11
N MET C 248 -11.19 16.70 -26.50
CA MET C 248 -10.79 17.11 -27.85
C MET C 248 -9.28 17.18 -28.01
N TYR C 249 -8.53 17.27 -26.91
CA TYR C 249 -7.08 17.32 -27.06
C TYR C 249 -6.22 16.49 -26.08
N SER C 250 -6.84 15.80 -25.15
CA SER C 250 -6.12 14.94 -24.21
C SER C 250 -6.77 13.57 -24.35
N HIS C 251 -6.03 12.59 -24.85
CA HIS C 251 -6.61 11.28 -25.21
C HIS C 251 -6.66 10.24 -24.10
N LEU C 252 -7.85 9.73 -23.88
CA LEU C 252 -8.06 8.80 -22.84
C LEU C 252 -7.08 7.59 -22.89
N VAL C 253 -6.78 7.14 -24.10
CA VAL C 253 -5.91 5.97 -24.28
C VAL C 253 -4.50 6.18 -23.69
N ASP C 254 -4.08 7.43 -23.57
CA ASP C 254 -2.76 7.74 -23.03
C ASP C 254 -2.70 7.60 -21.53
N TYR C 255 -3.85 7.43 -20.90
CA TYR C 255 -3.93 7.30 -19.45
C TYR C 255 -4.51 5.95 -19.04
N PHE C 256 -5.32 5.37 -19.90
CA PHE C 256 -5.89 4.03 -19.67
C PHE C 256 -5.82 3.26 -20.98
N PRO C 257 -4.69 2.56 -21.21
CA PRO C 257 -4.42 1.99 -22.55
C PRO C 257 -5.39 0.90 -22.97
N GLU C 258 -6.23 0.44 -22.04
CA GLU C 258 -7.32 -0.44 -22.41
C GLU C 258 -8.50 0.22 -23.16
N TYR C 259 -8.56 1.55 -23.22
CA TYR C 259 -9.62 2.22 -23.98
C TYR C 259 -9.38 2.08 -25.48
N ASP C 260 -10.25 1.41 -26.20
CA ASP C 260 -10.00 1.17 -27.62
C ASP C 260 -11.02 1.84 -28.53
N GLY C 261 -11.78 2.79 -28.01
CA GLY C 261 -12.76 3.56 -28.81
C GLY C 261 -12.16 4.77 -29.55
N PRO C 262 -13.01 5.54 -30.26
CA PRO C 262 -12.54 6.71 -31.01
C PRO C 262 -11.95 7.82 -30.13
N GLN C 263 -10.98 8.53 -30.70
CA GLN C 263 -10.49 9.76 -30.12
C GLN C 263 -11.50 10.89 -30.28
N ARG C 264 -11.34 11.94 -29.47
CA ARG C 264 -12.16 13.16 -29.56
C ARG C 264 -13.66 12.90 -29.48
N ASP C 265 -14.04 11.92 -28.67
CA ASP C 265 -15.45 11.49 -28.56
C ASP C 265 -15.82 11.33 -27.05
N ALA C 266 -16.61 12.27 -26.54
CA ALA C 266 -16.87 12.37 -25.11
C ALA C 266 -17.80 11.24 -24.69
N GLN C 267 -18.68 10.86 -25.58
CA GLN C 267 -19.64 9.87 -25.22
C GLN C 267 -19.00 8.49 -25.06
N ALA C 268 -18.23 8.07 -26.04
CA ALA C 268 -17.52 6.81 -25.98
C ALA C 268 -16.62 6.76 -24.75
N ALA C 269 -15.91 7.86 -24.51
CA ALA C 269 -15.04 8.00 -23.34
C ALA C 269 -15.77 7.81 -22.00
N ARG C 270 -16.90 8.48 -21.84
CA ARG C 270 -17.56 8.39 -20.55
C ARG C 270 -18.25 7.03 -20.37
N GLU C 271 -18.69 6.44 -21.47
CA GLU C 271 -19.16 5.06 -21.45
C GLU C 271 -18.05 4.08 -21.02
N PHE C 272 -16.83 4.29 -21.51
CA PHE C 272 -15.71 3.42 -21.15
C PHE C 272 -15.42 3.58 -19.66
N ILE C 273 -15.45 4.80 -19.18
CA ILE C 273 -15.16 5.09 -17.79
C ILE C 273 -16.22 4.48 -16.85
N LEU C 274 -17.50 4.61 -17.22
CA LEU C 274 -18.60 4.00 -16.50
C LEU C 274 -18.36 2.51 -16.38
N LYS C 275 -18.12 1.88 -17.52
CA LYS C 275 -17.80 0.47 -17.56
C LYS C 275 -16.61 0.06 -16.65
N MET C 276 -15.53 0.84 -16.63
CA MET C 276 -14.40 0.58 -15.72
C MET C 276 -14.89 0.58 -14.28
N PHE C 277 -15.75 1.51 -13.91
CA PHE C 277 -16.21 1.52 -12.55
C PHE C 277 -17.07 0.27 -12.21
N VAL C 278 -17.99 -0.03 -13.09
CA VAL C 278 -18.88 -1.15 -12.94
C VAL C 278 -18.09 -2.47 -12.93
N ASP C 279 -16.90 -2.47 -13.51
CA ASP C 279 -16.11 -3.69 -13.60
C ASP C 279 -15.26 -4.03 -12.40
N LEU C 280 -15.23 -3.14 -11.42
CA LEU C 280 -14.32 -3.25 -10.28
C LEU C 280 -14.66 -4.37 -9.31
N ASN C 281 -15.95 -4.68 -9.13
CA ASN C 281 -16.35 -5.79 -8.23
C ASN C 281 -17.23 -6.84 -8.93
N PRO C 282 -16.60 -7.65 -9.83
CA PRO C 282 -17.37 -8.62 -10.66
C PRO C 282 -18.05 -9.65 -9.78
N ASP C 283 -17.58 -9.79 -8.55
CA ASP C 283 -18.16 -10.73 -7.58
C ASP C 283 -19.40 -10.26 -6.81
N SER C 284 -19.51 -8.95 -6.59
CA SER C 284 -20.65 -8.34 -5.90
C SER C 284 -21.85 -8.44 -6.85
N ASP C 285 -23.03 -8.73 -6.31
CA ASP C 285 -24.26 -8.68 -7.13
C ASP C 285 -25.03 -7.36 -7.01
N LYS C 286 -24.49 -6.50 -6.16
CA LYS C 286 -25.08 -5.27 -5.79
C LYS C 286 -25.25 -4.33 -7.00
N ILE C 287 -26.39 -3.64 -7.03
CA ILE C 287 -26.70 -2.66 -8.06
C ILE C 287 -25.97 -1.32 -7.88
N ILE C 288 -25.32 -0.87 -8.94
CA ILE C 288 -24.88 0.51 -9.01
C ILE C 288 -25.85 1.25 -9.91
N TYR C 289 -26.43 2.31 -9.39
CA TYR C 289 -27.22 3.25 -10.19
C TYR C 289 -26.30 4.36 -10.64
N SER C 290 -26.26 4.66 -11.93
CA SER C 290 -25.39 5.76 -12.35
C SER C 290 -26.09 6.84 -13.14
N HIS C 291 -25.40 7.97 -13.27
CA HIS C 291 -25.84 9.11 -14.03
C HIS C 291 -24.67 10.05 -14.31
N PHE C 292 -24.71 10.70 -15.46
CA PHE C 292 -23.68 11.64 -15.86
C PHE C 292 -24.16 13.02 -15.47
N THR C 293 -23.36 13.74 -14.72
CA THR C 293 -23.80 15.00 -14.19
C THR C 293 -22.89 16.16 -14.52
N CYS C 294 -23.48 17.36 -14.42
CA CYS C 294 -22.79 18.60 -14.33
C CYS C 294 -23.20 19.27 -13.04
N ALA C 295 -22.36 19.19 -12.03
CA ALA C 295 -22.81 19.62 -10.71
C ALA C 295 -23.17 21.12 -10.65
N THR C 296 -22.58 21.91 -11.55
CA THR C 296 -22.77 23.36 -11.58
C THR C 296 -24.03 23.71 -12.38
N ASP C 297 -24.70 22.71 -12.93
CA ASP C 297 -25.93 22.91 -13.71
C ASP C 297 -27.13 22.60 -12.82
N THR C 298 -27.86 23.65 -12.43
CA THR C 298 -28.96 23.47 -11.47
C THR C 298 -30.06 22.53 -11.95
N GLU C 299 -30.41 22.63 -13.22
CA GLU C 299 -31.45 21.78 -13.80
C GLU C 299 -31.08 20.32 -13.82
N ASN C 300 -29.83 20.04 -14.14
CA ASN C 300 -29.30 18.69 -14.18
C ASN C 300 -29.32 18.04 -12.79
N ILE C 301 -28.91 18.76 -11.76
CA ILE C 301 -28.93 18.24 -10.40
C ILE C 301 -30.35 18.19 -9.83
N ARG C 302 -31.20 19.16 -10.16
CA ARG C 302 -32.61 19.07 -9.78
C ARG C 302 -33.20 17.72 -10.19
N PHE C 303 -32.86 17.27 -11.40
CA PHE C 303 -33.36 15.99 -11.89
C PHE C 303 -32.84 14.81 -11.05
N VAL C 304 -31.56 14.84 -10.81
CA VAL C 304 -30.85 13.73 -10.19
C VAL C 304 -31.43 13.47 -8.82
N PHE C 305 -31.72 14.53 -8.10
CA PHE C 305 -32.36 14.39 -6.80
C PHE C 305 -33.78 13.93 -6.82
N ALA C 306 -34.58 14.41 -7.76
CA ALA C 306 -35.93 13.89 -7.86
C ALA C 306 -35.89 12.37 -8.13
N ALA C 307 -34.99 11.95 -9.00
CA ALA C 307 -34.92 10.54 -9.34
C ALA C 307 -34.46 9.67 -8.17
N VAL C 308 -33.52 10.14 -7.39
CA VAL C 308 -33.05 9.36 -6.23
C VAL C 308 -34.20 9.18 -5.25
N LYS C 309 -34.89 10.28 -4.97
CA LYS C 309 -35.99 10.26 -4.02
C LYS C 309 -37.17 9.45 -4.54
N ASP C 310 -37.56 9.67 -5.79
CA ASP C 310 -38.80 9.07 -6.28
C ASP C 310 -38.58 7.59 -6.59
N THR C 311 -37.38 7.26 -7.07
CA THR C 311 -37.13 5.95 -7.63
C THR C 311 -36.36 5.07 -6.66
N ILE C 312 -35.28 5.58 -6.11
CA ILE C 312 -34.41 4.73 -5.31
C ILE C 312 -34.85 4.60 -3.88
N LEU C 313 -35.35 5.68 -3.30
CA LEU C 313 -35.72 5.63 -1.89
C LEU C 313 -37.20 5.43 -1.64
N GLN C 314 -37.82 4.54 -2.39
CA GLN C 314 -39.12 4.06 -1.97
C GLN C 314 -39.42 2.64 -2.37
N SER D 1 -29.25 55.55 29.16
CA SER D 1 -28.10 54.64 29.03
C SER D 1 -28.38 53.65 27.94
N MET D 2 -27.36 53.25 27.19
CA MET D 2 -27.53 52.26 26.14
C MET D 2 -26.97 50.93 26.64
N LEU D 3 -27.81 49.90 26.61
CA LEU D 3 -27.44 48.60 27.10
C LEU D 3 -26.81 47.74 26.02
N LYS D 4 -25.68 47.14 26.38
CA LYS D 4 -25.06 46.13 25.54
C LYS D 4 -24.69 44.94 26.38
N ARG D 5 -24.95 43.78 25.84
CA ARG D 5 -24.66 42.58 26.61
C ARG D 5 -23.23 42.10 26.33
N LEU D 6 -22.45 41.95 27.40
CA LEU D 6 -21.07 41.57 27.30
C LEU D 6 -20.78 40.33 26.43
N SER D 7 -21.51 39.25 26.64
CA SER D 7 -21.32 38.06 25.81
C SER D 7 -21.76 38.29 24.39
N THR D 8 -22.85 39.02 24.18
CA THR D 8 -23.18 39.38 22.80
C THR D 8 -22.04 40.12 22.09
N GLU D 9 -21.39 41.04 22.78
CA GLU D 9 -20.37 41.87 22.16
C GLU D 9 -19.14 41.04 21.86
N GLU D 10 -18.83 40.17 22.81
CA GLU D 10 -17.70 39.30 22.68
C GLU D 10 -17.92 38.46 21.44
N ALA D 11 -19.08 37.81 21.37
CA ALA D 11 -19.38 36.90 20.26
C ALA D 11 -19.40 37.62 18.90
N THR D 12 -19.93 38.85 18.85
CA THR D 12 -20.01 39.61 17.60
C THR D 12 -18.61 39.89 17.06
N ARG D 13 -17.71 40.22 17.97
CA ARG D 13 -16.33 40.53 17.63
C ARG D 13 -15.69 39.37 16.84
N TRP D 14 -15.96 38.13 17.24
CA TRP D 14 -15.47 36.96 16.48
C TRP D 14 -15.85 36.95 14.97
N ALA D 15 -16.98 37.56 14.61
CA ALA D 15 -17.43 37.64 13.21
C ALA D 15 -16.83 38.78 12.39
N ASP D 16 -15.95 39.58 12.97
CA ASP D 16 -15.32 40.69 12.20
C ASP D 16 -14.41 40.09 11.18
N SER D 17 -13.70 39.04 11.59
CA SER D 17 -12.81 38.34 10.72
C SER D 17 -12.22 37.20 11.49
N PHE D 18 -11.67 36.26 10.75
CA PHE D 18 -11.10 35.08 11.34
C PHE D 18 -9.92 35.41 12.26
N ASP D 19 -9.02 36.30 11.84
CA ASP D 19 -7.89 36.67 12.73
C ASP D 19 -8.33 37.37 14.00
N VAL D 20 -9.42 38.13 13.93
CA VAL D 20 -9.98 38.65 15.18
C VAL D 20 -10.39 37.48 16.04
N LEU D 21 -11.18 36.57 15.48
CA LEU D 21 -11.57 35.36 16.24
C LEU D 21 -10.36 34.73 16.94
N LEU D 22 -9.25 34.60 16.23
CA LEU D 22 -8.06 33.91 16.75
C LEU D 22 -7.29 34.66 17.82
N SER D 23 -7.54 35.93 17.95
CA SER D 23 -6.97 36.67 19.05
C SER D 23 -7.92 36.73 20.26
N HIS D 24 -9.09 36.11 20.18
CA HIS D 24 -9.97 36.06 21.35
C HIS D 24 -9.92 34.68 21.96
N LYS D 25 -9.52 34.60 23.24
CA LYS D 25 -9.38 33.29 23.92
C LYS D 25 -10.63 32.44 23.79
N TYR D 26 -11.78 33.06 24.08
CA TYR D 26 -13.07 32.37 24.00
C TYR D 26 -13.55 32.19 22.58
N GLY D 27 -13.05 33.03 21.67
CA GLY D 27 -13.26 32.81 20.22
C GLY D 27 -12.67 31.46 19.80
N VAL D 28 -11.40 31.26 20.15
CA VAL D 28 -10.71 30.02 19.90
C VAL D 28 -11.45 28.82 20.56
N ALA D 29 -11.86 28.99 21.80
CA ALA D 29 -12.51 27.90 22.51
C ALA D 29 -13.85 27.48 21.87
N ALA D 30 -14.63 28.45 21.39
CA ALA D 30 -15.91 28.14 20.76
C ALA D 30 -15.64 27.44 19.44
N PHE D 31 -14.66 27.97 18.76
CA PHE D 31 -14.35 27.50 17.45
C PHE D 31 -13.84 26.07 17.56
N ARG D 32 -12.93 25.82 18.50
CA ARG D 32 -12.43 24.49 18.77
C ARG D 32 -13.54 23.49 19.01
N ALA D 33 -14.45 23.84 19.91
CA ALA D 33 -15.63 23.00 20.16
C ALA D 33 -16.34 22.70 18.85
N PHE D 34 -16.41 23.69 17.98
CA PHE D 34 -17.12 23.53 16.75
C PHE D 34 -16.37 22.61 15.77
N LEU D 35 -15.06 22.78 15.70
CA LEU D 35 -14.24 21.88 14.88
C LEU D 35 -14.36 20.40 15.34
N LYS D 36 -14.47 20.18 16.65
CA LYS D 36 -14.59 18.80 17.16
C LYS D 36 -15.81 18.16 16.60
N THR D 37 -16.88 18.93 16.43
CA THR D 37 -18.13 18.32 15.96
C THR D 37 -18.05 18.00 14.49
N GLU D 38 -17.07 18.56 13.79
CA GLU D 38 -16.87 18.32 12.35
C GLU D 38 -15.60 17.46 12.08
N PHE D 39 -14.99 17.02 13.16
CA PHE D 39 -13.78 16.23 13.12
C PHE D 39 -12.67 16.91 12.32
N SER D 40 -12.43 18.18 12.60
CA SER D 40 -11.32 18.87 11.92
C SER D 40 -10.49 19.80 12.82
N GLU D 41 -10.50 19.51 14.10
CA GLU D 41 -9.80 20.29 15.10
C GLU D 41 -8.27 20.25 14.95
N GLU D 42 -7.75 19.30 14.17
CA GLU D 42 -6.30 19.22 13.99
C GLU D 42 -5.79 20.47 13.28
N ASN D 43 -6.67 21.07 12.51
CA ASN D 43 -6.33 22.31 11.84
C ASN D 43 -5.99 23.43 12.80
N LEU D 44 -6.79 23.59 13.82
CA LEU D 44 -6.53 24.57 14.83
C LEU D 44 -5.34 24.18 15.71
N GLU D 45 -5.27 22.91 16.10
CA GLU D 45 -4.17 22.45 16.95
C GLU D 45 -2.85 22.66 16.23
N PHE D 46 -2.79 22.32 14.95
CA PHE D 46 -1.59 22.58 14.17
C PHE D 46 -1.23 24.08 14.18
N TRP D 47 -2.18 24.92 13.74
CA TRP D 47 -1.99 26.35 13.73
C TRP D 47 -1.44 26.91 15.05
N LEU D 48 -2.09 26.61 16.16
CA LEU D 48 -1.62 27.05 17.47
C LEU D 48 -0.20 26.56 17.83
N ALA D 49 0.15 25.35 17.39
CA ALA D 49 1.48 24.83 17.62
C ALA D 49 2.55 25.59 16.79
N CYS D 50 2.17 26.09 15.62
CA CYS D 50 3.06 26.89 14.80
C CYS D 50 3.33 28.28 15.40
N GLU D 51 2.35 28.83 16.10
CA GLU D 51 2.45 30.16 16.70
C GLU D 51 3.38 30.10 17.87
N GLU D 52 3.18 29.06 18.64
CA GLU D 52 4.01 28.77 19.77
C GLU D 52 5.43 28.43 19.32
N PHE D 53 5.56 27.67 18.25
CA PHE D 53 6.88 27.38 17.67
C PHE D 53 7.66 28.65 17.33
N LYS D 54 6.92 29.72 16.98
CA LYS D 54 7.54 31.01 16.65
C LYS D 54 8.09 31.78 17.86
N LYS D 55 7.75 31.28 19.04
CA LYS D 55 8.23 31.81 20.31
C LYS D 55 9.60 31.24 20.76
N THR D 56 9.96 30.05 20.28
CA THR D 56 11.14 29.31 20.77
C THR D 56 12.43 30.14 20.74
N ARG D 57 13.33 29.78 21.65
CA ARG D 57 14.60 30.48 21.85
C ARG D 57 15.77 29.59 21.55
N SER D 58 15.89 28.55 22.35
CA SER D 58 16.97 27.62 22.18
C SER D 58 16.86 26.93 20.83
N THR D 59 17.91 27.03 20.05
CA THR D 59 18.01 26.33 18.79
C THR D 59 17.94 24.84 19.06
N ALA D 60 18.64 24.39 20.07
CA ALA D 60 18.57 22.97 20.46
C ALA D 60 17.10 22.44 20.51
N LYS D 61 16.23 23.18 21.19
CA LYS D 61 14.81 22.84 21.31
C LYS D 61 13.94 23.28 20.13
N LEU D 62 14.51 24.05 19.21
CA LEU D 62 13.82 24.45 18.00
C LEU D 62 13.90 23.31 16.99
N VAL D 63 15.06 22.69 16.90
CA VAL D 63 15.27 21.55 16.01
C VAL D 63 14.30 20.45 16.39
N SER D 64 14.40 19.98 17.62
CA SER D 64 13.61 18.83 18.07
C SER D 64 12.11 19.12 17.98
N LYS D 65 11.71 20.35 18.31
CA LYS D 65 10.29 20.71 18.23
C LYS D 65 9.77 20.78 16.79
N ALA D 66 10.64 21.13 15.85
CA ALA D 66 10.25 21.09 14.45
C ALA D 66 9.88 19.66 14.06
N HIS D 67 10.77 18.72 14.37
CA HIS D 67 10.56 17.30 14.08
C HIS D 67 9.30 16.75 14.75
N ARG D 68 9.01 17.18 15.97
CA ARG D 68 7.85 16.64 16.67
C ARG D 68 6.54 17.12 16.03
N ILE D 69 6.52 18.40 15.61
CA ILE D 69 5.38 18.99 14.90
C ILE D 69 5.17 18.36 13.51
N PHE D 70 6.25 18.17 12.78
CA PHE D 70 6.17 17.55 11.47
C PHE D 70 5.61 16.12 11.56
N GLU D 71 6.19 15.32 12.45
CA GLU D 71 5.73 13.95 12.63
C GLU D 71 4.28 13.89 13.09
N GLU D 72 3.86 14.90 13.83
CA GLU D 72 2.51 14.95 14.41
C GLU D 72 1.41 15.39 13.46
N PHE D 73 1.72 16.36 12.61
CA PHE D 73 0.72 17.01 11.79
C PHE D 73 0.99 17.02 10.30
N VAL D 74 2.24 16.91 9.90
CA VAL D 74 2.57 17.23 8.52
C VAL D 74 2.84 16.00 7.65
N ASP D 75 3.55 15.02 8.17
CA ASP D 75 3.92 13.87 7.38
C ASP D 75 2.73 13.08 6.88
N VAL D 76 2.89 12.41 5.74
CA VAL D 76 1.88 11.46 5.25
C VAL D 76 1.68 10.39 6.32
N GLN D 77 0.42 10.03 6.60
CA GLN D 77 -0.01 9.11 7.70
C GLN D 77 0.13 9.67 9.13
N ALA D 78 0.58 10.92 9.31
CA ALA D 78 0.70 11.51 10.66
C ALA D 78 -0.60 11.38 11.46
N PRO D 79 -0.51 11.10 12.75
CA PRO D 79 -1.68 10.95 13.59
C PRO D 79 -2.71 12.10 13.50
N ARG D 80 -2.24 13.30 13.24
CA ARG D 80 -3.14 14.43 13.06
C ARG D 80 -2.85 15.17 11.78
N GLU D 81 -2.65 14.40 10.73
CA GLU D 81 -2.26 14.93 9.44
C GLU D 81 -3.25 15.99 9.00
N VAL D 82 -2.71 17.13 8.64
CA VAL D 82 -3.49 18.21 8.11
C VAL D 82 -3.59 18.12 6.60
N ASN D 83 -4.62 18.75 6.03
CA ASN D 83 -4.89 18.64 4.60
C ASN D 83 -4.12 19.66 3.75
N ILE D 84 -2.97 19.25 3.26
CA ILE D 84 -2.13 20.12 2.45
C ILE D 84 -1.65 19.40 1.21
N ASP D 85 -1.13 20.16 0.25
CA ASP D 85 -0.71 19.59 -1.03
C ASP D 85 0.66 18.94 -0.91
N PHE D 86 1.00 18.06 -1.85
CA PHE D 86 2.31 17.42 -1.87
C PHE D 86 3.49 18.39 -1.73
N GLN D 87 3.43 19.51 -2.45
CA GLN D 87 4.52 20.48 -2.52
C GLN D 87 4.78 21.23 -1.23
N THR D 88 3.70 21.65 -0.58
CA THR D 88 3.82 22.25 0.71
C THR D 88 4.47 21.26 1.68
N ARG D 89 3.98 20.02 1.67
CA ARG D 89 4.53 18.98 2.53
C ARG D 89 6.02 18.80 2.27
N GLU D 90 6.41 18.71 1.01
CA GLU D 90 7.85 18.52 0.70
C GLU D 90 8.73 19.76 0.98
N ALA D 91 8.20 20.95 0.72
CA ALA D 91 8.91 22.20 1.02
C ALA D 91 9.20 22.28 2.52
N THR D 92 8.21 21.90 3.33
CA THR D 92 8.35 21.82 4.79
C THR D 92 9.39 20.78 5.19
N ARG D 93 9.36 19.61 4.57
CA ARG D 93 10.37 18.57 4.85
C ARG D 93 11.82 19.05 4.61
N LYS D 94 12.05 19.77 3.51
CA LYS D 94 13.37 20.37 3.28
C LYS D 94 13.74 21.39 4.35
N ASN D 95 12.82 22.28 4.67
CA ASN D 95 12.99 23.26 5.75
C ASN D 95 13.35 22.61 7.07
N LEU D 96 13.08 21.31 7.17
CA LEU D 96 13.28 20.56 8.39
C LEU D 96 14.74 20.18 8.61
N GLN D 97 15.50 20.15 7.53
CA GLN D 97 16.93 19.77 7.55
C GLN D 97 17.82 20.81 8.19
N GLU D 98 17.55 22.09 7.93
CA GLU D 98 18.22 23.20 8.63
C GLU D 98 17.11 24.08 9.22
N PRO D 99 16.46 23.59 10.28
CA PRO D 99 15.21 24.20 10.78
C PRO D 99 15.36 25.63 11.30
N SER D 100 14.35 26.45 11.05
CA SER D 100 14.31 27.83 11.55
C SER D 100 12.89 28.24 11.99
N LEU D 101 12.76 29.46 12.52
CA LEU D 101 11.45 30.01 12.94
C LEU D 101 10.40 30.11 11.82
N THR D 102 10.82 30.03 10.56
CA THR D 102 9.86 30.14 9.45
C THR D 102 9.65 28.80 8.76
N CYS D 103 10.10 27.75 9.43
CA CYS D 103 10.01 26.38 8.91
C CYS D 103 8.59 26.04 8.40
N PHE D 104 7.59 26.33 9.21
CA PHE D 104 6.20 25.99 8.88
C PHE D 104 5.36 27.12 8.31
N ASP D 105 5.97 28.19 7.85
CA ASP D 105 5.17 29.35 7.42
C ASP D 105 4.23 29.02 6.27
N GLN D 106 4.73 28.26 5.33
CA GLN D 106 3.96 27.88 4.16
C GLN D 106 2.74 27.02 4.56
N ALA D 107 3.01 25.95 5.30
CA ALA D 107 2.01 24.99 5.77
C ALA D 107 1.01 25.64 6.71
N GLN D 108 1.49 26.50 7.57
CA GLN D 108 0.61 27.17 8.48
C GLN D 108 -0.39 28.03 7.70
N GLY D 109 0.06 28.67 6.63
CA GLY D 109 -0.76 29.49 5.76
C GLY D 109 -1.85 28.72 5.05
N LYS D 110 -1.53 27.53 4.53
CA LYS D 110 -2.54 26.73 3.89
C LYS D 110 -3.59 26.30 4.89
N VAL D 111 -3.17 25.91 6.09
CA VAL D 111 -4.11 25.44 7.09
C VAL D 111 -4.97 26.59 7.62
N HIS D 112 -4.36 27.74 7.74
CA HIS D 112 -5.10 28.94 8.12
C HIS D 112 -6.18 29.21 7.09
N SER D 113 -5.76 29.10 5.86
CA SER D 113 -6.66 29.31 4.77
C SER D 113 -7.84 28.33 4.78
N LEU D 114 -7.51 27.08 5.09
CA LEU D 114 -8.47 26.00 5.07
C LEU D 114 -9.59 26.28 6.08
N MET D 115 -9.19 26.57 7.30
CA MET D 115 -10.12 26.97 8.32
C MET D 115 -10.87 28.22 7.91
N GLU D 116 -10.16 29.26 7.48
CA GLU D 116 -10.82 30.55 7.20
C GLU D 116 -11.94 30.51 6.15
N LYS D 117 -11.73 29.83 5.03
CA LYS D 117 -12.73 29.78 3.98
C LYS D 117 -13.87 28.75 4.14
N ASP D 118 -13.64 27.69 4.93
CA ASP D 118 -14.64 26.58 5.08
C ASP D 118 -15.39 26.49 6.43
N SER D 119 -14.67 26.09 7.46
CA SER D 119 -15.11 25.95 8.83
C SER D 119 -15.61 27.28 9.49
N TYR D 120 -14.88 28.36 9.28
CA TYR D 120 -15.22 29.63 9.93
C TYR D 120 -16.58 30.21 9.47
N PRO D 121 -16.78 30.33 8.15
CA PRO D 121 -18.12 30.73 7.72
C PRO D 121 -19.22 29.83 8.25
N ARG D 122 -19.01 28.53 8.34
CA ARG D 122 -20.10 27.70 8.88
C ARG D 122 -20.27 27.93 10.38
N PHE D 123 -19.17 28.14 11.08
CA PHE D 123 -19.28 28.34 12.49
C PHE D 123 -20.20 29.52 12.76
N LEU D 124 -20.07 30.55 11.95
CA LEU D 124 -20.83 31.81 12.11
C LEU D 124 -22.28 31.64 11.82
N ARG D 125 -22.62 30.59 11.06
CA ARG D 125 -24.03 30.24 10.83
C ARG D 125 -24.52 29.13 11.77
N SER D 126 -23.65 28.63 12.64
CA SER D 126 -24.01 27.48 13.47
C SER D 126 -24.97 27.91 14.57
N LYS D 127 -25.74 26.96 15.08
CA LYS D 127 -26.64 27.26 16.17
C LYS D 127 -25.82 27.57 17.45
N MET D 128 -24.67 26.91 17.56
CA MET D 128 -23.82 27.05 18.74
C MET D 128 -23.42 28.51 18.90
N TYR D 129 -23.05 29.13 17.77
CA TYR D 129 -22.63 30.52 17.74
C TYR D 129 -23.81 31.49 17.84
N LEU D 130 -24.83 31.28 17.00
CA LEU D 130 -26.02 32.16 16.98
C LEU D 130 -26.77 32.22 18.29
N ASP D 131 -26.76 31.14 19.06
CA ASP D 131 -27.38 31.16 20.39
C ASP D 131 -26.76 32.20 21.35
N LEU D 132 -25.47 32.47 21.17
CA LEU D 132 -24.73 33.48 21.95
C LEU D 132 -25.13 34.93 21.64
N LEU D 133 -25.78 35.17 20.51
CA LEU D 133 -26.21 36.52 20.16
C LEU D 133 -27.58 36.90 20.79
N SER D 134 -28.54 35.97 20.79
CA SER D 134 -29.94 36.28 21.21
C SER D 134 -30.21 35.96 22.68
N ARG E 2 -10.66 10.87 32.17
CA ARG E 2 -9.58 10.35 31.28
C ARG E 2 -9.77 8.87 30.79
N GLU E 3 -10.28 8.71 29.58
CA GLU E 3 -10.90 7.45 29.17
C GLU E 3 -10.48 6.95 27.79
N LEU E 4 -10.06 5.69 27.70
CA LEU E 4 -9.56 5.15 26.44
C LEU E 4 -10.38 3.96 26.04
N LYS E 5 -10.58 3.78 24.75
CA LYS E 5 -11.43 2.77 24.21
C LYS E 5 -10.57 1.71 23.52
N LEU E 6 -10.71 0.47 23.96
CA LEU E 6 -9.91 -0.61 23.46
C LEU E 6 -10.82 -1.69 22.96
N LEU E 7 -10.62 -2.13 21.73
CA LEU E 7 -11.46 -3.18 21.21
C LEU E 7 -10.79 -4.49 21.35
N LEU E 8 -11.57 -5.52 21.68
CA LEU E 8 -11.11 -6.91 21.55
C LEU E 8 -11.72 -7.50 20.30
N LEU E 9 -10.89 -7.81 19.34
CA LEU E 9 -11.38 -8.37 18.15
C LEU E 9 -10.72 -9.70 17.89
N GLY E 10 -11.34 -10.49 17.03
CA GLY E 10 -10.86 -11.82 16.68
C GLY E 10 -12.01 -12.72 16.31
N THR E 11 -11.68 -13.79 15.61
CA THR E 11 -12.68 -14.77 15.17
C THR E 11 -13.28 -15.51 16.40
N GLY E 12 -14.34 -16.27 16.17
CA GLY E 12 -15.01 -16.94 17.27
C GLY E 12 -14.03 -17.79 18.07
N GLU E 13 -14.19 -17.79 19.40
CA GLU E 13 -13.41 -18.67 20.27
C GLU E 13 -11.93 -18.34 20.33
N SER E 14 -11.57 -17.12 20.03
CA SER E 14 -10.17 -16.69 20.13
C SER E 14 -9.69 -16.48 21.56
N GLY E 15 -10.57 -16.17 22.48
CA GLY E 15 -10.17 -15.85 23.82
C GLY E 15 -10.61 -14.47 24.29
N LYS E 16 -11.47 -13.81 23.51
CA LYS E 16 -11.83 -12.45 23.82
C LYS E 16 -12.47 -12.29 25.21
N SER E 17 -13.56 -13.00 25.44
CA SER E 17 -14.24 -12.86 26.70
C SER E 17 -13.38 -13.38 27.86
N THR E 18 -12.39 -14.21 27.57
CA THR E 18 -11.46 -14.64 28.63
C THR E 18 -10.54 -13.47 29.10
N PHE E 19 -10.09 -12.68 28.15
CA PHE E 19 -9.44 -11.44 28.51
C PHE E 19 -10.25 -10.57 29.45
N ILE E 20 -11.57 -10.49 29.23
CA ILE E 20 -12.44 -9.57 30.03
C ILE E 20 -12.48 -10.07 31.45
N LYS E 21 -12.61 -11.37 31.57
CA LYS E 21 -12.60 -12.00 32.86
C LYS E 21 -11.28 -11.72 33.62
N GLN E 22 -10.16 -11.77 32.93
CA GLN E 22 -8.89 -11.45 33.59
C GLN E 22 -8.80 -9.99 34.06
N MET E 23 -9.45 -9.08 33.32
CA MET E 23 -9.49 -7.68 33.69
C MET E 23 -10.25 -7.57 34.96
N ARG E 24 -11.32 -8.34 35.03
CA ARG E 24 -12.17 -8.33 36.19
C ARG E 24 -11.42 -8.85 37.42
N ILE E 25 -10.54 -9.82 37.21
CA ILE E 25 -9.74 -10.37 38.31
C ILE E 25 -8.63 -9.40 38.71
N ILE E 26 -7.97 -8.81 37.72
CA ILE E 26 -6.76 -8.07 37.98
C ILE E 26 -7.08 -6.64 38.36
N HIS E 27 -8.10 -6.07 37.74
CA HIS E 27 -8.45 -4.68 37.95
C HIS E 27 -9.87 -4.43 38.35
N GLY E 28 -10.70 -5.44 38.39
CA GLY E 28 -12.11 -5.21 38.68
C GLY E 28 -12.53 -5.76 40.02
N SER E 29 -13.80 -6.16 40.10
CA SER E 29 -14.35 -6.68 41.35
C SER E 29 -13.94 -8.12 41.68
N GLY E 30 -13.35 -8.84 40.73
CA GLY E 30 -12.95 -10.21 40.97
C GLY E 30 -14.16 -11.13 41.09
N TYR E 31 -13.91 -12.36 41.52
CA TYR E 31 -14.96 -13.40 41.65
C TYR E 31 -15.07 -13.91 43.08
N SER E 32 -16.12 -13.47 43.77
CA SER E 32 -16.42 -13.88 45.15
C SER E 32 -16.90 -15.34 45.16
N ASP E 33 -17.02 -15.94 46.33
CA ASP E 33 -17.56 -17.31 46.41
C ASP E 33 -18.95 -17.40 45.74
N GLU E 34 -19.82 -16.42 46.00
CA GLU E 34 -21.14 -16.40 45.39
C GLU E 34 -21.12 -16.25 43.88
N ASP E 35 -20.21 -15.40 43.40
CA ASP E 35 -19.97 -15.27 41.97
C ASP E 35 -19.63 -16.60 41.38
N LYS E 36 -18.68 -17.31 42.01
CA LYS E 36 -18.28 -18.64 41.55
C LYS E 36 -19.43 -19.64 41.51
N ARG E 37 -20.24 -19.73 42.57
CA ARG E 37 -21.46 -20.58 42.53
C ARG E 37 -22.27 -20.34 41.26
N GLY E 38 -22.34 -19.08 40.85
CA GLY E 38 -23.06 -18.68 39.64
C GLY E 38 -22.63 -19.43 38.41
N PHE E 39 -21.42 -19.98 38.44
CA PHE E 39 -20.83 -20.73 37.31
C PHE E 39 -21.00 -22.26 37.34
N THR E 40 -21.57 -22.78 38.41
CA THR E 40 -21.67 -24.22 38.61
C THR E 40 -22.47 -24.92 37.49
N LYS E 41 -23.66 -24.43 37.25
CA LYS E 41 -24.56 -24.99 36.24
C LYS E 41 -23.84 -25.03 34.88
N LEU E 42 -23.10 -23.98 34.56
CA LEU E 42 -22.33 -23.94 33.31
C LEU E 42 -21.20 -24.93 33.21
N VAL E 43 -20.47 -25.13 34.29
CA VAL E 43 -19.49 -26.19 34.26
C VAL E 43 -20.19 -27.51 33.91
N TYR E 44 -21.25 -27.84 34.66
CA TYR E 44 -22.02 -29.08 34.40
C TYR E 44 -22.45 -29.13 32.96
N GLN E 45 -22.97 -28.03 32.46
CA GLN E 45 -23.40 -28.06 31.09
C GLN E 45 -22.26 -28.20 30.07
N ASN E 46 -21.10 -27.61 30.35
CA ASN E 46 -19.98 -27.81 29.42
C ASN E 46 -19.63 -29.29 29.28
N ILE E 47 -19.59 -29.96 30.43
CA ILE E 47 -19.20 -31.33 30.51
C ILE E 47 -20.12 -32.22 29.67
N PHE E 48 -21.41 -32.08 29.90
CA PHE E 48 -22.39 -32.85 29.14
C PHE E 48 -22.32 -32.55 27.65
N THR E 49 -22.20 -31.28 27.30
CA THR E 49 -22.13 -30.87 25.92
C THR E 49 -20.92 -31.49 25.27
N ALA E 50 -19.77 -31.48 25.97
CA ALA E 50 -18.56 -32.08 25.40
C ALA E 50 -18.76 -33.61 25.16
N MET E 51 -19.30 -34.27 26.17
CA MET E 51 -19.44 -35.69 26.04
C MET E 51 -20.47 -36.02 24.97
N GLN E 52 -21.50 -35.18 24.80
CA GLN E 52 -22.43 -35.43 23.69
C GLN E 52 -21.73 -35.23 22.33
N ALA E 53 -20.81 -34.29 22.24
CA ALA E 53 -20.16 -34.09 20.96
C ALA E 53 -19.35 -35.31 20.54
N MET E 54 -18.61 -35.84 21.51
CA MET E 54 -17.78 -37.02 21.30
C MET E 54 -18.61 -38.22 20.94
N ILE E 55 -19.74 -38.38 21.63
CA ILE E 55 -20.62 -39.57 21.43
C ILE E 55 -21.15 -39.54 20.01
N ARG E 56 -21.63 -38.37 19.57
CA ARG E 56 -22.08 -38.26 18.19
C ARG E 56 -20.94 -38.56 17.21
N ALA E 57 -19.72 -38.21 17.60
CA ALA E 57 -18.60 -38.26 16.68
C ALA E 57 -18.15 -39.68 16.52
N MET E 58 -18.28 -40.44 17.58
CA MET E 58 -18.03 -41.86 17.49
C MET E 58 -18.80 -42.49 16.33
N ASP E 59 -20.04 -42.09 16.12
CA ASP E 59 -20.83 -42.60 14.98
C ASP E 59 -20.42 -41.98 13.66
N THR E 60 -20.15 -40.67 13.69
CA THR E 60 -19.83 -39.92 12.50
C THR E 60 -18.57 -40.46 11.90
N LEU E 61 -17.59 -40.69 12.75
CA LEU E 61 -16.27 -41.15 12.33
C LEU E 61 -16.08 -42.66 12.37
N LYS E 62 -17.13 -43.40 12.75
CA LYS E 62 -17.09 -44.89 12.76
C LYS E 62 -16.00 -45.47 13.68
N ILE E 63 -15.92 -44.95 14.90
CA ILE E 63 -14.92 -45.43 15.88
C ILE E 63 -15.58 -46.37 16.91
N PRO E 64 -15.04 -47.60 17.07
CA PRO E 64 -15.68 -48.52 18.01
C PRO E 64 -15.37 -48.16 19.46
N TYR E 65 -16.32 -48.41 20.37
CA TYR E 65 -16.00 -48.40 21.81
C TYR E 65 -15.19 -49.64 22.15
N LYS E 66 -14.26 -49.48 23.09
CA LYS E 66 -13.53 -50.64 23.53
C LYS E 66 -14.33 -51.53 24.45
N TYR E 67 -15.12 -50.95 25.33
CA TYR E 67 -15.93 -51.74 26.25
C TYR E 67 -17.40 -51.58 25.95
N GLU E 68 -18.01 -52.71 25.65
CA GLU E 68 -19.41 -52.88 25.40
C GLU E 68 -20.36 -52.10 26.31
N HIS E 69 -20.12 -52.14 27.61
CA HIS E 69 -21.01 -51.52 28.59
C HIS E 69 -21.02 -50.01 28.39
N ASN E 70 -19.99 -49.48 27.74
CA ASN E 70 -19.94 -48.04 27.49
C ASN E 70 -20.99 -47.53 26.50
N LYS E 71 -21.54 -48.42 25.68
CA LYS E 71 -22.64 -48.06 24.78
C LYS E 71 -23.92 -47.70 25.48
N ALA E 72 -24.31 -48.47 26.47
CA ALA E 72 -25.47 -48.10 27.29
C ALA E 72 -25.21 -46.76 27.96
N HIS E 73 -23.99 -46.57 28.46
CA HIS E 73 -23.63 -45.22 28.96
C HIS E 73 -23.80 -44.09 27.93
N ALA E 74 -23.40 -44.32 26.69
CA ALA E 74 -23.49 -43.26 25.68
C ALA E 74 -24.92 -42.95 25.33
N GLN E 75 -25.72 -44.02 25.18
CA GLN E 75 -27.16 -43.90 25.02
C GLN E 75 -27.75 -43.04 26.14
N LEU E 76 -27.45 -43.39 27.40
CA LEU E 76 -27.91 -42.61 28.54
C LEU E 76 -27.55 -41.12 28.43
N VAL E 77 -26.28 -40.84 28.17
CA VAL E 77 -25.79 -39.46 28.09
C VAL E 77 -26.36 -38.71 26.90
N ARG E 78 -26.52 -39.38 25.75
CA ARG E 78 -27.01 -38.70 24.53
C ARG E 78 -28.45 -38.25 24.69
N GLU E 79 -29.22 -38.94 25.51
CA GLU E 79 -30.61 -38.58 25.79
C GLU E 79 -30.84 -37.37 26.70
N VAL E 80 -29.81 -36.75 27.25
CA VAL E 80 -30.01 -35.66 28.19
C VAL E 80 -30.37 -34.37 27.45
N ASP E 81 -31.35 -33.62 27.96
CA ASP E 81 -31.47 -32.23 27.55
C ASP E 81 -30.48 -31.35 28.32
N VAL E 82 -29.46 -30.87 27.63
CA VAL E 82 -28.41 -30.08 28.31
C VAL E 82 -28.94 -28.79 28.94
N GLU E 83 -29.92 -28.15 28.28
CA GLU E 83 -30.58 -26.90 28.79
C GLU E 83 -31.29 -27.06 30.18
N LYS E 84 -31.80 -28.25 30.47
CA LYS E 84 -32.42 -28.56 31.77
C LYS E 84 -31.49 -29.23 32.75
N VAL E 85 -30.18 -29.16 32.53
CA VAL E 85 -29.25 -29.73 33.52
C VAL E 85 -29.01 -28.75 34.65
N SER E 86 -29.12 -29.22 35.90
CA SER E 86 -28.77 -28.38 37.07
C SER E 86 -27.93 -29.07 38.15
N ALA E 87 -28.01 -30.40 38.25
CA ALA E 87 -27.08 -31.14 39.11
C ALA E 87 -26.20 -32.04 38.28
N PHE E 88 -25.19 -32.60 38.91
CA PHE E 88 -24.32 -33.55 38.24
C PHE E 88 -24.24 -34.79 39.14
N GLU E 89 -25.10 -35.75 38.86
CA GLU E 89 -25.27 -36.88 39.76
C GLU E 89 -25.24 -38.19 39.03
N ASN E 90 -25.02 -39.26 39.78
CA ASN E 90 -25.22 -40.59 39.21
C ASN E 90 -26.67 -40.79 38.76
N PRO E 91 -26.90 -41.62 37.75
CA PRO E 91 -25.85 -42.42 37.07
C PRO E 91 -24.93 -41.66 36.10
N TYR E 92 -25.22 -40.37 35.89
CA TYR E 92 -24.53 -39.58 34.85
C TYR E 92 -23.05 -39.39 35.15
N VAL E 93 -22.70 -39.17 36.40
CA VAL E 93 -21.27 -39.05 36.75
C VAL E 93 -20.47 -40.29 36.35
N ASP E 94 -20.91 -41.47 36.77
CA ASP E 94 -20.16 -42.69 36.46
C ASP E 94 -20.16 -43.02 34.98
N ALA E 95 -21.27 -42.75 34.31
CA ALA E 95 -21.33 -42.94 32.88
C ALA E 95 -20.26 -42.09 32.18
N ILE E 96 -20.14 -40.84 32.59
CA ILE E 96 -19.20 -39.96 31.97
C ILE E 96 -17.76 -40.30 32.31
N LYS E 97 -17.46 -40.54 33.58
CA LYS E 97 -16.11 -41.04 33.96
C LYS E 97 -15.76 -42.27 33.14
N SER E 98 -16.72 -43.16 32.96
CA SER E 98 -16.45 -44.40 32.25
C SER E 98 -16.21 -44.20 30.75
N LEU E 99 -17.08 -43.45 30.12
CA LEU E 99 -16.89 -43.04 28.75
C LEU E 99 -15.55 -42.36 28.49
N TRP E 100 -15.17 -41.43 29.35
CA TRP E 100 -13.92 -40.70 29.12
C TRP E 100 -12.75 -41.63 29.21
N ASN E 101 -12.90 -42.75 29.92
CA ASN E 101 -11.81 -43.72 29.97
C ASN E 101 -11.72 -44.70 28.83
N ASP E 102 -12.75 -44.80 28.00
CA ASP E 102 -12.75 -45.74 26.91
C ASP E 102 -11.70 -45.28 25.89
N PRO E 103 -10.70 -46.11 25.58
CA PRO E 103 -9.78 -45.78 24.46
C PRO E 103 -10.46 -45.41 23.13
N GLY E 104 -11.68 -45.88 22.89
CA GLY E 104 -12.41 -45.45 21.70
C GLY E 104 -12.66 -43.95 21.71
N ILE E 105 -13.12 -43.50 22.87
CA ILE E 105 -13.42 -42.11 23.12
C ILE E 105 -12.14 -41.28 23.13
N GLN E 106 -11.05 -41.85 23.65
CA GLN E 106 -9.78 -41.14 23.65
C GLN E 106 -9.28 -40.96 22.24
N GLU E 107 -9.43 -41.97 21.39
CA GLU E 107 -9.13 -41.78 19.96
C GLU E 107 -9.98 -40.66 19.40
N CYS E 108 -11.27 -40.69 19.71
CA CYS E 108 -12.19 -39.70 19.18
C CYS E 108 -11.79 -38.29 19.56
N TYR E 109 -11.46 -38.11 20.85
CA TYR E 109 -10.90 -36.89 21.35
C TYR E 109 -9.59 -36.49 20.61
N ASP E 110 -8.69 -37.45 20.44
CA ASP E 110 -7.46 -37.16 19.67
C ASP E 110 -7.76 -36.65 18.27
N ARG E 111 -8.95 -36.98 17.74
CA ARG E 111 -9.39 -36.61 16.41
C ARG E 111 -10.40 -35.46 16.40
N ARG E 112 -10.55 -34.80 17.54
CA ARG E 112 -11.42 -33.63 17.68
C ARG E 112 -11.37 -32.53 16.61
N ARG E 113 -10.26 -32.36 15.87
CA ARG E 113 -10.26 -31.41 14.76
C ARG E 113 -11.27 -31.72 13.61
N GLU E 114 -11.76 -32.93 13.58
CA GLU E 114 -12.74 -33.37 12.58
C GLU E 114 -14.18 -33.11 12.95
N TYR E 115 -14.43 -32.59 14.13
CA TYR E 115 -15.76 -32.15 14.48
C TYR E 115 -15.57 -30.86 15.30
N GLN E 116 -16.55 -30.44 16.08
CA GLN E 116 -16.38 -29.27 16.92
C GLN E 116 -16.44 -29.64 18.39
N LEU E 117 -15.34 -29.47 19.08
CA LEU E 117 -15.32 -29.79 20.52
C LEU E 117 -14.68 -28.66 21.25
N SER E 118 -15.30 -28.26 22.35
CA SER E 118 -14.84 -27.14 23.13
C SER E 118 -13.45 -27.32 23.73
N ASP E 119 -12.64 -26.26 23.70
CA ASP E 119 -11.22 -26.34 24.14
C ASP E 119 -10.94 -26.81 25.59
N SER E 120 -11.87 -26.57 26.52
CA SER E 120 -11.65 -26.89 27.94
C SER E 120 -12.11 -28.31 28.32
N THR E 121 -12.37 -29.14 27.31
CA THR E 121 -12.92 -30.47 27.55
C THR E 121 -12.05 -31.36 28.42
N LYS E 122 -10.79 -31.50 28.03
CA LYS E 122 -9.83 -32.28 28.77
C LYS E 122 -9.71 -31.81 30.23
N TYR E 123 -9.67 -30.51 30.40
CA TYR E 123 -9.51 -29.91 31.71
C TYR E 123 -10.65 -30.36 32.63
N TYR E 124 -11.87 -30.29 32.15
CA TYR E 124 -12.99 -30.70 32.98
C TYR E 124 -13.10 -32.21 33.12
N LEU E 125 -12.93 -32.94 32.05
CA LEU E 125 -13.06 -34.37 32.09
C LEU E 125 -11.98 -35.04 32.94
N ASN E 126 -10.78 -34.48 33.02
CA ASN E 126 -9.76 -35.07 33.90
C ASN E 126 -9.96 -34.75 35.38
N ASP E 127 -10.99 -34.00 35.71
CA ASP E 127 -11.27 -33.58 37.09
C ASP E 127 -12.71 -33.91 37.57
N LEU E 128 -13.37 -34.89 36.98
CA LEU E 128 -14.78 -35.16 37.28
C LEU E 128 -15.07 -35.42 38.77
N ASP E 129 -14.12 -36.03 39.47
CA ASP E 129 -14.30 -36.29 40.90
C ASP E 129 -14.45 -35.00 41.71
N ARG E 130 -13.60 -34.00 41.41
CA ARG E 130 -13.72 -32.69 42.03
C ARG E 130 -15.10 -32.08 41.72
N VAL E 131 -15.52 -32.14 40.45
CA VAL E 131 -16.77 -31.49 39.99
C VAL E 131 -18.03 -32.26 40.49
N ALA E 132 -17.94 -33.58 40.51
CA ALA E 132 -19.05 -34.42 40.99
C ALA E 132 -19.33 -34.23 42.46
N ASP E 133 -18.31 -33.86 43.22
CA ASP E 133 -18.44 -33.71 44.66
C ASP E 133 -19.75 -32.95 45.01
N PRO E 134 -20.51 -33.47 45.99
CA PRO E 134 -21.79 -32.84 46.35
C PRO E 134 -21.63 -31.37 46.62
N SER E 135 -20.47 -30.98 47.13
CA SER E 135 -20.24 -29.62 47.65
C SER E 135 -19.18 -28.92 46.81
N TYR E 136 -19.21 -29.22 45.51
CA TYR E 136 -18.27 -28.63 44.58
C TYR E 136 -18.45 -27.11 44.48
N LEU E 137 -17.35 -26.39 44.61
CA LEU E 137 -17.34 -24.95 44.31
C LEU E 137 -16.31 -24.69 43.23
N PRO E 138 -16.73 -24.15 42.09
CA PRO E 138 -15.78 -23.81 41.04
C PRO E 138 -14.62 -22.89 41.51
N THR E 139 -13.39 -23.23 41.10
CA THR E 139 -12.23 -22.39 41.31
C THR E 139 -12.27 -21.26 40.29
N GLN E 140 -11.53 -20.21 40.58
CA GLN E 140 -11.27 -19.14 39.59
C GLN E 140 -10.88 -19.73 38.23
N GLN E 141 -10.01 -20.74 38.26
CA GLN E 141 -9.60 -21.38 37.01
C GLN E 141 -10.77 -22.03 36.30
N ASP E 142 -11.65 -22.70 37.04
CA ASP E 142 -12.86 -23.24 36.40
C ASP E 142 -13.66 -22.14 35.69
N VAL E 143 -13.70 -20.98 36.35
CA VAL E 143 -14.44 -19.87 35.79
C VAL E 143 -13.77 -19.42 34.53
N LEU E 144 -12.47 -19.24 34.56
CA LEU E 144 -11.77 -18.82 33.32
C LEU E 144 -11.93 -19.80 32.17
N ARG E 145 -12.19 -21.07 32.51
CA ARG E 145 -12.15 -22.17 31.54
C ARG E 145 -13.47 -22.32 30.83
N VAL E 146 -14.52 -21.77 31.43
CA VAL E 146 -15.86 -22.10 31.00
C VAL E 146 -16.18 -21.47 29.65
N ARG E 147 -16.92 -22.19 28.83
CA ARG E 147 -17.28 -21.76 27.50
C ARG E 147 -18.69 -21.19 27.48
N VAL E 148 -18.78 -19.90 27.17
CA VAL E 148 -20.04 -19.22 26.89
C VAL E 148 -19.84 -18.31 25.66
N PRO E 149 -20.51 -18.64 24.57
CA PRO E 149 -20.49 -17.85 23.35
C PRO E 149 -21.02 -16.43 23.56
N THR E 150 -20.26 -15.45 23.06
CA THR E 150 -20.68 -14.06 23.12
C THR E 150 -21.50 -13.66 21.90
N THR E 151 -22.62 -13.01 22.11
CA THR E 151 -23.36 -12.43 21.02
C THR E 151 -23.46 -10.91 21.24
N GLY E 152 -23.19 -10.09 20.21
CA GLY E 152 -23.40 -8.65 20.29
C GLY E 152 -22.15 -7.88 20.60
N ILE E 153 -22.32 -6.67 21.14
CA ILE E 153 -21.21 -5.78 21.44
C ILE E 153 -21.37 -5.27 22.83
N ILE E 154 -20.33 -5.40 23.66
CA ILE E 154 -20.47 -5.12 25.09
C ILE E 154 -19.31 -4.31 25.60
N GLU E 155 -19.64 -3.28 26.40
CA GLU E 155 -18.64 -2.37 26.95
C GLU E 155 -18.42 -2.64 28.42
N TYR E 156 -17.16 -2.85 28.80
CA TYR E 156 -16.81 -2.98 30.20
C TYR E 156 -15.86 -1.91 30.62
N PRO E 157 -16.32 -0.94 31.41
CA PRO E 157 -15.32 0.00 31.93
C PRO E 157 -14.52 -0.58 33.08
N PHE E 158 -13.23 -0.31 33.14
CA PHE E 158 -12.45 -0.62 34.33
C PHE E 158 -11.59 0.55 34.68
N ASP E 159 -11.46 0.80 35.97
CA ASP E 159 -10.61 1.85 36.52
C ASP E 159 -9.22 1.28 36.87
N LEU E 160 -8.24 1.61 36.04
CA LEU E 160 -6.84 1.52 36.38
C LEU E 160 -6.59 2.88 37.00
N GLN E 161 -5.73 3.00 37.98
CA GLN E 161 -5.76 4.23 38.78
C GLN E 161 -5.72 5.52 37.91
N SER E 162 -4.72 5.60 37.03
CA SER E 162 -4.39 6.80 36.26
C SER E 162 -5.34 7.08 35.07
N VAL E 163 -6.04 6.06 34.59
CA VAL E 163 -6.91 6.17 33.41
C VAL E 163 -8.08 5.18 33.51
N ILE E 164 -9.21 5.47 32.83
CA ILE E 164 -10.27 4.46 32.68
C ILE E 164 -10.15 3.75 31.34
N PHE E 165 -10.12 2.42 31.38
CA PHE E 165 -10.13 1.61 30.17
C PHE E 165 -11.53 1.11 29.84
N ARG E 166 -12.06 1.59 28.73
CA ARG E 166 -13.37 1.19 28.24
C ARG E 166 -13.12 0.06 27.26
N MET E 167 -13.27 -1.19 27.73
CA MET E 167 -12.95 -2.39 26.92
C MET E 167 -14.14 -2.85 26.18
N VAL E 168 -14.00 -3.18 24.90
CA VAL E 168 -15.19 -3.59 24.12
C VAL E 168 -15.03 -5.00 23.67
N ASP E 169 -15.96 -5.84 24.09
CA ASP E 169 -15.96 -7.27 23.80
C ASP E 169 -17.02 -7.48 22.73
N VAL E 170 -16.78 -8.39 21.80
CA VAL E 170 -17.68 -8.62 20.68
C VAL E 170 -17.79 -10.11 20.33
N GLY E 171 -18.84 -10.47 19.63
CA GLY E 171 -18.97 -11.79 19.03
C GLY E 171 -18.06 -11.95 17.80
N GLY E 172 -17.60 -13.16 17.51
CA GLY E 172 -16.50 -13.37 16.55
C GLY E 172 -16.92 -14.15 15.32
N GLN E 173 -18.02 -14.87 15.44
CA GLN E 173 -18.58 -15.59 14.32
C GLN E 173 -18.92 -14.63 13.20
N ARG E 174 -18.95 -15.14 11.97
CA ARG E 174 -19.22 -14.27 10.83
C ARG E 174 -20.45 -13.44 11.04
N SER E 175 -21.49 -14.04 11.58
CA SER E 175 -22.76 -13.33 11.64
C SER E 175 -22.68 -12.17 12.62
N GLU E 176 -21.87 -12.31 13.67
CA GLU E 176 -21.60 -11.25 14.60
C GLU E 176 -20.82 -10.08 13.98
N ARG E 177 -19.96 -10.37 13.01
CA ARG E 177 -19.03 -9.35 12.50
C ARG E 177 -19.71 -8.21 11.77
N ARG E 178 -20.90 -8.44 11.22
CA ARG E 178 -21.62 -7.39 10.55
C ARG E 178 -21.98 -6.22 11.50
N LYS E 179 -22.10 -6.51 12.80
CA LYS E 179 -22.35 -5.49 13.85
C LYS E 179 -21.12 -4.70 14.23
N TRP E 180 -19.95 -5.18 13.82
CA TRP E 180 -18.72 -4.55 14.30
C TRP E 180 -18.60 -3.09 13.95
N ILE E 181 -19.26 -2.68 12.88
CA ILE E 181 -19.18 -1.28 12.43
C ILE E 181 -19.50 -0.36 13.58
N HIS E 182 -20.38 -0.80 14.47
CA HIS E 182 -20.81 -0.02 15.62
C HIS E 182 -19.78 0.23 16.74
N CYS E 183 -18.61 -0.38 16.73
CA CYS E 183 -17.69 0.00 17.79
C CYS E 183 -16.40 0.62 17.26
N PHE E 184 -16.37 0.92 15.96
CA PHE E 184 -15.15 1.29 15.29
C PHE E 184 -14.77 2.75 15.50
N GLU E 185 -15.64 3.53 16.09
CA GLU E 185 -15.36 4.96 16.22
C GLU E 185 -14.56 5.25 17.54
N ASN E 186 -13.54 6.10 17.46
CA ASN E 186 -12.78 6.57 18.65
C ASN E 186 -12.05 5.49 19.41
N VAL E 187 -11.45 4.60 18.63
CA VAL E 187 -10.69 3.53 19.18
C VAL E 187 -9.23 3.92 19.38
N THR E 188 -8.78 3.86 20.63
CA THR E 188 -7.39 4.12 20.98
C THR E 188 -6.54 2.97 20.53
N SER E 189 -7.01 1.78 20.79
CA SER E 189 -6.20 0.58 20.58
C SER E 189 -7.01 -0.68 20.31
N ILE E 190 -6.43 -1.59 19.54
CA ILE E 190 -7.05 -2.85 19.21
C ILE E 190 -6.21 -4.03 19.66
N MET E 191 -6.87 -4.95 20.34
CA MET E 191 -6.23 -6.20 20.76
C MET E 191 -6.87 -7.26 19.93
N PHE E 192 -6.13 -7.77 18.95
CA PHE E 192 -6.61 -8.74 18.02
C PHE E 192 -6.08 -10.07 18.52
N LEU E 193 -7.01 -10.98 18.84
CA LEU E 193 -6.69 -12.30 19.34
C LEU E 193 -6.75 -13.32 18.23
N VAL E 194 -5.69 -14.13 18.12
CA VAL E 194 -5.67 -15.29 17.26
C VAL E 194 -5.35 -16.55 18.06
N ALA E 195 -6.19 -17.59 17.93
CA ALA E 195 -5.91 -18.86 18.63
C ALA E 195 -4.75 -19.53 17.92
N LEU E 196 -3.62 -19.68 18.59
CA LEU E 196 -2.47 -20.37 17.98
C LEU E 196 -2.85 -21.80 17.59
N SER E 197 -3.66 -22.42 18.43
CA SER E 197 -4.02 -23.81 18.30
C SER E 197 -5.07 -24.09 17.22
N GLU E 198 -5.55 -23.09 16.53
CA GLU E 198 -6.66 -23.31 15.60
C GLU E 198 -6.22 -23.75 14.22
N TYR E 199 -4.92 -23.92 13.99
CA TYR E 199 -4.42 -24.18 12.59
C TYR E 199 -5.01 -25.41 11.88
N ASP E 200 -5.45 -26.42 12.63
CA ASP E 200 -5.93 -27.65 12.04
C ASP E 200 -7.43 -27.77 12.19
N GLN E 201 -8.07 -26.69 12.60
CA GLN E 201 -9.52 -26.66 12.76
C GLN E 201 -10.30 -25.94 11.65
N VAL E 202 -11.60 -26.22 11.61
CA VAL E 202 -12.45 -25.52 10.69
C VAL E 202 -13.49 -24.70 11.46
N LEU E 203 -14.04 -23.69 10.79
CA LEU E 203 -15.05 -22.80 11.41
C LEU E 203 -16.34 -23.57 11.80
N VAL E 204 -16.95 -23.17 12.92
CA VAL E 204 -18.27 -23.71 13.26
C VAL E 204 -19.33 -23.21 12.32
N GLU E 205 -19.15 -21.97 11.85
CA GLU E 205 -20.23 -21.29 11.15
C GLU E 205 -20.37 -21.72 9.72
N SER E 206 -19.47 -22.50 9.17
CA SER E 206 -19.58 -22.79 7.76
C SER E 206 -19.07 -24.19 7.45
N ASP E 207 -19.00 -24.54 6.17
CA ASP E 207 -18.56 -25.87 5.75
C ASP E 207 -17.08 -25.90 5.40
N ASN E 208 -16.32 -26.50 6.31
CA ASN E 208 -14.95 -26.88 6.00
C ASN E 208 -14.00 -25.73 5.58
N GLU E 209 -14.02 -24.63 6.33
CA GLU E 209 -13.02 -23.58 6.19
C GLU E 209 -12.07 -23.40 7.36
N ASN E 210 -10.80 -23.41 7.01
CA ASN E 210 -9.75 -23.42 7.96
C ASN E 210 -9.85 -22.20 8.87
N ARG E 211 -9.74 -22.42 10.18
CA ARG E 211 -9.99 -21.36 11.13
C ARG E 211 -8.93 -20.31 11.07
N MET E 212 -7.70 -20.71 10.89
CA MET E 212 -6.60 -19.75 10.78
C MET E 212 -6.61 -18.97 9.48
N GLU E 213 -6.96 -19.60 8.36
CA GLU E 213 -7.15 -18.86 7.10
C GLU E 213 -8.15 -17.72 7.25
N GLU E 214 -9.18 -17.99 8.04
CA GLU E 214 -10.16 -17.01 8.39
C GLU E 214 -9.56 -15.89 9.24
N SER E 215 -8.79 -16.20 10.29
CA SER E 215 -8.14 -15.15 11.10
C SER E 215 -7.22 -14.24 10.24
N LYS E 216 -6.48 -14.83 9.32
CA LYS E 216 -5.58 -14.07 8.51
C LYS E 216 -6.36 -13.06 7.71
N ALA E 217 -7.39 -13.54 7.02
CA ALA E 217 -8.18 -12.68 6.14
C ALA E 217 -8.80 -11.58 6.99
N LEU E 218 -9.27 -11.92 8.16
CA LEU E 218 -9.87 -10.92 8.98
C LEU E 218 -8.86 -9.84 9.47
N PHE E 219 -7.71 -10.30 9.92
CA PHE E 219 -6.67 -9.43 10.41
C PHE E 219 -6.24 -8.51 9.26
N ARG E 220 -6.06 -9.09 8.10
CA ARG E 220 -5.60 -8.31 7.00
C ARG E 220 -6.57 -7.17 6.75
N THR E 221 -7.86 -7.46 6.82
CA THR E 221 -8.84 -6.43 6.59
C THR E 221 -8.72 -5.28 7.61
N ILE E 222 -8.66 -5.65 8.89
CA ILE E 222 -8.66 -4.66 9.96
C ILE E 222 -7.47 -3.71 9.79
N ILE E 223 -6.29 -4.27 9.56
CA ILE E 223 -5.11 -3.46 9.43
C ILE E 223 -5.26 -2.43 8.32
N THR E 224 -6.00 -2.77 7.26
CA THR E 224 -6.11 -1.88 6.13
C THR E 224 -7.14 -0.73 6.30
N TYR E 225 -8.04 -0.84 7.26
CA TYR E 225 -9.01 0.23 7.55
C TYR E 225 -8.33 1.58 7.90
N PRO E 226 -8.68 2.62 7.18
CA PRO E 226 -7.94 3.86 7.46
C PRO E 226 -8.27 4.58 8.76
N TRP E 227 -9.44 4.37 9.33
CA TRP E 227 -9.73 4.94 10.64
C TRP E 227 -8.98 4.22 11.75
N PHE E 228 -8.17 3.21 11.42
CA PHE E 228 -7.34 2.61 12.46
C PHE E 228 -5.90 2.94 12.22
N GLN E 229 -5.60 3.84 11.32
CA GLN E 229 -4.20 4.06 11.08
C GLN E 229 -3.51 4.58 12.35
N ASN E 230 -4.23 5.35 13.17
CA ASN E 230 -3.66 5.86 14.45
C ASN E 230 -4.07 5.14 15.74
N SER E 231 -4.76 4.02 15.62
CA SER E 231 -4.99 3.16 16.76
C SER E 231 -3.90 2.16 16.86
N SER E 232 -3.38 1.91 18.05
CA SER E 232 -2.31 0.93 18.15
C SER E 232 -2.87 -0.50 18.09
N VAL E 233 -2.19 -1.35 17.35
CA VAL E 233 -2.64 -2.71 17.13
C VAL E 233 -1.73 -3.69 17.86
N ILE E 234 -2.31 -4.49 18.73
CA ILE E 234 -1.53 -5.50 19.41
C ILE E 234 -2.09 -6.86 19.01
N LEU E 235 -1.23 -7.69 18.44
CA LEU E 235 -1.64 -9.03 18.02
C LEU E 235 -1.28 -10.06 19.08
N PHE E 236 -2.29 -10.59 19.77
CA PHE E 236 -2.04 -11.54 20.83
C PHE E 236 -2.23 -12.89 20.23
N LEU E 237 -1.13 -13.61 20.11
CA LEU E 237 -1.24 -15.01 19.68
C LEU E 237 -1.51 -15.87 20.93
N ASN E 238 -2.80 -16.14 21.10
CA ASN E 238 -3.33 -16.74 22.32
C ASN E 238 -3.33 -18.28 22.24
N LYS E 239 -3.73 -18.92 23.31
CA LYS E 239 -3.75 -20.39 23.43
C LYS E 239 -2.40 -21.08 23.14
N LYS E 240 -1.32 -20.49 23.63
CA LYS E 240 0.02 -21.01 23.35
C LYS E 240 0.27 -22.32 24.11
N ASP E 241 -0.47 -22.49 25.19
CA ASP E 241 -0.42 -23.71 26.02
C ASP E 241 -1.03 -24.88 25.26
N LEU E 242 -2.18 -24.66 24.66
CA LEU E 242 -2.77 -25.71 23.80
C LEU E 242 -1.89 -26.02 22.59
N LEU E 243 -1.14 -25.05 22.10
CA LEU E 243 -0.23 -25.31 21.00
C LEU E 243 0.87 -26.28 21.40
N GLU E 244 1.46 -26.06 22.58
CA GLU E 244 2.49 -26.94 23.16
C GLU E 244 2.08 -28.42 23.10
N GLU E 245 0.83 -28.71 23.42
CA GLU E 245 0.33 -30.07 23.39
C GLU E 245 0.14 -30.47 21.92
N LYS E 246 -0.75 -29.78 21.26
CA LYS E 246 -1.26 -30.18 19.95
C LYS E 246 -0.19 -30.38 18.87
N ILE E 247 0.85 -29.53 18.88
CA ILE E 247 1.89 -29.55 17.87
C ILE E 247 2.65 -30.88 17.83
N MET E 248 2.46 -31.69 18.86
CA MET E 248 3.20 -32.96 18.93
C MET E 248 2.49 -34.03 18.12
N TYR E 249 1.27 -33.72 17.67
CA TYR E 249 0.37 -34.70 17.05
C TYR E 249 -0.29 -34.25 15.77
N SER E 250 -0.31 -32.95 15.53
CA SER E 250 -0.97 -32.38 14.37
C SER E 250 0.05 -31.44 13.76
N HIS E 251 0.54 -31.77 12.57
CA HIS E 251 1.65 -30.98 11.98
C HIS E 251 1.20 -29.73 11.23
N LEU E 252 1.86 -28.64 11.52
CA LEU E 252 1.49 -27.35 10.92
C LEU E 252 1.60 -27.42 9.41
N VAL E 253 2.56 -28.20 8.92
CA VAL E 253 2.82 -28.25 7.50
C VAL E 253 1.63 -28.86 6.74
N ASP E 254 0.82 -29.65 7.41
CA ASP E 254 -0.31 -30.32 6.72
C ASP E 254 -1.45 -29.32 6.46
N TYR E 255 -1.33 -28.11 6.97
CA TYR E 255 -2.36 -27.08 6.83
C TYR E 255 -1.80 -25.80 6.23
N PHE E 256 -0.51 -25.54 6.43
CA PHE E 256 0.18 -24.40 5.86
C PHE E 256 1.49 -24.92 5.25
N PRO E 257 1.41 -25.38 4.00
CA PRO E 257 2.55 -26.10 3.40
C PRO E 257 3.80 -25.23 3.23
N GLU E 258 3.71 -23.94 3.43
CA GLU E 258 4.90 -23.11 3.34
C GLU E 258 5.77 -23.23 4.57
N TYR E 259 5.24 -23.81 5.65
CA TYR E 259 6.02 -23.94 6.89
C TYR E 259 7.08 -24.99 6.70
N ASP E 260 8.33 -24.54 6.78
CA ASP E 260 9.46 -25.41 6.53
C ASP E 260 10.36 -25.57 7.76
N GLY E 261 9.88 -25.20 8.94
CA GLY E 261 10.61 -25.46 10.16
C GLY E 261 10.42 -26.86 10.73
N PRO E 262 11.09 -27.15 11.85
CA PRO E 262 10.98 -28.46 12.47
C PRO E 262 9.57 -28.84 12.87
N GLN E 263 9.29 -30.15 12.81
CA GLN E 263 8.06 -30.73 13.34
C GLN E 263 8.15 -30.86 14.84
N ARG E 264 6.98 -30.92 15.48
CA ARG E 264 6.90 -31.10 16.93
C ARG E 264 7.68 -30.03 17.72
N ASP E 265 7.66 -28.81 17.20
CA ASP E 265 8.38 -27.70 17.75
C ASP E 265 7.44 -26.46 17.83
N ALA E 266 6.94 -26.17 19.04
CA ALA E 266 5.88 -25.16 19.26
C ALA E 266 6.40 -23.76 19.01
N GLN E 267 7.64 -23.57 19.39
CA GLN E 267 8.27 -22.31 19.30
C GLN E 267 8.56 -21.96 17.82
N ALA E 268 9.02 -22.93 17.04
CA ALA E 268 9.21 -22.63 15.63
C ALA E 268 7.87 -22.39 14.94
N ALA E 269 6.85 -23.15 15.33
CA ALA E 269 5.50 -23.02 14.78
C ALA E 269 4.85 -21.65 15.06
N ARG E 270 4.96 -21.19 16.29
CA ARG E 270 4.34 -19.91 16.59
C ARG E 270 5.11 -18.73 15.96
N GLU E 271 6.43 -18.87 15.76
CA GLU E 271 7.23 -17.82 15.10
C GLU E 271 6.82 -17.71 13.65
N PHE E 272 6.62 -18.86 13.04
CA PHE E 272 6.13 -18.86 11.67
C PHE E 272 4.75 -18.24 11.59
N ILE E 273 3.85 -18.61 12.49
CA ILE E 273 2.50 -18.06 12.45
C ILE E 273 2.55 -16.54 12.62
N LEU E 274 3.29 -16.08 13.61
CA LEU E 274 3.50 -14.66 13.80
C LEU E 274 3.87 -13.98 12.45
N LYS E 275 4.94 -14.49 11.85
CA LYS E 275 5.44 -13.99 10.58
C LYS E 275 4.38 -13.99 9.47
N MET E 276 3.52 -15.01 9.40
CA MET E 276 2.42 -15.02 8.41
C MET E 276 1.54 -13.81 8.61
N PHE E 277 1.22 -13.50 9.86
CA PHE E 277 0.31 -12.40 10.13
C PHE E 277 0.96 -11.02 9.79
N VAL E 278 2.16 -10.83 10.28
CA VAL E 278 2.95 -9.66 9.95
C VAL E 278 3.13 -9.50 8.43
N ASP E 279 3.21 -10.62 7.69
CA ASP E 279 3.47 -10.48 6.24
C ASP E 279 2.24 -10.12 5.41
N LEU E 280 1.06 -10.01 6.03
CA LEU E 280 -0.20 -9.82 5.29
C LEU E 280 -0.38 -8.42 4.67
N ASN E 281 0.22 -7.40 5.28
CA ASN E 281 0.22 -6.07 4.67
C ASN E 281 1.62 -5.52 4.41
N PRO E 282 2.30 -6.13 3.41
CA PRO E 282 3.66 -5.69 3.01
C PRO E 282 3.84 -4.17 2.79
N ASP E 283 2.79 -3.49 2.34
CA ASP E 283 2.83 -2.04 1.99
C ASP E 283 2.55 -1.04 3.08
N SER E 284 1.87 -1.47 4.12
CA SER E 284 1.62 -0.68 5.31
C SER E 284 2.90 -0.58 6.12
N ASP E 285 3.12 0.55 6.78
CA ASP E 285 4.29 0.73 7.64
C ASP E 285 3.92 0.69 9.12
N LYS E 286 2.64 0.48 9.34
CA LYS E 286 2.05 0.51 10.63
C LYS E 286 2.61 -0.61 11.51
N ILE E 287 2.97 -0.23 12.75
CA ILE E 287 3.47 -1.16 13.73
C ILE E 287 2.40 -2.16 14.21
N ILE E 288 2.82 -3.42 14.30
CA ILE E 288 2.11 -4.43 15.08
C ILE E 288 2.94 -4.78 16.35
N TYR E 289 2.33 -4.60 17.52
CA TYR E 289 2.93 -5.07 18.75
C TYR E 289 2.35 -6.47 19.00
N SER E 290 3.20 -7.49 19.11
CA SER E 290 2.72 -8.86 19.38
C SER E 290 3.22 -9.42 20.68
N HIS E 291 2.50 -10.44 21.15
CA HIS E 291 2.85 -11.22 22.33
C HIS E 291 2.17 -12.57 22.31
N PHE E 292 2.85 -13.60 22.81
CA PHE E 292 2.25 -14.92 22.89
C PHE E 292 1.55 -14.98 24.25
N THR E 293 0.32 -15.46 24.30
CA THR E 293 -0.46 -15.38 25.52
C THR E 293 -1.12 -16.72 25.85
N CYS E 294 -1.42 -16.87 27.15
CA CYS E 294 -2.32 -17.88 27.60
C CYS E 294 -3.37 -17.15 28.39
N ALA E 295 -4.56 -17.05 27.82
CA ALA E 295 -5.60 -16.15 28.36
C ALA E 295 -6.16 -16.62 29.69
N THR E 296 -5.97 -17.89 29.97
CA THR E 296 -6.45 -18.51 31.21
C THR E 296 -5.42 -18.39 32.33
N ASP E 297 -4.22 -17.94 31.99
CA ASP E 297 -3.11 -17.78 32.94
C ASP E 297 -3.10 -16.36 33.42
N THR E 298 -3.64 -16.14 34.60
CA THR E 298 -3.65 -14.79 35.18
C THR E 298 -2.31 -14.05 35.25
N GLU E 299 -1.22 -14.75 35.59
CA GLU E 299 0.11 -14.11 35.65
C GLU E 299 0.58 -13.68 34.28
N ASN E 300 0.33 -14.52 33.29
CA ASN E 300 0.66 -14.16 31.93
C ASN E 300 -0.09 -12.87 31.50
N ILE E 301 -1.38 -12.80 31.80
CA ILE E 301 -2.20 -11.68 31.33
C ILE E 301 -1.86 -10.44 32.13
N ARG E 302 -1.54 -10.61 33.42
CA ARG E 302 -1.17 -9.47 34.27
C ARG E 302 -0.02 -8.69 33.64
N PHE E 303 0.94 -9.41 33.09
CA PHE E 303 2.03 -8.72 32.40
C PHE E 303 1.57 -7.96 31.14
N VAL E 304 0.76 -8.64 30.38
CA VAL E 304 0.27 -8.10 29.14
C VAL E 304 -0.51 -6.78 29.39
N PHE E 305 -1.35 -6.71 30.42
CA PHE E 305 -2.07 -5.46 30.69
C PHE E 305 -1.16 -4.34 31.17
N ALA E 306 -0.21 -4.66 32.01
CA ALA E 306 0.76 -3.69 32.47
C ALA E 306 1.50 -3.07 31.28
N ALA E 307 1.97 -3.90 30.35
CA ALA E 307 2.78 -3.40 29.24
C ALA E 307 1.96 -2.51 28.33
N VAL E 308 0.71 -2.87 28.12
CA VAL E 308 -0.15 -2.10 27.25
C VAL E 308 -0.35 -0.73 27.83
N LYS E 309 -0.61 -0.70 29.13
CA LYS E 309 -0.91 0.54 29.81
C LYS E 309 0.31 1.44 30.01
N ASP E 310 1.41 0.85 30.42
CA ASP E 310 2.54 1.65 30.84
C ASP E 310 3.38 2.09 29.67
N THR E 311 3.29 1.35 28.57
CA THR E 311 4.20 1.52 27.45
C THR E 311 3.46 1.86 26.19
N ILE E 312 2.46 1.08 25.84
CA ILE E 312 1.85 1.26 24.54
C ILE E 312 0.92 2.43 24.50
N LEU E 313 0.16 2.63 25.56
CA LEU E 313 -0.72 3.78 25.63
C LEU E 313 -0.10 4.93 26.39
N GLN E 314 1.21 5.11 26.31
CA GLN E 314 1.80 6.29 26.89
C GLN E 314 2.99 6.78 26.09
N SER F 1 -47.09 -5.55 60.33
CA SER F 1 -47.23 -5.85 58.89
C SER F 1 -45.86 -5.96 58.34
N MET F 2 -45.64 -6.86 57.41
CA MET F 2 -44.32 -6.99 56.82
C MET F 2 -44.38 -6.24 55.49
N LEU F 3 -43.39 -5.40 55.21
CA LEU F 3 -43.35 -4.63 53.96
C LEU F 3 -42.54 -5.27 52.84
N LYS F 4 -43.11 -5.34 51.63
CA LYS F 4 -42.34 -5.65 50.41
C LYS F 4 -42.61 -4.64 49.36
N ARG F 5 -41.72 -4.53 48.43
CA ARG F 5 -41.82 -3.48 47.42
C ARG F 5 -42.20 -4.04 46.08
N LEU F 6 -43.30 -3.52 45.52
CA LEU F 6 -43.83 -4.08 44.29
C LEU F 6 -42.73 -4.29 43.28
N SER F 7 -41.91 -3.28 43.05
CA SER F 7 -40.92 -3.38 42.01
C SER F 7 -39.83 -4.41 42.35
N THR F 8 -39.42 -4.45 43.60
CA THR F 8 -38.48 -5.48 44.02
C THR F 8 -38.96 -6.90 43.76
N GLU F 9 -40.24 -7.17 43.99
CA GLU F 9 -40.81 -8.50 43.72
C GLU F 9 -40.86 -8.87 42.23
N GLU F 10 -41.32 -7.91 41.42
CA GLU F 10 -41.35 -8.10 39.98
C GLU F 10 -39.95 -8.45 39.46
N ALA F 11 -39.00 -7.57 39.76
CA ALA F 11 -37.61 -7.77 39.35
C ALA F 11 -36.94 -9.06 39.88
N THR F 12 -37.27 -9.45 41.10
CA THR F 12 -36.71 -10.70 41.64
C THR F 12 -37.20 -11.92 40.84
N ARG F 13 -38.47 -11.88 40.48
CA ARG F 13 -39.07 -12.92 39.70
C ARG F 13 -38.27 -13.10 38.42
N TRP F 14 -37.94 -11.99 37.74
CA TRP F 14 -37.14 -12.04 36.50
C TRP F 14 -35.80 -12.76 36.68
N ALA F 15 -35.24 -12.72 37.88
CA ALA F 15 -33.95 -13.43 38.12
C ALA F 15 -34.10 -14.90 38.51
N ASP F 16 -35.32 -15.42 38.58
CA ASP F 16 -35.51 -16.83 39.00
C ASP F 16 -34.91 -17.69 37.93
N SER F 17 -35.22 -17.34 36.69
CA SER F 17 -34.69 -18.01 35.51
C SER F 17 -35.13 -17.25 34.29
N PHE F 18 -34.46 -17.55 33.18
CA PHE F 18 -34.72 -16.90 31.91
C PHE F 18 -36.11 -17.17 31.34
N ASP F 19 -36.61 -18.40 31.48
CA ASP F 19 -37.96 -18.64 31.00
C ASP F 19 -38.98 -17.89 31.82
N VAL F 20 -38.71 -17.70 33.12
CA VAL F 20 -39.60 -16.90 33.95
C VAL F 20 -39.59 -15.47 33.43
N LEU F 21 -38.41 -14.91 33.23
CA LEU F 21 -38.36 -13.58 32.59
C LEU F 21 -39.16 -13.46 31.26
N LEU F 22 -39.05 -14.45 30.38
CA LEU F 22 -39.83 -14.47 29.12
C LEU F 22 -41.35 -14.55 29.26
N SER F 23 -41.84 -14.96 30.41
CA SER F 23 -43.28 -14.94 30.61
C SER F 23 -43.74 -13.64 31.30
N HIS F 24 -42.85 -12.69 31.53
CA HIS F 24 -43.25 -11.43 32.16
C HIS F 24 -43.19 -10.34 31.10
N LYS F 25 -44.32 -9.83 30.66
CA LYS F 25 -44.35 -8.93 29.49
C LYS F 25 -43.43 -7.70 29.65
N TYR F 26 -43.40 -7.14 30.84
CA TYR F 26 -42.49 -6.04 31.15
C TYR F 26 -41.03 -6.48 31.26
N GLY F 27 -40.82 -7.69 31.77
CA GLY F 27 -39.52 -8.38 31.70
C GLY F 27 -39.00 -8.41 30.26
N VAL F 28 -39.80 -8.93 29.36
CA VAL F 28 -39.42 -8.98 27.94
C VAL F 28 -39.02 -7.61 27.39
N ALA F 29 -39.80 -6.61 27.72
CA ALA F 29 -39.57 -5.26 27.25
C ALA F 29 -38.26 -4.70 27.82
N ALA F 30 -38.01 -4.86 29.11
CA ALA F 30 -36.75 -4.39 29.73
C ALA F 30 -35.54 -5.07 29.10
N PHE F 31 -35.70 -6.37 28.91
CA PHE F 31 -34.68 -7.18 28.28
C PHE F 31 -34.41 -6.76 26.82
N ARG F 32 -35.48 -6.55 26.07
CA ARG F 32 -35.32 -6.15 24.66
C ARG F 32 -34.59 -4.82 24.58
N ALA F 33 -34.90 -3.93 25.48
CA ALA F 33 -34.23 -2.62 25.47
C ALA F 33 -32.74 -2.86 25.68
N PHE F 34 -32.45 -3.78 26.57
CA PHE F 34 -31.07 -4.08 26.91
C PHE F 34 -30.32 -4.68 25.70
N LEU F 35 -30.95 -5.65 25.04
CA LEU F 35 -30.39 -6.23 23.82
C LEU F 35 -30.06 -5.19 22.78
N LYS F 36 -30.94 -4.24 22.60
CA LYS F 36 -30.62 -3.20 21.64
C LYS F 36 -29.34 -2.45 21.95
N THR F 37 -29.05 -2.20 23.22
CA THR F 37 -27.80 -1.48 23.56
C THR F 37 -26.60 -2.38 23.31
N GLU F 38 -26.85 -3.70 23.30
CA GLU F 38 -25.79 -4.68 23.01
C GLU F 38 -25.81 -5.12 21.53
N PHE F 39 -26.72 -4.57 20.76
CA PHE F 39 -26.89 -4.90 19.35
C PHE F 39 -27.03 -6.41 19.16
N SER F 40 -27.86 -7.03 19.95
CA SER F 40 -28.06 -8.46 19.83
C SER F 40 -29.53 -8.82 19.89
N GLU F 41 -30.41 -7.84 19.61
CA GLU F 41 -31.88 -8.00 19.71
C GLU F 41 -32.53 -8.94 18.70
N GLU F 42 -31.79 -9.33 17.67
CA GLU F 42 -32.31 -10.22 16.65
C GLU F 42 -32.58 -11.57 17.26
N ASN F 43 -31.81 -11.88 18.28
CA ASN F 43 -32.02 -13.11 19.02
C ASN F 43 -33.40 -13.20 19.62
N LEU F 44 -33.88 -12.10 20.17
CA LEU F 44 -35.16 -12.10 20.78
C LEU F 44 -36.22 -12.03 19.73
N GLU F 45 -35.97 -11.26 18.68
CA GLU F 45 -36.96 -11.11 17.60
C GLU F 45 -37.19 -12.47 16.96
N PHE F 46 -36.11 -13.17 16.64
CA PHE F 46 -36.19 -14.50 16.03
C PHE F 46 -36.94 -15.50 16.91
N TRP F 47 -36.59 -15.55 18.20
CA TRP F 47 -37.29 -16.41 19.18
C TRP F 47 -38.82 -16.20 19.21
N LEU F 48 -39.20 -14.94 19.40
CA LEU F 48 -40.60 -14.54 19.32
C LEU F 48 -41.26 -14.88 17.99
N ALA F 49 -40.57 -14.67 16.87
CA ALA F 49 -41.13 -15.03 15.57
C ALA F 49 -41.38 -16.54 15.45
N CYS F 50 -40.49 -17.34 16.08
CA CYS F 50 -40.69 -18.78 16.20
C CYS F 50 -41.88 -19.20 17.08
N GLU F 51 -42.04 -18.58 18.25
CA GLU F 51 -43.17 -18.93 19.11
C GLU F 51 -44.46 -18.68 18.35
N GLU F 52 -44.49 -17.58 17.61
CA GLU F 52 -45.63 -17.19 16.82
C GLU F 52 -45.83 -18.14 15.64
N PHE F 53 -44.76 -18.47 14.95
CA PHE F 53 -44.83 -19.43 13.86
C PHE F 53 -45.48 -20.75 14.30
N LYS F 54 -45.30 -21.11 15.57
CA LYS F 54 -45.91 -22.33 16.13
C LYS F 54 -47.43 -22.26 16.31
N LYS F 55 -48.00 -21.06 16.27
CA LYS F 55 -49.44 -20.88 16.45
C LYS F 55 -50.21 -20.99 15.12
N THR F 56 -49.50 -21.10 14.01
CA THR F 56 -50.12 -21.12 12.69
C THR F 56 -50.90 -22.41 12.43
N ARG F 57 -52.13 -22.26 11.95
CA ARG F 57 -53.01 -23.40 11.62
C ARG F 57 -53.10 -23.64 10.12
N SER F 58 -53.15 -22.56 9.36
CA SER F 58 -53.19 -22.65 7.90
C SER F 58 -51.91 -23.21 7.29
N THR F 59 -52.07 -24.15 6.36
CA THR F 59 -50.93 -24.70 5.62
C THR F 59 -50.20 -23.68 4.75
N ALA F 60 -50.88 -23.13 3.77
CA ALA F 60 -50.25 -22.24 2.78
C ALA F 60 -49.47 -21.10 3.45
N LYS F 61 -50.00 -20.58 4.56
CA LYS F 61 -49.27 -19.56 5.32
C LYS F 61 -48.12 -20.11 6.19
N LEU F 62 -48.31 -21.29 6.75
CA LEU F 62 -47.20 -21.98 7.40
C LEU F 62 -46.03 -22.02 6.41
N VAL F 63 -46.34 -22.25 5.13
CA VAL F 63 -45.31 -22.38 4.09
C VAL F 63 -44.56 -21.09 3.83
N SER F 64 -45.28 -20.00 3.58
CA SER F 64 -44.63 -18.79 3.15
C SER F 64 -43.94 -18.16 4.36
N LYS F 65 -44.59 -18.29 5.52
CA LYS F 65 -44.02 -17.79 6.75
C LYS F 65 -42.69 -18.46 7.08
N ALA F 66 -42.55 -19.75 6.81
CA ALA F 66 -41.25 -20.38 6.99
C ALA F 66 -40.22 -19.67 6.13
N HIS F 67 -40.57 -19.40 4.87
CA HIS F 67 -39.65 -18.72 3.97
C HIS F 67 -39.27 -17.32 4.44
N ARG F 68 -40.24 -16.54 4.89
CA ARG F 68 -39.97 -15.17 5.32
C ARG F 68 -39.04 -15.14 6.51
N ILE F 69 -39.24 -16.07 7.44
CA ILE F 69 -38.47 -16.18 8.68
C ILE F 69 -37.05 -16.66 8.38
N PHE F 70 -36.95 -17.61 7.48
CA PHE F 70 -35.65 -18.10 7.06
C PHE F 70 -34.82 -17.03 6.41
N GLU F 71 -35.38 -16.41 5.38
CA GLU F 71 -34.69 -15.33 4.66
C GLU F 71 -34.32 -14.16 5.58
N GLU F 72 -35.13 -13.96 6.62
CA GLU F 72 -34.96 -12.83 7.51
C GLU F 72 -33.90 -13.06 8.58
N PHE F 73 -33.89 -14.26 9.18
CA PHE F 73 -33.02 -14.51 10.35
C PHE F 73 -31.94 -15.58 10.22
N VAL F 74 -32.13 -16.53 9.32
CA VAL F 74 -31.41 -17.80 9.40
C VAL F 74 -30.30 -17.91 8.37
N ASP F 75 -30.60 -17.50 7.14
CA ASP F 75 -29.68 -17.72 6.02
C ASP F 75 -28.43 -16.91 6.17
N VAL F 76 -27.37 -17.36 5.53
CA VAL F 76 -26.15 -16.59 5.44
C VAL F 76 -26.46 -15.26 4.73
N GLN F 77 -25.96 -14.15 5.27
CA GLN F 77 -26.29 -12.77 4.80
C GLN F 77 -27.70 -12.28 5.17
N ALA F 78 -28.48 -13.08 5.91
CA ALA F 78 -29.80 -12.65 6.29
C ALA F 78 -29.69 -11.31 7.03
N PRO F 79 -30.56 -10.35 6.71
CA PRO F 79 -30.49 -9.02 7.33
C PRO F 79 -30.39 -9.04 8.82
N ARG F 80 -31.04 -10.01 9.46
CA ARG F 80 -30.97 -10.11 10.92
C ARG F 80 -30.42 -11.48 11.39
N GLU F 81 -29.38 -11.92 10.70
CA GLU F 81 -28.78 -13.25 10.84
C GLU F 81 -28.38 -13.59 12.27
N VAL F 82 -28.87 -14.73 12.73
CA VAL F 82 -28.55 -15.17 14.09
C VAL F 82 -27.27 -16.00 14.12
N ASN F 83 -26.60 -15.96 15.26
CA ASN F 83 -25.38 -16.70 15.48
C ASN F 83 -25.63 -18.22 15.69
N ILE F 84 -25.60 -19.00 14.61
CA ILE F 84 -25.75 -20.43 14.75
C ILE F 84 -24.73 -21.16 13.91
N ASP F 85 -24.49 -22.42 14.25
CA ASP F 85 -23.51 -23.25 13.57
C ASP F 85 -24.03 -23.78 12.23
N PHE F 86 -23.10 -24.12 11.35
CA PHE F 86 -23.42 -24.62 10.03
C PHE F 86 -24.50 -25.73 10.00
N GLN F 87 -24.35 -26.75 10.84
CA GLN F 87 -25.23 -27.91 10.82
C GLN F 87 -26.65 -27.58 11.25
N THR F 88 -26.80 -26.63 12.18
CA THR F 88 -28.11 -26.15 12.57
C THR F 88 -28.71 -25.35 11.41
N ARG F 89 -27.91 -24.53 10.76
CA ARG F 89 -28.40 -23.80 9.60
C ARG F 89 -28.88 -24.74 8.49
N GLU F 90 -28.07 -25.76 8.19
CA GLU F 90 -28.39 -26.69 7.13
C GLU F 90 -29.56 -27.62 7.45
N ALA F 91 -29.67 -28.04 8.70
CA ALA F 91 -30.83 -28.85 9.11
C ALA F 91 -32.14 -28.08 8.87
N THR F 92 -32.13 -26.80 9.23
CA THR F 92 -33.26 -25.89 9.03
C THR F 92 -33.61 -25.71 7.56
N ARG F 93 -32.59 -25.52 6.71
CA ARG F 93 -32.79 -25.44 5.26
C ARG F 93 -33.49 -26.71 4.73
N LYS F 94 -33.02 -27.89 5.13
CA LYS F 94 -33.74 -29.15 4.78
C LYS F 94 -35.21 -29.14 5.21
N ASN F 95 -35.47 -28.70 6.43
CA ASN F 95 -36.85 -28.61 6.95
C ASN F 95 -37.74 -27.69 6.13
N LEU F 96 -37.12 -26.67 5.54
CA LEU F 96 -37.80 -25.65 4.74
C LEU F 96 -38.41 -26.22 3.48
N GLN F 97 -37.80 -27.29 2.98
CA GLN F 97 -38.29 -27.99 1.80
C GLN F 97 -39.62 -28.63 2.09
N GLU F 98 -39.76 -29.19 3.28
CA GLU F 98 -40.98 -29.88 3.71
C GLU F 98 -41.56 -29.28 5.01
N PRO F 99 -41.86 -27.96 4.98
CA PRO F 99 -42.04 -27.18 6.21
C PRO F 99 -43.13 -27.68 7.13
N SER F 100 -42.92 -27.54 8.43
CA SER F 100 -43.91 -27.96 9.42
C SER F 100 -43.78 -27.15 10.71
N LEU F 101 -44.56 -27.54 11.72
CA LEU F 101 -44.54 -26.87 13.04
C LEU F 101 -43.17 -26.85 13.79
N THR F 102 -42.34 -27.85 13.51
CA THR F 102 -41.08 -28.04 14.23
C THR F 102 -39.88 -27.69 13.36
N CYS F 103 -40.08 -26.88 12.34
CA CYS F 103 -39.06 -26.52 11.36
C CYS F 103 -37.85 -25.78 11.94
N PHE F 104 -38.11 -24.91 12.92
CA PHE F 104 -37.09 -24.05 13.54
C PHE F 104 -36.77 -24.47 14.94
N ASP F 105 -37.20 -25.66 15.31
CA ASP F 105 -37.00 -26.08 16.68
C ASP F 105 -35.53 -26.00 17.04
N GLN F 106 -34.69 -26.68 16.27
CA GLN F 106 -33.27 -26.72 16.60
C GLN F 106 -32.63 -25.34 16.72
N ALA F 107 -32.89 -24.50 15.72
CA ALA F 107 -32.34 -23.14 15.62
C ALA F 107 -32.83 -22.23 16.74
N GLN F 108 -34.11 -22.37 17.07
CA GLN F 108 -34.70 -21.60 18.14
C GLN F 108 -34.02 -21.95 19.45
N GLY F 109 -33.78 -23.24 19.68
CA GLY F 109 -33.03 -23.75 20.85
C GLY F 109 -31.63 -23.18 21.01
N LYS F 110 -30.87 -23.17 19.94
CA LYS F 110 -29.54 -22.56 19.97
C LYS F 110 -29.63 -21.09 20.31
N VAL F 111 -30.60 -20.40 19.72
CA VAL F 111 -30.73 -18.98 20.06
C VAL F 111 -31.23 -18.74 21.51
N HIS F 112 -32.19 -19.55 21.95
CA HIS F 112 -32.69 -19.44 23.28
C HIS F 112 -31.48 -19.51 24.19
N SER F 113 -30.62 -20.44 23.86
CA SER F 113 -29.48 -20.74 24.72
C SER F 113 -28.46 -19.62 24.70
N LEU F 114 -28.17 -19.12 23.54
CA LEU F 114 -27.26 -18.00 23.40
C LEU F 114 -27.66 -16.85 24.35
N MET F 115 -28.95 -16.48 24.33
CA MET F 115 -29.48 -15.44 25.20
C MET F 115 -29.33 -15.76 26.69
N GLU F 116 -29.66 -16.98 27.07
CA GLU F 116 -29.76 -17.28 28.48
C GLU F 116 -28.41 -17.36 29.18
N LYS F 117 -27.41 -17.85 28.49
CA LYS F 117 -26.10 -17.99 29.11
C LYS F 117 -25.26 -16.70 29.00
N ASP F 118 -25.58 -15.87 28.00
CA ASP F 118 -24.78 -14.65 27.75
C ASP F 118 -25.43 -13.34 28.21
N SER F 119 -26.45 -12.93 27.47
CA SER F 119 -27.14 -11.67 27.64
C SER F 119 -27.92 -11.52 28.96
N TYR F 120 -28.67 -12.55 29.30
CA TYR F 120 -29.52 -12.56 30.48
C TYR F 120 -28.71 -12.38 31.76
N PRO F 121 -27.62 -13.14 31.96
CA PRO F 121 -26.82 -12.79 33.17
C PRO F 121 -26.30 -11.34 33.20
N ARG F 122 -25.82 -10.80 32.08
CA ARG F 122 -25.41 -9.37 32.13
C ARG F 122 -26.59 -8.46 32.46
N PHE F 123 -27.75 -8.85 31.96
CA PHE F 123 -28.90 -8.02 32.13
C PHE F 123 -29.23 -7.88 33.62
N LEU F 124 -29.24 -9.02 34.29
CA LEU F 124 -29.38 -9.08 35.74
C LEU F 124 -28.34 -8.26 36.51
N ARG F 125 -27.22 -7.92 35.88
CA ARG F 125 -26.19 -7.03 36.45
C ARG F 125 -26.22 -5.58 35.90
N SER F 126 -27.21 -5.27 35.06
CA SER F 126 -27.33 -3.92 34.46
C SER F 126 -27.92 -2.85 35.37
N LYS F 127 -27.59 -1.61 35.09
CA LYS F 127 -28.02 -0.56 35.96
C LYS F 127 -29.56 -0.44 35.99
N MET F 128 -30.22 -0.51 34.84
CA MET F 128 -31.69 -0.36 34.77
C MET F 128 -32.36 -1.40 35.58
N TYR F 129 -31.83 -2.61 35.49
CA TYR F 129 -32.31 -3.71 36.33
C TYR F 129 -32.05 -3.57 37.84
N LEU F 130 -30.79 -3.39 38.24
CA LEU F 130 -30.42 -3.17 39.65
C LEU F 130 -31.15 -1.99 40.28
N ASP F 131 -31.43 -0.95 39.50
CA ASP F 131 -32.26 0.17 39.95
C ASP F 131 -33.65 -0.26 40.36
N LEU F 132 -34.27 -1.16 39.60
CA LEU F 132 -35.54 -1.78 40.01
C LEU F 132 -35.48 -2.39 41.40
N LEU F 133 -34.33 -2.96 41.76
CA LEU F 133 -34.18 -3.73 43.00
C LEU F 133 -34.08 -2.97 44.34
N SER F 134 -33.41 -1.83 44.39
CA SER F 134 -33.16 -1.17 45.70
C SER F 134 -34.04 0.06 45.99
#